data_8RKC
#
_entry.id   8RKC
#
_cell.length_a   1.00
_cell.length_b   1.00
_cell.length_c   1.00
_cell.angle_alpha   90.00
_cell.angle_beta   90.00
_cell.angle_gamma   90.00
#
_symmetry.space_group_name_H-M   'P 1'
#
loop_
_entity.id
_entity.type
_entity.pdbx_description
1 polymer 'Mu-like prophage FluMu N-terminal domain-containing protein'
2 polymer 'Bacteriophage Mu GpT domain-containing protein'
#
loop_
_entity_poly.entity_id
_entity_poly.type
_entity_poly.pdbx_seq_one_letter_code
_entity_poly.pdbx_strand_id
1 'polypeptide(L)'
;MARQNSAAKTTAKSKTDPATEKPKDDTLPDSTDDASPTAPETPATKPDSASDEVEGVFVRATVERRCRAGFCFDKEGQGF
ADGVLSDEQLEALESDPLLKVERCTFSGNQEGE
;
B,H,I,L,M,K,J
2 'polypeptide(L)'
;MAIITPALISALKTSFQKHFQDALATAPSTYLQVATVIPSTTASNTYGWLGQFPKLREWIGQRVIKDMAAQGYQITNKLF
ESTVGVKRTDIEDDNLGVYGPLMQEMGRAAGAHPDELVFALLKAGNANLCYDGQNFFDTDHPVYPNVDGTGTATTVSNLF
APAADPGAAWYLLDTSRSLKPLIYQERMKPSFTSMTKEDDEQVFMADEYRYGVRSRCNVGFGFWQLAAMSTEELNQVNFE
KVYDAMRNQKADGGRPLDIRPNLLVVPTTLRSKAKEVVGVQRLANGADNPNFELVQVLDTAWLN
;
A,N,C,D,E,F,G
#
# COMPACT_ATOMS: atom_id res chain seq x y z
N GLU A 53 -11.91 5.55 86.52
CA GLU A 53 -10.92 4.59 86.97
C GLU A 53 -10.11 4.06 85.78
N VAL A 54 -8.86 4.51 85.66
CA VAL A 54 -7.98 4.05 84.59
C VAL A 54 -7.53 2.64 84.94
N GLU A 55 -7.99 1.67 84.14
CA GLU A 55 -7.68 0.27 84.43
C GLU A 55 -6.18 0.02 84.41
N GLY A 56 -5.48 0.60 83.44
CA GLY A 56 -4.04 0.47 83.37
C GLY A 56 -3.40 1.56 82.54
N VAL A 57 -2.39 2.21 83.10
CA VAL A 57 -1.67 3.24 82.36
C VAL A 57 -0.55 2.65 81.52
N PHE A 58 0.04 1.54 81.97
CA PHE A 58 1.08 0.86 81.20
C PHE A 58 2.25 1.81 80.91
N VAL A 59 2.57 2.63 81.90
CA VAL A 59 3.59 3.68 81.78
C VAL A 59 4.46 3.64 83.03
N ARG A 60 5.60 2.96 82.94
CA ARG A 60 6.63 3.08 83.98
C ARG A 60 7.95 2.66 83.35
N ALA A 61 8.77 3.65 82.98
CA ALA A 61 10.08 3.41 82.38
C ALA A 61 9.95 2.91 80.94
N THR A 62 8.73 2.61 80.49
CA THR A 62 8.50 2.23 79.11
C THR A 62 8.29 3.48 78.28
N VAL A 63 8.28 3.30 76.96
CA VAL A 63 8.14 4.43 76.04
C VAL A 63 7.52 3.92 74.74
N GLU A 64 6.61 4.70 74.19
CA GLU A 64 5.82 4.30 73.03
C GLU A 64 5.93 5.34 71.93
N ARG A 65 5.40 5.01 70.76
CA ARG A 65 5.47 5.89 69.59
C ARG A 65 4.32 6.89 69.63
N ARG A 66 4.66 8.18 69.60
CA ARG A 66 3.68 9.27 69.60
C ARG A 66 3.97 10.11 68.37
N CYS A 67 3.36 9.75 67.25
CA CYS A 67 3.64 10.40 65.97
C CYS A 67 3.06 11.81 65.98
N ARG A 68 3.92 12.81 66.08
CA ARG A 68 3.53 14.21 66.14
C ARG A 68 4.40 15.02 65.19
N ALA A 69 3.76 15.92 64.43
CA ALA A 69 4.47 16.83 63.54
C ALA A 69 5.33 16.08 62.53
N GLY A 70 4.90 14.89 62.12
CA GLY A 70 5.61 14.11 61.15
C GLY A 70 6.75 13.28 61.69
N PHE A 71 7.05 13.39 62.98
CA PHE A 71 8.10 12.61 63.63
C PHE A 71 7.50 11.88 64.83
N CYS A 72 7.83 10.60 64.96
CA CYS A 72 7.27 9.76 66.02
C CYS A 72 8.29 9.66 67.16
N PHE A 73 8.37 10.73 67.94
CA PHE A 73 9.19 10.72 69.13
C PHE A 73 8.59 9.81 70.19
N ASP A 74 9.39 9.48 71.19
CA ASP A 74 9.04 8.48 72.19
C ASP A 74 9.29 9.06 73.58
N LYS A 75 8.25 9.61 74.20
CA LYS A 75 8.38 10.14 75.56
C LYS A 75 7.06 10.66 76.11
N GLU A 76 7.08 11.16 77.34
CA GLU A 76 5.98 11.81 78.08
C GLU A 76 5.02 10.81 78.72
N GLY A 77 5.19 9.51 78.52
CA GLY A 77 4.39 8.53 79.25
C GLY A 77 2.89 8.70 79.10
N GLN A 78 2.42 8.94 77.88
CA GLN A 78 1.00 9.05 77.59
C GLN A 78 0.34 7.68 77.37
N GLY A 79 0.99 6.60 77.78
CA GLY A 79 0.42 5.27 77.56
C GLY A 79 -0.85 5.07 78.38
N PHE A 80 -1.80 4.36 77.79
CA PHE A 80 -3.06 4.05 78.44
C PHE A 80 -3.63 2.78 77.81
N ALA A 81 -4.62 2.18 78.49
CA ALA A 81 -5.25 0.96 78.00
C ALA A 81 -6.72 0.99 78.42
N ASP A 82 -7.57 1.43 77.51
CA ASP A 82 -9.01 1.47 77.76
C ASP A 82 -9.74 1.57 76.42
N GLY A 83 -11.04 1.30 76.46
CA GLY A 83 -11.87 1.38 75.28
C GLY A 83 -12.82 2.56 75.31
N VAL A 84 -12.33 3.72 75.77
CA VAL A 84 -13.18 4.89 75.91
C VAL A 84 -13.30 5.63 74.58
N LEU A 85 -12.16 6.08 74.04
CA LEU A 85 -12.16 6.88 72.83
C LEU A 85 -10.81 6.76 72.14
N SER A 86 -10.79 7.14 70.87
CA SER A 86 -9.57 7.09 70.06
C SER A 86 -8.95 5.70 70.07
N ASP A 87 -9.80 4.69 69.98
CA ASP A 87 -9.32 3.31 69.95
C ASP A 87 -8.45 3.06 68.72
N GLU A 88 -8.85 3.62 67.58
CA GLU A 88 -8.07 3.42 66.35
C GLU A 88 -6.67 4.00 66.48
N GLN A 89 -6.54 5.19 67.07
CA GLN A 89 -5.24 5.79 67.29
C GLN A 89 -4.57 5.28 68.56
N LEU A 90 -5.27 4.49 69.36
CA LEU A 90 -4.62 3.87 70.51
C LEU A 90 -3.55 2.88 70.07
N GLU A 91 -3.71 2.30 68.88
CA GLU A 91 -2.64 1.46 68.33
C GLU A 91 -1.38 2.28 68.08
N ALA A 92 -1.54 3.46 67.46
CA ALA A 92 -0.40 4.32 67.24
C ALA A 92 0.22 4.78 68.54
N LEU A 93 -0.62 5.14 69.52
CA LEU A 93 -0.11 5.60 70.81
C LEU A 93 0.65 4.49 71.53
N GLU A 94 0.14 3.26 71.51
CA GLU A 94 0.77 2.12 72.15
C GLU A 94 1.47 1.22 71.14
N SER A 95 2.02 1.80 70.07
CA SER A 95 2.63 0.99 69.02
C SER A 95 3.76 0.12 69.58
N ASP A 96 4.81 0.77 70.07
CA ASP A 96 6.04 0.08 70.49
C ASP A 96 6.44 0.51 71.89
N PRO A 97 5.98 -0.21 72.93
CA PRO A 97 6.50 0.04 74.27
C PRO A 97 7.94 -0.44 74.39
N LEU A 98 8.85 0.43 73.94
CA LEU A 98 10.25 0.04 73.74
C LEU A 98 10.89 -0.44 75.04
N LEU A 99 10.71 0.30 76.13
CA LEU A 99 11.36 -0.02 77.39
C LEU A 99 10.42 -0.80 78.32
N LYS A 100 10.98 -1.28 79.43
CA LYS A 100 10.23 -2.04 80.41
C LYS A 100 9.12 -1.18 81.01
N VAL A 101 8.06 -1.85 81.47
CA VAL A 101 6.83 -1.20 81.86
C VAL A 101 6.39 -1.68 83.24
N GLU A 102 5.54 -0.88 83.87
CA GLU A 102 4.86 -1.26 85.10
C GLU A 102 3.62 -0.39 85.22
N ARG A 103 2.45 -0.99 85.07
CA ARG A 103 1.21 -0.22 85.14
C ARG A 103 1.03 0.36 86.54
N CYS A 104 0.33 1.49 86.61
CA CYS A 104 -0.01 2.12 87.89
C CYS A 104 -1.31 2.89 87.67
N THR A 105 -2.42 2.30 88.11
CA THR A 105 -3.73 2.89 87.85
C THR A 105 -3.84 4.25 88.52
N PHE A 106 -4.20 5.26 87.72
CA PHE A 106 -4.40 6.60 88.24
C PHE A 106 -5.76 6.77 88.92
N SER A 107 -6.66 5.81 88.77
CA SER A 107 -7.98 5.88 89.38
C SER A 107 -8.71 7.17 89.00
N GLY A 108 -8.63 7.52 87.72
CA GLY A 108 -9.27 8.72 87.22
C GLY A 108 -10.52 8.42 86.41
N GLU B 53 -73.77 0.08 41.08
CA GLU B 53 -73.48 -0.63 42.33
C GLU B 53 -71.98 -0.74 42.56
N VAL B 54 -71.56 -0.50 43.80
CA VAL B 54 -70.16 -0.64 44.19
C VAL B 54 -69.96 -2.09 44.60
N GLU B 55 -69.32 -2.87 43.72
CA GLU B 55 -69.12 -4.29 44.01
C GLU B 55 -68.25 -4.49 45.24
N GLY B 56 -67.41 -3.53 45.58
CA GLY B 56 -66.58 -3.62 46.75
C GLY B 56 -65.85 -2.34 47.08
N VAL B 57 -65.50 -2.14 48.35
CA VAL B 57 -64.74 -0.98 48.79
C VAL B 57 -63.41 -1.39 49.42
N PHE B 58 -63.39 -2.46 50.20
CA PHE B 58 -62.16 -2.96 50.81
C PHE B 58 -61.46 -1.85 51.60
N VAL B 59 -62.24 -1.06 52.34
CA VAL B 59 -61.71 0.13 52.99
C VAL B 59 -61.34 -0.19 54.44
N ARG B 60 -62.34 -0.54 55.26
CA ARG B 60 -62.14 -0.76 56.69
C ARG B 60 -61.22 0.29 57.29
N ALA B 61 -61.54 1.56 57.06
CA ALA B 61 -60.74 2.69 57.52
C ALA B 61 -59.30 2.56 57.04
N THR B 62 -59.11 2.01 55.84
CA THR B 62 -57.78 1.79 55.28
C THR B 62 -57.87 1.83 53.77
N VAL B 63 -56.75 2.21 53.14
CA VAL B 63 -56.61 2.17 51.69
C VAL B 63 -55.29 1.47 51.37
N GLU B 64 -54.98 1.37 50.08
CA GLU B 64 -53.79 0.66 49.63
C GLU B 64 -52.60 1.59 49.43
N ARG B 65 -52.70 2.54 48.49
CA ARG B 65 -51.59 3.45 48.22
C ARG B 65 -52.16 4.68 47.51
N ARG B 66 -52.25 5.78 48.24
CA ARG B 66 -52.75 7.05 47.70
C ARG B 66 -51.55 7.95 47.40
N CYS B 67 -50.96 7.75 46.22
CA CYS B 67 -49.78 8.51 45.82
C CYS B 67 -50.22 9.89 45.33
N ARG B 68 -49.94 10.92 46.13
CA ARG B 68 -50.31 12.28 45.81
C ARG B 68 -49.15 13.22 46.10
N ALA B 69 -48.92 14.15 45.19
CA ALA B 69 -47.89 15.18 45.36
C ALA B 69 -46.51 14.56 45.59
N GLY B 70 -46.26 13.43 44.94
CA GLY B 70 -44.99 12.75 45.06
C GLY B 70 -44.84 11.89 46.30
N PHE B 71 -45.84 11.85 47.17
CA PHE B 71 -45.82 11.05 48.39
C PHE B 71 -47.06 10.17 48.43
N CYS B 72 -46.88 8.95 48.94
CA CYS B 72 -47.97 7.98 49.02
C CYS B 72 -48.27 7.69 50.48
N PHE B 73 -49.53 7.87 50.87
CA PHE B 73 -50.02 7.60 52.21
C PHE B 73 -51.08 6.51 52.16
N ASP B 74 -51.71 6.25 53.30
CA ASP B 74 -52.74 5.22 53.42
C ASP B 74 -53.88 5.76 54.28
N LYS B 75 -54.87 6.39 53.63
CA LYS B 75 -56.04 6.90 54.32
C LYS B 75 -57.05 7.35 53.26
N GLU B 76 -58.15 7.92 53.73
CA GLU B 76 -59.25 8.50 52.94
C GLU B 76 -60.22 7.45 52.41
N GLY B 77 -59.97 6.16 52.63
CA GLY B 77 -60.94 5.14 52.27
C GLY B 77 -61.39 5.17 50.82
N GLN B 78 -60.46 5.31 49.89
CA GLN B 78 -60.78 5.37 48.47
C GLN B 78 -60.78 3.99 47.80
N GLY B 79 -60.56 2.92 48.55
CA GLY B 79 -60.49 1.59 47.97
C GLY B 79 -61.74 1.21 47.21
N PHE B 80 -61.55 0.69 45.98
CA PHE B 80 -62.65 0.27 45.13
C PHE B 80 -62.24 -1.00 44.40
N ALA B 81 -63.24 -1.67 43.81
CA ALA B 81 -62.98 -2.87 43.00
C ALA B 81 -64.05 -2.91 41.89
N ASP B 82 -63.70 -2.37 40.73
CA ASP B 82 -64.61 -2.35 39.60
C ASP B 82 -63.82 -2.06 38.33
N GLY B 83 -64.45 -2.35 37.20
CA GLY B 83 -63.85 -2.11 35.90
C GLY B 83 -64.48 -0.93 35.17
N VAL B 84 -64.74 0.15 35.90
CA VAL B 84 -65.43 1.29 35.33
C VAL B 84 -64.43 2.21 34.62
N LEU B 85 -63.47 2.75 35.36
CA LEU B 85 -62.53 3.72 34.80
C LEU B 85 -61.29 3.77 35.65
N SER B 86 -60.20 4.26 35.05
CA SER B 86 -58.92 4.46 35.75
C SER B 86 -58.43 3.17 36.38
N ASP B 87 -58.63 2.05 35.70
CA ASP B 87 -58.10 0.78 36.18
C ASP B 87 -56.58 0.80 36.20
N GLU B 88 -55.97 1.39 35.17
CA GLU B 88 -54.53 1.54 35.16
C GLU B 88 -54.04 2.30 36.39
N GLN B 89 -54.75 3.36 36.77
CA GLN B 89 -54.49 4.03 38.04
C GLN B 89 -55.00 3.24 39.23
N LEU B 90 -56.00 2.38 39.02
CA LEU B 90 -56.43 1.49 40.10
C LEU B 90 -55.31 0.56 40.52
N GLU B 91 -54.39 0.26 39.60
CA GLU B 91 -53.21 -0.54 39.99
C GLU B 91 -52.40 0.16 41.05
N ALA B 92 -52.15 1.47 40.87
CA ALA B 92 -51.38 2.22 41.86
C ALA B 92 -52.20 2.49 43.12
N LEU B 93 -53.52 2.65 42.98
CA LEU B 93 -54.37 2.98 44.12
C LEU B 93 -54.80 1.75 44.92
N GLU B 94 -54.57 0.55 44.41
CA GLU B 94 -54.99 -0.68 45.06
C GLU B 94 -53.81 -1.64 45.21
N SER B 95 -52.68 -1.10 45.69
CA SER B 95 -51.48 -1.91 45.83
C SER B 95 -51.52 -2.75 47.11
N ASP B 96 -51.54 -2.11 48.27
CA ASP B 96 -51.36 -2.82 49.53
C ASP B 96 -52.14 -2.21 50.67
N PRO B 97 -53.20 -2.88 51.16
CA PRO B 97 -53.83 -2.45 52.42
C PRO B 97 -53.05 -2.99 53.60
N LEU B 98 -52.45 -2.10 54.39
CA LEU B 98 -51.58 -2.53 55.48
C LEU B 98 -52.33 -3.43 56.45
N LEU B 99 -53.33 -2.90 57.13
CA LEU B 99 -54.05 -3.65 58.13
C LEU B 99 -55.08 -4.57 57.47
N LYS B 100 -55.88 -5.24 58.30
CA LYS B 100 -56.90 -6.14 57.77
C LYS B 100 -57.95 -5.35 56.99
N VAL B 101 -58.51 -6.00 55.98
CA VAL B 101 -59.45 -5.37 55.06
C VAL B 101 -60.79 -6.08 55.14
N GLU B 102 -61.84 -5.34 54.80
CA GLU B 102 -63.21 -5.86 54.84
C GLU B 102 -64.03 -5.19 53.76
N ARG B 103 -64.95 -5.94 53.17
CA ARG B 103 -65.75 -5.49 52.04
C ARG B 103 -67.13 -5.09 52.51
N CYS B 104 -67.47 -3.81 52.35
CA CYS B 104 -68.80 -3.29 52.69
C CYS B 104 -69.27 -2.43 51.51
N THR B 105 -70.08 -3.03 50.63
CA THR B 105 -70.52 -2.34 49.44
C THR B 105 -71.49 -1.21 49.78
N PHE B 106 -71.34 -0.08 49.09
CA PHE B 106 -72.20 1.07 49.28
C PHE B 106 -73.43 1.06 48.38
N SER B 107 -73.54 0.08 47.49
CA SER B 107 -74.68 -0.01 46.57
C SER B 107 -74.84 1.27 45.76
N GLY B 108 -73.72 1.84 45.32
CA GLY B 108 -73.73 3.06 44.54
C GLY B 108 -73.96 2.80 43.06
N GLU C 53 -64.06 2.33 -34.98
CA GLU C 53 -65.25 2.19 -34.15
C GLU C 53 -64.88 1.64 -32.77
N VAL C 54 -65.53 2.18 -31.73
CA VAL C 54 -65.26 1.74 -30.36
C VAL C 54 -65.83 0.35 -30.17
N GLU C 55 -64.96 -0.66 -30.18
CA GLU C 55 -65.40 -2.05 -30.09
C GLU C 55 -65.73 -2.47 -28.67
N GLY C 56 -65.44 -1.64 -27.67
CA GLY C 56 -65.81 -1.94 -26.30
C GLY C 56 -65.86 -0.71 -25.42
N VAL C 57 -66.96 -0.54 -24.69
CA VAL C 57 -67.09 0.57 -23.77
C VAL C 57 -67.00 0.13 -22.31
N PHE C 58 -67.26 -1.15 -22.00
CA PHE C 58 -66.92 -1.70 -20.70
C PHE C 58 -67.53 -0.88 -19.56
N VAL C 59 -68.73 -0.35 -19.75
CA VAL C 59 -69.28 0.63 -18.83
C VAL C 59 -70.24 -0.02 -17.82
N ARG C 60 -71.38 -0.52 -18.30
CA ARG C 60 -72.37 -1.15 -17.44
C ARG C 60 -72.57 -0.39 -16.13
N ALA C 61 -72.54 0.95 -16.19
CA ALA C 61 -72.66 1.77 -14.99
C ALA C 61 -71.66 1.35 -13.92
N THR C 62 -70.49 0.88 -14.35
CA THR C 62 -69.46 0.41 -13.44
C THR C 62 -68.69 1.60 -12.86
N VAL C 63 -68.09 1.37 -11.69
CA VAL C 63 -67.40 2.44 -10.96
C VAL C 63 -65.98 2.50 -11.50
N GLU C 64 -65.82 3.20 -12.61
CA GLU C 64 -64.50 3.37 -13.21
C GLU C 64 -63.75 4.51 -12.52
N ARG C 65 -62.45 4.31 -12.31
CA ARG C 65 -61.66 5.29 -11.57
C ARG C 65 -61.42 6.54 -12.43
N ARG C 66 -61.66 7.71 -11.83
CA ARG C 66 -61.44 9.00 -12.47
C ARG C 66 -60.71 9.88 -11.46
N CYS C 67 -59.38 9.80 -11.48
CA CYS C 67 -58.55 10.53 -10.53
C CYS C 67 -58.49 11.99 -10.95
N ARG C 68 -59.32 12.82 -10.31
CA ARG C 68 -59.41 14.24 -10.61
C ARG C 68 -59.34 15.03 -9.31
N ALA C 69 -58.57 16.12 -9.31
CA ALA C 69 -58.44 17.01 -8.17
C ALA C 69 -57.96 16.26 -6.93
N GLY C 70 -57.12 15.24 -7.12
CA GLY C 70 -56.58 14.47 -6.01
C GLY C 70 -57.49 13.40 -5.46
N PHE C 71 -58.69 13.24 -6.00
CA PHE C 71 -59.62 12.22 -5.56
C PHE C 71 -60.13 11.45 -6.77
N CYS C 72 -60.19 10.12 -6.63
CA CYS C 72 -60.56 9.23 -7.73
C CYS C 72 -61.99 8.75 -7.50
N PHE C 73 -62.95 9.54 -7.97
CA PHE C 73 -64.36 9.17 -7.92
C PHE C 73 -64.75 8.48 -9.22
N ASP C 74 -66.05 8.23 -9.40
CA ASP C 74 -66.60 7.73 -10.65
C ASP C 74 -67.70 8.71 -11.08
N LYS C 75 -67.44 9.43 -12.17
CA LYS C 75 -68.34 10.49 -12.61
C LYS C 75 -69.34 10.00 -13.66
N GLU C 76 -68.86 9.30 -14.68
CA GLU C 76 -69.73 8.78 -15.73
C GLU C 76 -69.12 7.48 -16.25
N GLY C 77 -69.72 6.92 -17.29
CA GLY C 77 -69.25 5.68 -17.86
C GLY C 77 -68.08 5.88 -18.80
N GLN C 78 -66.90 6.15 -18.24
CA GLN C 78 -65.70 6.43 -19.02
C GLN C 78 -64.97 5.16 -19.46
N GLY C 79 -65.64 4.01 -19.46
CA GLY C 79 -65.00 2.78 -19.86
C GLY C 79 -64.70 2.78 -21.36
N PHE C 80 -63.48 2.40 -21.71
CA PHE C 80 -63.08 2.29 -23.11
C PHE C 80 -61.95 1.28 -23.21
N ALA C 81 -61.86 0.61 -24.37
CA ALA C 81 -60.82 -0.38 -24.63
C ALA C 81 -60.40 -0.22 -26.09
N ASP C 82 -59.37 0.60 -26.32
CA ASP C 82 -58.85 0.82 -27.65
C ASP C 82 -57.43 1.36 -27.54
N GLY C 83 -56.70 1.28 -28.65
CA GLY C 83 -55.32 1.74 -28.70
C GLY C 83 -55.18 3.04 -29.48
N VAL C 84 -56.10 3.97 -29.26
CA VAL C 84 -56.08 5.23 -30.01
C VAL C 84 -55.12 6.21 -29.37
N LEU C 85 -55.34 6.57 -28.11
CA LEU C 85 -54.55 7.60 -27.47
C LEU C 85 -54.66 7.45 -25.96
N SER C 86 -53.69 8.05 -25.25
CA SER C 86 -53.71 8.15 -23.79
C SER C 86 -53.81 6.77 -23.13
N ASP C 87 -53.04 5.81 -23.64
CA ASP C 87 -52.99 4.50 -23.00
C ASP C 87 -52.41 4.60 -21.60
N GLU C 88 -51.36 5.42 -21.42
CA GLU C 88 -50.79 5.60 -20.10
C GLU C 88 -51.81 6.17 -19.12
N GLN C 89 -52.58 7.17 -19.57
CA GLN C 89 -53.69 7.67 -18.76
C GLN C 89 -54.86 6.71 -18.75
N LEU C 90 -55.00 5.89 -19.80
CA LEU C 90 -56.01 4.84 -19.78
C LEU C 90 -55.74 3.86 -18.64
N GLU C 91 -54.48 3.73 -18.23
CA GLU C 91 -54.16 2.91 -17.06
C GLU C 91 -54.88 3.43 -15.82
N ALA C 92 -54.77 4.73 -15.56
CA ALA C 92 -55.45 5.29 -14.40
C ALA C 92 -56.96 5.30 -14.58
N LEU C 93 -57.43 5.55 -15.80
CA LEU C 93 -58.87 5.68 -16.02
C LEU C 93 -59.58 4.34 -15.90
N GLU C 94 -58.95 3.27 -16.38
CA GLU C 94 -59.56 1.94 -16.44
C GLU C 94 -58.80 0.95 -15.57
N SER C 95 -58.37 1.39 -14.39
CA SER C 95 -57.70 0.47 -13.47
C SER C 95 -58.72 -0.37 -12.70
N ASP C 96 -59.59 0.30 -11.93
CA ASP C 96 -60.49 -0.38 -10.99
C ASP C 96 -61.94 -0.18 -11.41
N PRO C 97 -62.60 -1.19 -12.00
CA PRO C 97 -64.04 -1.05 -12.24
C PRO C 97 -64.86 -1.11 -10.96
N LEU C 98 -64.53 -2.02 -10.05
CA LEU C 98 -65.12 -2.07 -8.72
C LEU C 98 -66.61 -2.46 -8.75
N LEU C 99 -67.18 -2.60 -9.93
CA LEU C 99 -68.58 -2.99 -10.07
C LEU C 99 -68.72 -3.82 -11.32
N LYS C 100 -69.87 -4.48 -11.45
CA LYS C 100 -70.07 -5.40 -12.56
C LYS C 100 -70.01 -4.65 -13.89
N VAL C 101 -69.48 -5.33 -14.91
CA VAL C 101 -69.19 -4.70 -16.19
C VAL C 101 -69.92 -5.45 -17.30
N GLU C 102 -70.13 -4.74 -18.41
CA GLU C 102 -70.74 -5.27 -19.61
C GLU C 102 -70.48 -4.29 -20.74
N ARG C 103 -69.80 -4.75 -21.79
CA ARG C 103 -69.41 -3.89 -22.90
C ARG C 103 -70.51 -3.84 -23.95
N CYS C 104 -70.86 -2.64 -24.39
CA CYS C 104 -71.84 -2.42 -25.45
C CYS C 104 -71.27 -1.38 -26.41
N THR C 105 -70.83 -1.82 -27.57
CA THR C 105 -70.10 -0.96 -28.50
C THR C 105 -70.97 0.21 -28.95
N PHE C 106 -70.39 1.40 -28.98
CA PHE C 106 -71.08 2.59 -29.47
C PHE C 106 -70.86 2.82 -30.95
N SER C 107 -70.01 2.02 -31.62
CA SER C 107 -69.75 2.15 -33.04
C SER C 107 -69.30 3.57 -33.38
N GLY C 108 -68.44 4.13 -32.54
CA GLY C 108 -67.93 5.48 -32.74
C GLY C 108 -66.75 5.53 -33.68
N GLU D 53 68.14 8.78 -15.36
CA GLU D 53 67.89 9.38 -16.66
C GLU D 53 66.42 9.29 -17.03
N VAL D 54 66.06 9.90 -18.16
CA VAL D 54 64.69 9.83 -18.68
C VAL D 54 64.61 8.56 -19.52
N GLU D 55 63.99 7.52 -18.94
CA GLU D 55 63.90 6.24 -19.63
C GLU D 55 63.10 6.38 -20.93
N GLY D 56 62.04 7.18 -20.91
CA GLY D 56 61.26 7.40 -22.10
C GLY D 56 60.56 8.75 -22.13
N VAL D 57 60.64 9.43 -23.27
CA VAL D 57 59.95 10.71 -23.41
C VAL D 57 58.53 10.53 -23.92
N PHE D 58 58.28 9.52 -24.75
CA PHE D 58 56.91 9.22 -25.17
C PHE D 58 56.28 10.41 -25.89
N VAL D 59 57.09 11.12 -26.68
CA VAL D 59 56.73 12.42 -27.25
C VAL D 59 56.52 12.34 -28.75
N ARG D 60 57.50 11.78 -29.47
CA ARG D 60 57.51 11.88 -30.93
C ARG D 60 56.18 11.46 -31.53
N ALA D 61 55.58 12.35 -32.31
CA ALA D 61 54.37 12.11 -33.10
C ALA D 61 53.12 11.94 -32.25
N THR D 62 53.23 11.94 -30.92
CA THR D 62 52.07 11.81 -30.05
C THR D 62 51.89 13.06 -29.22
N VAL D 63 50.63 13.33 -28.85
CA VAL D 63 50.27 14.47 -28.02
C VAL D 63 49.41 13.97 -26.87
N GLU D 64 49.73 14.38 -25.66
CA GLU D 64 49.10 13.86 -24.46
C GLU D 64 48.19 14.91 -23.82
N ARG D 65 47.45 14.47 -22.79
CA ARG D 65 46.54 15.35 -22.09
C ARG D 65 47.32 16.30 -21.19
N ARG D 66 46.97 17.59 -21.23
CA ARG D 66 47.61 18.62 -20.41
C ARG D 66 46.51 19.53 -19.89
N CYS D 67 46.10 19.31 -18.64
CA CYS D 67 45.03 20.10 -18.02
C CYS D 67 45.65 21.32 -17.36
N ARG D 68 45.37 22.50 -17.93
CA ARG D 68 45.89 23.76 -17.42
C ARG D 68 44.82 24.84 -17.54
N ALA D 69 44.69 25.66 -16.49
CA ALA D 69 43.77 26.80 -16.49
C ALA D 69 42.33 26.36 -16.73
N GLY D 70 41.98 25.15 -16.31
CA GLY D 70 40.63 24.64 -16.46
C GLY D 70 40.30 24.07 -17.82
N PHE D 71 41.17 24.25 -18.81
CA PHE D 71 40.99 23.69 -20.14
C PHE D 71 42.13 22.74 -20.44
N CYS D 72 41.79 21.51 -20.82
CA CYS D 72 42.79 20.47 -21.04
C CYS D 72 43.09 20.39 -22.53
N PHE D 73 44.05 21.19 -22.98
CA PHE D 73 44.52 21.16 -24.35
C PHE D 73 45.43 19.94 -24.56
N ASP D 74 45.94 19.80 -25.78
CA ASP D 74 46.84 18.71 -26.14
C ASP D 74 47.99 19.30 -26.94
N LYS D 75 49.14 19.48 -26.30
CA LYS D 75 50.33 19.97 -26.99
C LYS D 75 51.54 20.00 -26.06
N GLU D 76 52.69 20.41 -26.59
CA GLU D 76 53.96 20.59 -25.90
C GLU D 76 54.71 19.28 -25.66
N GLY D 77 54.14 18.13 -25.98
CA GLY D 77 54.87 16.88 -25.90
C GLY D 77 55.48 16.62 -24.54
N GLN D 78 54.68 16.74 -23.48
CA GLN D 78 55.16 16.57 -22.11
C GLN D 78 55.14 15.11 -21.65
N GLY D 79 55.17 14.16 -22.58
CA GLY D 79 55.14 12.76 -22.19
C GLY D 79 56.37 12.36 -21.40
N PHE D 80 56.16 11.45 -20.45
CA PHE D 80 57.24 10.89 -19.66
C PHE D 80 56.78 9.56 -19.09
N ALA D 81 57.74 8.74 -18.66
CA ALA D 81 57.43 7.45 -18.06
C ALA D 81 58.53 7.12 -17.05
N ASP D 82 58.27 7.44 -15.78
CA ASP D 82 59.23 7.17 -14.70
C ASP D 82 58.51 7.36 -13.38
N GLY D 83 59.17 6.91 -12.30
CA GLY D 83 58.64 7.05 -10.96
C GLY D 83 59.41 8.06 -10.13
N VAL D 84 59.76 9.19 -10.74
CA VAL D 84 60.59 10.18 -10.05
C VAL D 84 59.75 11.06 -9.13
N LEU D 85 58.79 11.77 -9.70
CA LEU D 85 57.97 12.69 -8.92
C LEU D 85 56.66 12.95 -9.66
N SER D 86 55.68 13.45 -8.92
CA SER D 86 54.35 13.72 -9.47
C SER D 86 53.78 12.48 -10.15
N ASP D 87 53.97 11.33 -9.53
CA ASP D 87 53.52 10.08 -10.13
C ASP D 87 52.00 10.06 -10.29
N GLU D 88 51.28 10.59 -9.29
CA GLU D 88 49.82 10.62 -9.38
C GLU D 88 49.36 11.48 -10.56
N GLN D 89 50.01 12.63 -10.77
CA GLN D 89 49.67 13.49 -11.89
C GLN D 89 50.16 12.92 -13.22
N LEU D 90 50.96 11.85 -13.20
CA LEU D 90 51.38 11.22 -14.44
C LEU D 90 50.19 10.68 -15.21
N GLU D 91 49.16 10.20 -14.52
CA GLU D 91 47.95 9.74 -15.19
C GLU D 91 47.28 10.89 -15.95
N ALA D 92 47.13 12.04 -15.29
CA ALA D 92 46.52 13.19 -15.94
C ALA D 92 47.36 13.66 -17.13
N LEU D 93 48.69 13.67 -16.96
CA LEU D 93 49.55 14.10 -18.05
C LEU D 93 49.47 13.14 -19.24
N GLU D 94 49.42 11.84 -18.98
CA GLU D 94 49.33 10.83 -20.02
C GLU D 94 47.91 10.33 -20.22
N SER D 95 46.91 11.19 -19.99
CA SER D 95 45.51 10.80 -20.10
C SER D 95 44.99 10.85 -21.53
N ASP D 96 45.78 11.34 -22.49
CA ASP D 96 45.31 11.42 -23.86
C ASP D 96 46.46 11.42 -24.86
N PRO D 97 47.30 10.38 -24.88
CA PRO D 97 48.23 10.24 -26.02
C PRO D 97 47.46 9.79 -27.25
N LEU D 98 46.62 10.71 -27.75
CA LEU D 98 45.70 10.40 -28.84
C LEU D 98 46.45 9.91 -30.07
N LEU D 99 47.61 10.47 -30.35
CA LEU D 99 48.34 10.22 -31.59
C LEU D 99 49.47 9.22 -31.35
N LYS D 100 49.95 8.65 -32.44
CA LYS D 100 50.95 7.58 -32.35
C LYS D 100 52.21 8.07 -31.65
N VAL D 101 52.76 7.22 -30.79
CA VAL D 101 53.90 7.56 -29.96
C VAL D 101 55.16 6.91 -30.53
N GLU D 102 56.30 7.50 -30.18
CA GLU D 102 57.59 7.02 -30.66
C GLU D 102 58.64 7.47 -29.66
N ARG D 103 59.04 6.56 -28.76
CA ARG D 103 59.85 6.94 -27.61
C ARG D 103 61.27 7.30 -28.04
N CYS D 104 61.92 8.15 -27.25
CA CYS D 104 63.34 8.46 -27.48
C CYS D 104 63.89 9.12 -26.23
N THR D 105 64.86 8.46 -25.60
CA THR D 105 65.41 8.96 -24.34
C THR D 105 66.16 10.26 -24.53
N PHE D 106 66.02 11.17 -23.57
CA PHE D 106 66.83 12.37 -23.50
C PHE D 106 68.06 12.20 -22.62
N SER D 107 68.20 11.05 -21.95
CA SER D 107 69.36 10.77 -21.09
C SER D 107 69.55 11.87 -20.05
N GLY D 108 68.44 12.32 -19.46
CA GLY D 108 68.48 13.36 -18.45
C GLY D 108 68.95 12.87 -17.11
N GLU E 53 59.46 0.97 58.41
CA GLU E 53 60.22 0.11 57.51
C GLU E 53 59.53 0.01 56.15
N VAL E 54 60.24 0.44 55.10
CA VAL E 54 59.69 0.38 53.75
C VAL E 54 59.78 -1.06 53.26
N GLU E 55 58.64 -1.60 52.83
CA GLU E 55 58.62 -2.97 52.32
C GLU E 55 59.52 -3.11 51.09
N GLY E 56 59.46 -2.14 50.18
CA GLY E 56 60.31 -2.14 49.02
C GLY E 56 60.02 -0.97 48.08
N VAL E 57 61.07 -0.31 47.61
CA VAL E 57 60.88 0.80 46.69
C VAL E 57 60.30 0.31 45.37
N PHE E 58 60.81 -0.81 44.86
CA PHE E 58 60.32 -1.44 43.64
C PHE E 58 60.59 -0.59 42.41
N VAL E 59 61.51 0.36 42.50
CA VAL E 59 61.83 1.26 41.39
C VAL E 59 63.28 1.69 41.52
N ARG E 60 64.06 1.49 40.46
CA ARG E 60 65.44 1.98 40.42
C ARG E 60 65.89 1.99 38.97
N ALA E 61 66.08 3.20 38.41
CA ALA E 61 66.51 3.36 37.03
C ALA E 61 65.53 2.68 36.07
N THR E 62 64.25 2.68 36.44
CA THR E 62 63.20 2.07 35.64
C THR E 62 62.14 3.12 35.30
N VAL E 63 61.71 3.12 34.05
CA VAL E 63 60.67 4.05 33.61
C VAL E 63 59.35 3.64 34.24
N GLU E 64 58.70 4.59 34.91
CA GLU E 64 57.36 4.39 35.45
C GLU E 64 56.56 5.66 35.26
N ARG E 65 55.24 5.52 35.21
CA ARG E 65 54.36 6.63 34.83
C ARG E 65 53.98 7.44 36.07
N ARG E 66 54.30 8.73 36.03
CA ARG E 66 53.92 9.69 37.07
C ARG E 66 53.06 10.75 36.38
N CYS E 67 51.75 10.50 36.31
CA CYS E 67 50.85 11.42 35.62
C CYS E 67 50.75 12.70 36.44
N ARG E 68 51.45 13.73 35.98
CA ARG E 68 51.54 15.01 36.66
C ARG E 68 51.33 16.14 35.67
N ALA E 69 50.54 17.14 36.08
CA ALA E 69 50.27 18.31 35.24
C ALA E 69 49.67 17.92 33.88
N GLY E 70 48.87 16.86 33.87
CA GLY E 70 48.25 16.39 32.65
C GLY E 70 49.13 15.55 31.76
N PHE E 71 50.38 15.32 32.14
CA PHE E 71 51.31 14.50 31.36
C PHE E 71 51.95 13.47 32.28
N CYS E 72 52.13 12.27 31.76
CA CYS E 72 52.70 11.16 32.54
C CYS E 72 54.15 10.96 32.09
N PHE E 73 55.05 11.76 32.68
CA PHE E 73 56.47 11.58 32.47
C PHE E 73 56.98 10.44 33.33
N ASP E 74 58.27 10.12 33.19
CA ASP E 74 58.88 8.96 33.87
C ASP E 74 60.26 9.38 34.35
N LYS E 75 60.38 9.73 35.62
CA LYS E 75 61.66 10.10 36.21
C LYS E 75 61.48 10.25 37.71
N GLU E 76 62.55 10.65 38.39
CA GLU E 76 62.63 10.94 39.82
C GLU E 76 62.74 9.67 40.67
N GLY E 77 62.70 8.49 40.07
CA GLY E 77 62.83 7.26 40.84
C GLY E 77 61.78 7.08 41.90
N GLN E 78 60.59 7.63 41.70
CA GLN E 78 59.50 7.49 42.65
C GLN E 78 58.94 6.08 42.62
N GLY E 79 58.57 5.57 43.79
CA GLY E 79 57.90 4.29 43.86
C GLY E 79 58.10 3.51 45.13
N PHE E 80 57.05 2.82 45.57
CA PHE E 80 57.08 2.00 46.77
C PHE E 80 56.03 0.91 46.62
N ALA E 81 56.08 -0.07 47.53
CA ALA E 81 55.12 -1.18 47.55
C ALA E 81 54.64 -1.35 48.98
N ASP E 82 53.57 -0.64 49.34
CA ASP E 82 53.03 -0.71 50.69
C ASP E 82 51.58 -0.26 50.66
N GLY E 83 50.85 -0.62 51.72
CA GLY E 83 49.46 -0.25 51.86
C GLY E 83 49.25 0.84 52.88
N VAL E 84 50.11 1.86 52.86
CA VAL E 84 50.02 2.93 53.85
C VAL E 84 48.98 3.96 53.45
N LEU E 85 49.12 4.53 52.26
CA LEU E 85 48.22 5.59 51.82
C LEU E 85 48.27 5.69 50.30
N SER E 86 47.22 6.32 49.75
CA SER E 86 47.15 6.63 48.32
C SER E 86 47.32 5.38 47.46
N ASP E 87 46.71 4.27 47.91
CA ASP E 87 46.75 3.05 47.10
C ASP E 87 46.02 3.23 45.78
N GLU E 88 44.88 3.92 45.81
CA GLU E 88 44.16 4.20 44.58
C GLU E 88 45.02 5.03 43.63
N GLN E 89 45.74 6.02 44.17
CA GLN E 89 46.72 6.74 43.37
C GLN E 89 47.95 5.88 43.09
N LEU E 90 48.24 4.92 43.97
CA LEU E 90 49.33 4.00 43.71
C LEU E 90 49.08 3.16 42.47
N GLU E 91 47.81 2.93 42.12
CA GLU E 91 47.50 2.32 40.84
C GLU E 91 48.25 3.03 39.71
N ALA E 92 47.99 4.33 39.56
CA ALA E 92 48.61 5.08 38.46
C ALA E 92 50.10 5.31 38.70
N LEU E 93 50.51 5.46 39.96
CA LEU E 93 51.92 5.75 40.24
C LEU E 93 52.80 4.55 39.96
N GLU E 94 52.54 3.43 40.64
CA GLU E 94 53.36 2.23 40.52
C GLU E 94 52.74 1.26 39.52
N SER E 95 52.97 1.56 38.25
CA SER E 95 52.76 0.62 37.17
C SER E 95 53.92 0.78 36.20
N ASP E 96 54.11 -0.22 35.35
CA ASP E 96 55.20 -0.19 34.40
C ASP E 96 56.56 -0.20 35.09
N PRO E 97 56.83 -1.15 35.99
CA PRO E 97 58.20 -1.32 36.50
C PRO E 97 59.06 -1.97 35.42
N LEU E 98 59.92 -1.17 34.80
CA LEU E 98 60.72 -1.65 33.69
C LEU E 98 61.93 -2.45 34.18
N LEU E 99 62.56 -3.13 33.23
CA LEU E 99 63.79 -3.90 33.46
C LEU E 99 63.74 -4.57 34.83
N LYS E 100 64.82 -4.51 35.60
CA LYS E 100 64.90 -5.15 36.91
C LYS E 100 64.88 -4.04 37.94
N VAL E 101 63.73 -3.81 38.56
CA VAL E 101 63.61 -2.77 39.57
C VAL E 101 64.57 -3.13 40.70
N GLU E 102 65.63 -2.35 40.84
CA GLU E 102 66.66 -2.62 41.84
C GLU E 102 66.12 -2.23 43.22
N ARG E 103 65.14 -2.98 43.71
CA ARG E 103 64.51 -2.63 44.98
C ARG E 103 65.54 -2.56 46.10
N CYS E 104 65.20 -1.82 47.13
CA CYS E 104 66.08 -1.63 48.28
C CYS E 104 65.25 -1.00 49.39
N THR E 105 65.33 -1.56 50.60
CA THR E 105 64.51 -1.11 51.71
C THR E 105 65.16 0.10 52.37
N PHE E 106 64.51 1.26 52.25
CA PHE E 106 64.97 2.45 52.96
C PHE E 106 64.85 2.33 54.47
N SER E 107 64.11 1.34 54.97
CA SER E 107 63.96 1.14 56.42
C SER E 107 63.44 2.41 57.09
N GLY E 108 62.48 3.07 56.42
CA GLY E 108 61.91 4.29 56.94
C GLY E 108 60.47 4.13 57.39
N GLU F 53 29.90 19.97 -34.62
CA GLU F 53 31.30 19.59 -34.73
C GLU F 53 31.60 19.04 -36.12
N VAL F 54 32.81 19.29 -36.61
CA VAL F 54 33.28 18.76 -37.88
C VAL F 54 34.26 17.64 -37.60
N GLU F 55 33.98 16.46 -38.14
CA GLU F 55 34.88 15.33 -38.09
C GLU F 55 35.67 15.30 -39.39
N GLY F 56 37.00 15.27 -39.28
CA GLY F 56 37.89 15.43 -40.41
C GLY F 56 38.92 16.53 -40.23
N VAL F 57 40.17 16.13 -40.07
CA VAL F 57 41.30 17.05 -39.96
C VAL F 57 42.55 16.24 -40.26
N PHE F 58 43.57 16.91 -40.81
CA PHE F 58 44.86 16.29 -41.14
C PHE F 58 45.97 17.18 -40.57
N VAL F 59 46.59 16.73 -39.47
CA VAL F 59 47.54 17.57 -38.73
C VAL F 59 48.87 16.85 -38.49
N ARG F 60 49.27 15.96 -39.41
CA ARG F 60 50.57 15.29 -39.33
C ARG F 60 51.59 15.87 -40.30
N ALA F 61 51.51 17.17 -40.59
CA ALA F 61 52.34 17.77 -41.63
C ALA F 61 52.18 16.99 -42.93
N THR F 62 51.04 16.33 -43.09
CA THR F 62 50.83 15.40 -44.18
C THR F 62 50.66 16.15 -45.50
N VAL F 63 50.88 15.45 -46.59
CA VAL F 63 50.83 16.01 -47.93
C VAL F 63 49.48 15.72 -48.54
N GLU F 64 48.93 16.73 -49.22
CA GLU F 64 47.70 16.56 -49.99
C GLU F 64 47.83 17.36 -51.28
N ARG F 65 47.09 16.93 -52.30
CA ARG F 65 47.18 17.52 -53.63
C ARG F 65 46.29 18.77 -53.67
N ARG F 66 46.93 19.95 -53.60
CA ARG F 66 46.25 21.23 -53.78
C ARG F 66 46.78 21.88 -55.05
N CYS F 67 45.87 22.30 -55.92
CA CYS F 67 46.23 22.84 -57.21
C CYS F 67 46.09 24.37 -57.19
N ARG F 68 47.20 25.06 -57.43
CA ARG F 68 47.25 26.51 -57.34
C ARG F 68 47.01 27.17 -58.69
N ALA F 69 47.86 26.88 -59.67
CA ALA F 69 47.70 27.44 -61.01
C ALA F 69 48.41 26.51 -62.00
N GLY F 70 47.62 25.68 -62.68
CA GLY F 70 48.15 24.78 -63.68
C GLY F 70 48.93 23.60 -63.14
N PHE F 71 49.03 23.45 -61.82
CA PHE F 71 49.75 22.34 -61.22
C PHE F 71 49.15 22.05 -59.85
N CYS F 72 49.38 20.83 -59.38
CA CYS F 72 48.91 20.39 -58.07
C CYS F 72 50.10 20.03 -57.21
N PHE F 73 50.23 20.70 -56.06
CA PHE F 73 51.42 20.61 -55.23
C PHE F 73 51.01 20.39 -53.77
N ASP F 74 51.98 19.91 -52.99
CA ASP F 74 51.73 19.62 -51.58
C ASP F 74 51.24 20.85 -50.84
N LYS F 75 50.16 20.68 -50.08
CA LYS F 75 49.62 21.76 -49.24
C LYS F 75 48.45 21.22 -48.42
N GLU F 76 48.19 21.85 -47.28
CA GLU F 76 47.10 21.45 -46.39
C GLU F 76 46.06 22.56 -46.35
N GLY F 77 44.85 22.27 -46.85
CA GLY F 77 43.78 23.24 -46.87
C GLY F 77 42.55 22.78 -46.08
N GLN F 78 41.44 22.57 -46.78
CA GLN F 78 40.22 22.10 -46.14
C GLN F 78 40.51 20.92 -45.22
N GLY F 79 40.96 19.81 -45.80
CA GLY F 79 41.37 18.66 -45.02
C GLY F 79 40.29 18.10 -44.12
N PHE F 80 39.04 18.14 -44.56
CA PHE F 80 37.92 17.66 -43.77
C PHE F 80 37.26 16.47 -44.48
N ALA F 81 36.54 15.68 -43.70
CA ALA F 81 35.80 14.53 -44.21
C ALA F 81 34.34 14.84 -44.46
N ASP F 82 33.92 16.09 -44.25
CA ASP F 82 32.55 16.53 -44.52
C ASP F 82 32.60 17.68 -45.52
N GLY F 83 31.60 17.72 -46.40
CA GLY F 83 31.55 18.74 -47.43
C GLY F 83 30.16 19.30 -47.65
N VAL F 84 30.08 20.62 -47.80
CA VAL F 84 28.81 21.29 -48.10
C VAL F 84 28.99 22.27 -49.24
N LEU F 85 30.23 22.57 -49.61
CA LEU F 85 30.51 23.56 -50.64
C LEU F 85 31.84 23.23 -51.31
N SER F 86 31.98 23.68 -52.55
CA SER F 86 33.19 23.46 -53.34
C SER F 86 33.51 21.98 -53.47
N ASP F 87 32.48 21.14 -53.58
CA ASP F 87 32.70 19.70 -53.68
C ASP F 87 33.53 19.35 -54.92
N GLU F 88 33.17 19.92 -56.07
CA GLU F 88 33.89 19.61 -57.30
C GLU F 88 35.35 20.04 -57.21
N GLN F 89 35.60 21.23 -56.62
CA GLN F 89 36.97 21.66 -56.41
C GLN F 89 37.61 20.95 -55.24
N LEU F 90 36.82 20.58 -54.22
CA LEU F 90 37.37 19.87 -53.07
C LEU F 90 37.94 18.53 -53.48
N GLU F 91 37.27 17.82 -54.38
CA GLU F 91 37.76 16.53 -54.84
C GLU F 91 39.22 16.63 -55.29
N ALA F 92 39.51 17.59 -56.17
CA ALA F 92 40.89 17.81 -56.58
C ALA F 92 41.74 18.28 -55.39
N LEU F 93 41.18 19.16 -54.55
CA LEU F 93 41.91 19.67 -53.40
C LEU F 93 42.00 18.67 -52.25
N GLU F 94 41.04 17.75 -52.13
CA GLU F 94 40.97 16.87 -50.97
C GLU F 94 41.44 15.45 -51.29
N SER F 95 42.27 15.29 -52.30
CA SER F 95 42.89 14.00 -52.55
C SER F 95 43.49 13.45 -51.27
N ASP F 96 43.07 12.25 -50.89
CA ASP F 96 43.49 11.65 -49.62
C ASP F 96 45.00 11.71 -49.48
N PRO F 97 45.53 11.63 -48.28
CA PRO F 97 46.93 12.03 -48.05
C PRO F 97 47.94 11.13 -48.70
N LEU F 98 49.15 11.64 -48.91
CA LEU F 98 50.27 10.80 -49.34
C LEU F 98 50.97 10.14 -48.17
N LEU F 99 51.09 10.85 -47.05
CA LEU F 99 51.86 10.42 -45.90
C LEU F 99 50.94 10.22 -44.70
N LYS F 100 51.54 10.00 -43.53
CA LYS F 100 50.76 9.73 -42.32
C LYS F 100 49.78 10.86 -42.06
N VAL F 101 48.54 10.47 -41.76
CA VAL F 101 47.44 11.40 -41.51
C VAL F 101 46.83 11.07 -40.16
N GLU F 102 46.62 12.09 -39.34
CA GLU F 102 45.90 11.91 -38.08
C GLU F 102 44.93 13.05 -37.87
N ARG F 103 43.77 12.72 -37.30
CA ARG F 103 42.62 13.59 -37.21
C ARG F 103 42.44 14.10 -35.78
N CYS F 104 41.80 15.26 -35.66
CA CYS F 104 41.59 15.91 -34.38
C CYS F 104 40.19 16.52 -34.37
N THR F 105 39.86 17.17 -33.26
CA THR F 105 38.54 17.78 -33.06
C THR F 105 38.70 19.29 -33.02
N PHE F 106 38.66 19.92 -34.19
CA PHE F 106 38.67 21.38 -34.23
C PHE F 106 37.42 21.96 -33.57
N SER F 107 36.27 21.34 -33.82
CA SER F 107 35.00 21.79 -33.24
C SER F 107 34.74 23.27 -33.58
N GLY F 108 35.07 23.65 -34.81
CA GLY F 108 34.87 25.02 -35.25
C GLY F 108 33.51 25.25 -35.86
N ALA G 2 69.83 -7.90 14.96
CA ALA G 2 68.99 -7.21 13.99
C ALA G 2 69.74 -7.09 12.65
N ILE G 3 69.19 -6.30 11.74
CA ILE G 3 69.77 -6.05 10.43
C ILE G 3 70.34 -4.63 10.42
N ILE G 4 71.62 -4.50 10.08
CA ILE G 4 72.26 -3.19 10.07
C ILE G 4 71.75 -2.30 8.96
N THR G 5 71.02 -2.85 8.00
CA THR G 5 70.39 -2.09 6.91
C THR G 5 68.91 -2.45 6.87
N PRO G 6 68.12 -1.94 7.81
CA PRO G 6 66.67 -2.25 7.80
C PRO G 6 65.96 -1.72 6.56
N ALA G 7 66.53 -0.72 5.87
CA ALA G 7 65.90 -0.24 4.65
C ALA G 7 66.02 -1.27 3.53
N LEU G 8 67.19 -1.86 3.36
CA LEU G 8 67.38 -2.88 2.32
C LEU G 8 66.50 -4.09 2.58
N ILE G 9 66.42 -4.52 3.84
CA ILE G 9 65.59 -5.68 4.19
C ILE G 9 64.11 -5.36 4.16
N SER G 10 63.74 -4.10 3.94
CA SER G 10 62.32 -3.74 3.90
C SER G 10 61.60 -4.50 2.79
N ALA G 11 62.22 -4.57 1.61
CA ALA G 11 61.62 -5.35 0.52
C ALA G 11 61.64 -6.84 0.83
N LEU G 12 62.58 -7.28 1.67
CA LEU G 12 62.65 -8.69 2.03
C LEU G 12 61.49 -9.07 2.95
N LYS G 13 61.12 -8.18 3.87
CA LYS G 13 60.15 -8.48 4.90
C LYS G 13 58.72 -8.10 4.54
N THR G 14 58.48 -7.65 3.30
CA THR G 14 57.14 -7.28 2.89
C THR G 14 56.41 -8.48 2.29
N SER G 15 55.12 -8.29 2.00
CA SER G 15 54.31 -9.32 1.37
C SER G 15 53.19 -8.67 0.58
N PHE G 16 52.80 -9.33 -0.50
CA PHE G 16 51.75 -8.85 -1.39
C PHE G 16 50.60 -9.83 -1.41
N GLN G 17 49.40 -9.35 -1.14
CA GLN G 17 48.18 -10.15 -1.19
C GLN G 17 47.16 -9.43 -2.04
N LYS G 18 46.51 -10.15 -2.95
CA LYS G 18 45.56 -9.56 -3.89
C LYS G 18 44.15 -9.81 -3.36
N HIS G 19 43.62 -8.82 -2.65
CA HIS G 19 42.24 -8.81 -2.19
C HIS G 19 41.45 -7.63 -2.70
N PHE G 20 42.08 -6.47 -2.88
CA PHE G 20 41.43 -5.31 -3.47
C PHE G 20 41.36 -5.37 -4.99
N GLN G 21 42.11 -6.28 -5.61
CA GLN G 21 42.14 -6.37 -7.06
C GLN G 21 40.78 -6.77 -7.61
N ASP G 22 40.14 -5.86 -8.34
CA ASP G 22 38.81 -6.10 -8.91
C ASP G 22 37.81 -6.50 -7.83
N ALA G 23 37.95 -5.89 -6.66
CA ALA G 23 37.00 -6.12 -5.56
C ALA G 23 35.79 -5.23 -5.75
N LEU G 24 35.22 -5.24 -6.95
CA LEU G 24 34.11 -4.38 -7.31
C LEU G 24 33.41 -4.99 -8.51
N ALA G 25 32.20 -4.51 -8.80
CA ALA G 25 31.46 -4.99 -9.95
C ALA G 25 30.62 -3.85 -10.49
N THR G 26 30.26 -3.96 -11.77
CA THR G 26 29.37 -2.98 -12.37
C THR G 26 27.95 -3.17 -11.85
N ALA G 27 27.16 -2.10 -11.94
CA ALA G 27 25.78 -2.17 -11.50
C ALA G 27 25.02 -3.19 -12.35
N PRO G 28 24.01 -3.85 -11.76
CA PRO G 28 23.32 -4.91 -12.51
C PRO G 28 22.68 -4.36 -13.78
N SER G 29 22.64 -5.21 -14.81
CA SER G 29 22.05 -4.83 -16.07
C SER G 29 20.60 -4.39 -15.87
N THR G 30 20.22 -3.28 -16.50
CA THR G 30 18.91 -2.69 -16.31
C THR G 30 18.19 -2.35 -17.61
N TYR G 31 18.90 -2.18 -18.73
CA TYR G 31 18.24 -1.78 -19.96
C TYR G 31 17.25 -2.82 -20.47
N LEU G 32 17.38 -4.08 -20.04
CA LEU G 32 16.43 -5.09 -20.48
C LEU G 32 15.02 -4.75 -20.04
N GLN G 33 14.86 -4.28 -18.80
CA GLN G 33 13.54 -3.96 -18.28
C GLN G 33 12.91 -2.79 -19.04
N VAL G 34 13.70 -1.76 -19.36
CA VAL G 34 13.17 -0.53 -19.92
C VAL G 34 13.73 -0.29 -21.31
N ALA G 35 14.01 -1.37 -22.06
CA ALA G 35 14.46 -1.25 -23.43
C ALA G 35 14.56 -2.64 -24.05
N THR G 36 14.44 -2.67 -25.37
CA THR G 36 14.57 -3.90 -26.15
C THR G 36 15.57 -3.70 -27.27
N VAL G 37 16.39 -4.72 -27.50
CA VAL G 37 17.40 -4.65 -28.56
C VAL G 37 16.74 -4.92 -29.90
N ILE G 38 17.06 -4.09 -30.89
CA ILE G 38 16.56 -4.26 -32.25
C ILE G 38 17.75 -4.16 -33.21
N PRO G 39 18.65 -5.14 -33.21
CA PRO G 39 19.90 -5.00 -33.97
C PRO G 39 19.63 -4.80 -35.45
N SER G 40 20.46 -3.96 -36.07
CA SER G 40 20.40 -3.67 -37.50
C SER G 40 21.75 -4.04 -38.13
N THR G 41 21.92 -3.65 -39.40
CA THR G 41 23.13 -3.99 -40.14
C THR G 41 23.64 -2.82 -40.97
N THR G 42 23.44 -1.60 -40.52
CA THR G 42 23.91 -0.43 -41.25
C THR G 42 23.90 0.78 -40.32
N ALA G 43 24.37 1.90 -40.83
CA ALA G 43 24.49 3.13 -40.04
C ALA G 43 23.23 4.00 -40.12
N SER G 44 22.08 3.39 -39.88
CA SER G 44 20.82 4.13 -39.83
C SER G 44 19.70 3.12 -39.61
N ASN G 45 18.51 3.64 -39.31
CA ASN G 45 17.33 2.80 -39.18
C ASN G 45 16.11 3.68 -39.44
N THR G 46 15.51 3.53 -40.63
CA THR G 46 14.31 4.26 -40.99
C THR G 46 13.11 3.41 -40.58
N TYR G 47 12.63 3.61 -39.37
CA TYR G 47 11.44 2.94 -38.91
C TYR G 47 10.23 3.42 -39.71
N GLY G 48 9.26 2.53 -39.91
CA GLY G 48 8.09 2.87 -40.68
C GLY G 48 6.86 2.08 -40.28
N TRP G 49 5.75 2.79 -40.06
CA TRP G 49 4.48 2.15 -39.75
C TRP G 49 3.36 3.02 -40.29
N LEU G 50 2.19 2.41 -40.47
CA LEU G 50 1.05 3.06 -41.09
C LEU G 50 0.02 3.51 -40.06
N GLY G 51 0.48 3.92 -38.88
CA GLY G 51 -0.45 4.45 -37.89
C GLY G 51 -1.49 3.43 -37.51
N GLN G 52 -2.75 3.85 -37.48
CA GLN G 52 -3.85 2.98 -37.09
C GLN G 52 -5.09 3.37 -37.86
N PHE G 53 -6.04 2.43 -37.94
CA PHE G 53 -7.25 2.66 -38.70
C PHE G 53 -8.12 3.73 -38.04
N PRO G 54 -8.94 4.42 -38.83
CA PRO G 54 -9.94 5.30 -38.22
C PRO G 54 -11.01 4.49 -37.51
N LYS G 55 -11.66 5.12 -36.54
CA LYS G 55 -12.69 4.46 -35.76
C LYS G 55 -13.85 4.05 -36.68
N LEU G 56 -14.44 2.90 -36.38
CA LEU G 56 -15.61 2.43 -37.13
C LEU G 56 -16.78 3.37 -36.89
N ARG G 57 -17.19 4.10 -37.92
CA ARG G 57 -18.22 5.11 -37.80
C ARG G 57 -19.58 4.53 -38.15
N GLU G 58 -20.62 5.35 -38.03
CA GLU G 58 -21.97 4.93 -38.36
C GLU G 58 -22.16 4.90 -39.88
N TRP G 59 -23.16 4.13 -40.30
CA TRP G 59 -23.49 3.95 -41.71
C TRP G 59 -24.86 4.53 -41.97
N ILE G 60 -24.96 5.44 -42.93
CA ILE G 60 -26.25 6.04 -43.29
C ILE G 60 -26.53 5.83 -44.77
N GLY G 61 -25.73 6.46 -45.64
CA GLY G 61 -25.99 6.40 -47.06
C GLY G 61 -24.82 5.94 -47.91
N GLN G 62 -23.60 6.18 -47.44
CA GLN G 62 -22.41 5.84 -48.22
C GLN G 62 -21.22 5.74 -47.28
N ARG G 63 -20.17 5.11 -47.77
CA ARG G 63 -18.99 4.80 -46.97
C ARG G 63 -17.85 5.73 -47.36
N VAL G 64 -17.23 6.34 -46.37
CA VAL G 64 -16.07 7.21 -46.59
C VAL G 64 -14.82 6.32 -46.66
N ILE G 65 -14.07 6.45 -47.75
CA ILE G 65 -12.85 5.66 -47.95
C ILE G 65 -11.72 6.45 -47.29
N LYS G 66 -11.53 6.23 -46.00
CA LYS G 66 -10.59 7.01 -45.22
C LYS G 66 -9.16 6.62 -45.61
N ASP G 67 -8.18 7.16 -44.89
CA ASP G 67 -6.78 6.89 -45.13
C ASP G 67 -6.07 6.72 -43.80
N MET G 68 -4.78 6.41 -43.85
CA MET G 68 -4.00 6.17 -42.65
C MET G 68 -2.66 6.90 -42.77
N ALA G 69 -2.20 7.43 -41.65
CA ALA G 69 -0.97 8.21 -41.61
C ALA G 69 0.22 7.30 -41.36
N ALA G 70 1.42 7.91 -41.36
CA ALA G 70 2.66 7.20 -41.16
C ALA G 70 3.66 8.17 -40.55
N GLN G 71 4.46 7.66 -39.61
CA GLN G 71 5.31 8.49 -38.76
C GLN G 71 6.73 7.94 -38.74
N GLY G 72 7.27 7.67 -39.93
CA GLY G 72 8.60 7.09 -40.04
C GLY G 72 9.64 7.84 -39.23
N TYR G 73 10.44 7.11 -38.45
CA TYR G 73 11.39 7.70 -37.52
C TYR G 73 12.81 7.35 -37.97
N GLN G 74 13.67 8.35 -38.03
CA GLN G 74 15.04 8.19 -38.47
C GLN G 74 15.99 8.45 -37.31
N ILE G 75 17.01 7.59 -37.19
CA ILE G 75 18.05 7.77 -36.19
C ILE G 75 19.31 7.04 -36.66
N THR G 76 20.45 7.71 -36.59
CA THR G 76 21.69 7.18 -37.11
C THR G 76 22.37 6.30 -36.07
N ASN G 77 23.59 5.86 -36.35
CA ASN G 77 24.39 5.07 -35.44
C ASN G 77 25.64 5.85 -35.03
N LYS G 78 26.10 5.57 -33.81
CA LYS G 78 27.32 6.16 -33.29
C LYS G 78 28.30 5.07 -32.92
N LEU G 79 29.57 5.42 -32.88
CA LEU G 79 30.65 4.49 -32.60
C LEU G 79 31.32 4.85 -31.28
N PHE G 80 31.65 3.84 -30.48
CA PHE G 80 32.24 4.03 -29.18
C PHE G 80 33.44 3.11 -29.01
N GLU G 81 34.44 3.57 -28.26
CA GLU G 81 35.64 2.79 -28.03
C GLU G 81 36.30 3.23 -26.73
N SER G 82 37.04 2.30 -26.13
CA SER G 82 37.89 2.59 -24.98
C SER G 82 39.10 1.67 -25.05
N THR G 83 40.28 2.26 -24.99
CA THR G 83 41.52 1.51 -25.14
C THR G 83 42.54 1.96 -24.10
N VAL G 84 43.44 1.06 -23.73
CA VAL G 84 44.49 1.32 -22.76
C VAL G 84 45.81 0.85 -23.34
N GLY G 85 46.82 1.71 -23.29
CA GLY G 85 48.15 1.38 -23.75
C GLY G 85 48.99 0.82 -22.62
N VAL G 86 49.61 -0.33 -22.87
CA VAL G 86 50.40 -1.04 -21.87
C VAL G 86 51.73 -1.45 -22.49
N LYS G 87 52.73 -1.62 -21.63
CA LYS G 87 54.03 -2.10 -22.08
C LYS G 87 54.01 -3.61 -22.21
N ARG G 88 54.58 -4.10 -23.31
CA ARG G 88 54.58 -5.55 -23.55
C ARG G 88 55.38 -6.27 -22.48
N THR G 89 56.55 -5.75 -22.13
CA THR G 89 57.41 -6.44 -21.17
C THR G 89 56.76 -6.52 -19.79
N ASP G 90 55.94 -5.53 -19.43
CA ASP G 90 55.43 -5.46 -18.08
C ASP G 90 54.44 -6.58 -17.79
N ILE G 91 53.65 -6.98 -18.78
CA ILE G 91 52.62 -8.00 -18.53
C ILE G 91 53.26 -9.32 -18.15
N GLU G 92 54.37 -9.69 -18.77
CA GLU G 92 55.07 -10.89 -18.35
C GLU G 92 55.86 -10.67 -17.07
N ASP G 93 56.32 -9.44 -16.82
CA ASP G 93 57.13 -9.14 -15.64
C ASP G 93 56.21 -8.89 -14.45
N ASP G 94 55.53 -9.97 -14.04
CA ASP G 94 54.66 -9.91 -12.88
C ASP G 94 54.53 -11.32 -12.30
N ASN G 95 54.32 -11.39 -10.99
CA ASN G 95 54.20 -12.67 -10.29
C ASN G 95 52.88 -12.85 -9.58
N LEU G 96 52.11 -11.79 -9.33
CA LEU G 96 50.84 -11.88 -8.63
C LEU G 96 49.65 -12.03 -9.58
N GLY G 97 49.89 -12.18 -10.88
CA GLY G 97 48.80 -12.33 -11.83
C GLY G 97 47.95 -11.08 -11.97
N VAL G 98 48.58 -9.90 -11.99
CA VAL G 98 47.88 -8.65 -12.14
C VAL G 98 48.53 -7.89 -13.28
N TYR G 99 47.81 -6.91 -13.83
CA TYR G 99 48.22 -6.10 -14.98
C TYR G 99 48.05 -6.92 -16.25
N GLY G 100 47.67 -8.19 -16.15
CA GLY G 100 47.35 -9.01 -17.29
C GLY G 100 45.85 -9.13 -17.52
N PRO G 101 45.09 -9.39 -16.45
CA PRO G 101 43.62 -9.39 -16.59
C PRO G 101 43.04 -8.04 -16.97
N LEU G 102 43.80 -6.95 -16.82
CA LEU G 102 43.28 -5.63 -17.16
C LEU G 102 42.96 -5.53 -18.64
N MET G 103 43.77 -6.15 -19.50
CA MET G 103 43.48 -6.12 -20.93
C MET G 103 42.17 -6.83 -21.23
N GLN G 104 41.85 -7.90 -20.51
CA GLN G 104 40.56 -8.55 -20.68
C GLN G 104 39.42 -7.78 -20.02
N GLU G 105 39.74 -6.86 -19.10
CA GLU G 105 38.71 -6.05 -18.46
C GLU G 105 37.93 -5.22 -19.46
N MET G 106 38.48 -5.02 -20.67
CA MET G 106 37.72 -4.35 -21.72
C MET G 106 36.43 -5.09 -22.02
N GLY G 107 36.40 -6.41 -21.82
CA GLY G 107 35.15 -7.14 -21.97
C GLY G 107 34.10 -6.70 -20.97
N ARG G 108 34.49 -6.54 -19.70
CA ARG G 108 33.56 -6.02 -18.71
C ARG G 108 33.10 -4.61 -19.06
N ALA G 109 34.04 -3.78 -19.52
CA ALA G 109 33.67 -2.42 -19.91
C ALA G 109 32.65 -2.43 -21.04
N ALA G 110 32.86 -3.27 -22.05
CA ALA G 110 31.92 -3.36 -23.17
C ALA G 110 30.58 -3.90 -22.69
N GLY G 111 30.58 -4.87 -21.79
CA GLY G 111 29.33 -5.39 -21.26
C GLY G 111 28.54 -4.31 -20.54
N ALA G 112 29.24 -3.43 -19.81
CA ALA G 112 28.57 -2.33 -19.14
C ALA G 112 28.18 -1.19 -20.08
N HIS G 113 28.80 -1.12 -21.26
CA HIS G 113 28.55 -0.02 -22.18
C HIS G 113 27.07 0.14 -22.55
N PRO G 114 26.34 -0.91 -22.96
CA PRO G 114 24.96 -0.68 -23.42
C PRO G 114 24.07 -0.02 -22.37
N ASP G 115 24.23 -0.37 -21.10
CA ASP G 115 23.47 0.30 -20.05
C ASP G 115 23.78 1.79 -20.03
N GLU G 116 25.07 2.13 -20.13
CA GLU G 116 25.47 3.53 -20.12
C GLU G 116 24.86 4.27 -21.30
N LEU G 117 24.88 3.66 -22.48
CA LEU G 117 24.33 4.32 -23.67
C LEU G 117 22.83 4.53 -23.53
N VAL G 118 22.10 3.50 -23.11
CA VAL G 118 20.66 3.60 -23.00
C VAL G 118 20.28 4.66 -21.97
N PHE G 119 20.96 4.67 -20.82
CA PHE G 119 20.61 5.63 -19.78
C PHE G 119 21.08 7.04 -20.11
N ALA G 120 22.15 7.19 -20.91
CA ALA G 120 22.50 8.50 -21.41
C ALA G 120 21.42 9.03 -22.33
N LEU G 121 20.88 8.18 -23.21
CA LEU G 121 19.75 8.60 -24.03
C LEU G 121 18.54 8.93 -23.17
N LEU G 122 18.32 8.16 -22.10
CA LEU G 122 17.23 8.46 -21.18
C LEU G 122 17.41 9.85 -20.57
N LYS G 123 18.62 10.17 -20.13
CA LYS G 123 18.91 11.51 -19.62
C LYS G 123 18.59 12.55 -20.69
N ALA G 124 19.05 12.32 -21.92
CA ALA G 124 18.81 13.26 -23.00
C ALA G 124 17.35 13.32 -23.42
N GLY G 125 16.52 12.39 -22.94
CA GLY G 125 15.11 12.35 -23.31
C GLY G 125 14.44 13.70 -23.37
N ASN G 126 14.62 14.51 -22.34
CA ASN G 126 14.05 15.87 -22.35
C ASN G 126 14.67 16.70 -23.47
N ALA G 127 15.98 16.61 -23.65
CA ALA G 127 16.65 17.39 -24.68
C ALA G 127 16.41 16.82 -26.08
N ASN G 128 16.50 15.49 -26.23
CA ASN G 128 16.42 14.87 -27.53
C ASN G 128 14.98 14.88 -28.05
N LEU G 129 14.87 14.67 -29.36
CA LEU G 129 13.59 14.75 -30.06
C LEU G 129 13.13 13.37 -30.49
N CYS G 130 11.83 13.14 -30.44
CA CYS G 130 11.23 11.89 -30.86
C CYS G 130 10.71 12.03 -32.30
N TYR G 131 9.98 11.01 -32.76
CA TYR G 131 9.48 11.02 -34.13
C TYR G 131 8.53 12.18 -34.39
N ASP G 132 7.81 12.63 -33.35
CA ASP G 132 6.89 13.75 -33.54
C ASP G 132 7.58 15.02 -33.96
N GLY G 133 8.91 15.12 -33.74
CA GLY G 133 9.63 16.35 -33.97
C GLY G 133 9.80 17.19 -32.74
N GLN G 134 9.08 16.90 -31.66
CA GLN G 134 9.24 17.57 -30.38
C GLN G 134 10.13 16.72 -29.48
N ASN G 135 10.43 17.25 -28.31
CA ASN G 135 11.24 16.51 -27.34
C ASN G 135 10.48 15.27 -26.88
N PHE G 136 11.24 14.23 -26.51
CA PHE G 136 10.62 12.98 -26.08
C PHE G 136 9.68 13.23 -24.90
N PHE G 137 10.15 13.97 -23.91
CA PHE G 137 9.32 14.38 -22.77
C PHE G 137 8.96 15.85 -22.99
N ASP G 138 7.90 16.08 -23.73
CA ASP G 138 7.45 17.43 -24.08
C ASP G 138 5.99 17.58 -23.70
N THR G 139 5.62 18.82 -23.38
CA THR G 139 4.25 19.16 -23.01
C THR G 139 3.40 19.57 -24.21
N ASP G 140 3.95 19.52 -25.42
CA ASP G 140 3.26 19.96 -26.63
C ASP G 140 3.38 18.90 -27.72
N HIS G 141 3.10 17.65 -27.36
CA HIS G 141 3.13 16.58 -28.34
C HIS G 141 1.97 16.75 -29.32
N PRO G 142 2.23 16.81 -30.63
CA PRO G 142 1.16 17.08 -31.60
C PRO G 142 0.34 15.84 -31.91
N VAL G 143 -0.92 15.86 -31.52
CA VAL G 143 -1.87 14.83 -31.91
C VAL G 143 -2.72 15.41 -33.03
N TYR G 144 -3.40 14.54 -33.78
CA TYR G 144 -4.09 14.96 -35.00
C TYR G 144 -4.97 16.18 -34.75
N PRO G 145 -5.98 16.12 -33.88
CA PRO G 145 -6.87 17.28 -33.72
C PRO G 145 -6.29 18.35 -32.79
N ASN G 146 -5.57 17.93 -31.76
CA ASN G 146 -5.09 18.86 -30.73
C ASN G 146 -3.67 18.45 -30.34
N VAL G 147 -3.16 19.05 -29.27
CA VAL G 147 -1.80 18.84 -28.81
C VAL G 147 -1.84 18.26 -27.40
N ASP G 148 -1.09 17.18 -27.18
CA ASP G 148 -0.99 16.54 -25.89
C ASP G 148 0.30 16.95 -25.20
N GLY G 149 0.47 16.48 -23.96
CA GLY G 149 1.65 16.79 -23.19
C GLY G 149 2.04 15.69 -22.23
N THR G 150 3.31 15.28 -22.27
CA THR G 150 3.82 14.22 -21.41
C THR G 150 5.01 14.67 -20.57
N GLY G 151 5.36 15.95 -20.61
CA GLY G 151 6.49 16.45 -19.86
C GLY G 151 6.11 16.99 -18.50
N PHE G 160 13.43 14.56 -10.04
CA PHE G 160 14.88 14.48 -10.16
C PHE G 160 15.26 13.88 -11.52
N ALA G 161 14.85 12.63 -11.75
CA ALA G 161 15.09 11.95 -13.02
C ALA G 161 14.10 10.81 -13.17
N PRO G 162 12.81 11.11 -13.33
CA PRO G 162 11.79 10.06 -13.37
C PRO G 162 11.46 9.59 -14.78
N ALA G 163 10.77 8.44 -14.84
CA ALA G 163 10.23 7.94 -16.09
C ALA G 163 9.24 6.81 -15.82
N ALA G 164 8.04 6.93 -16.36
CA ALA G 164 7.01 5.89 -16.25
C ALA G 164 6.87 5.22 -17.62
N ASP G 165 7.08 3.91 -17.66
CA ASP G 165 7.14 3.17 -18.90
C ASP G 165 6.29 1.91 -18.82
N PRO G 166 5.74 1.45 -19.95
CA PRO G 166 5.19 0.09 -20.00
C PRO G 166 6.28 -0.94 -20.23
N GLY G 167 6.00 -2.16 -19.77
CA GLY G 167 6.93 -3.26 -19.94
C GLY G 167 6.33 -4.44 -20.68
N ALA G 168 5.02 -4.59 -20.60
CA ALA G 168 4.32 -5.71 -21.23
C ALA G 168 3.87 -5.41 -22.65
N ALA G 169 4.09 -4.19 -23.14
CA ALA G 169 3.69 -3.85 -24.49
C ALA G 169 4.60 -4.52 -25.52
N TRP G 170 4.12 -4.58 -26.76
CA TRP G 170 4.91 -5.15 -27.84
C TRP G 170 6.16 -4.34 -28.12
N TYR G 171 6.23 -3.11 -27.62
CA TYR G 171 7.40 -2.26 -27.75
C TYR G 171 7.90 -1.88 -26.36
N LEU G 172 9.21 -1.78 -26.23
CA LEU G 172 9.84 -1.32 -25.00
C LEU G 172 10.44 0.07 -25.23
N LEU G 173 10.20 0.98 -24.30
CA LEU G 173 10.69 2.34 -24.46
C LEU G 173 12.21 2.37 -24.45
N ASP G 174 12.78 3.38 -25.10
CA ASP G 174 14.23 3.57 -25.12
C ASP G 174 14.95 2.32 -25.64
N THR G 175 14.42 1.75 -26.72
CA THR G 175 14.99 0.50 -27.24
C THR G 175 16.44 0.70 -27.65
N SER G 176 17.27 -0.30 -27.34
CA SER G 176 18.68 -0.28 -27.66
C SER G 176 18.92 -0.89 -29.04
N ARG G 177 20.20 -0.98 -29.42
CA ARG G 177 20.56 -1.52 -30.74
C ARG G 177 21.94 -2.17 -30.62
N SER G 178 21.97 -3.49 -30.41
CA SER G 178 23.23 -4.23 -30.37
C SER G 178 23.61 -4.61 -31.80
N LEU G 179 24.00 -3.58 -32.56
CA LEU G 179 24.26 -3.77 -33.98
C LEU G 179 25.41 -4.73 -34.21
N LYS G 180 26.49 -4.59 -33.43
CA LYS G 180 27.62 -5.50 -33.50
C LYS G 180 27.99 -5.96 -32.10
N PRO G 181 28.58 -7.14 -31.97
CA PRO G 181 28.92 -7.65 -30.62
C PRO G 181 30.07 -6.89 -29.99
N LEU G 182 30.40 -7.26 -28.75
CA LEU G 182 31.51 -6.65 -28.03
C LEU G 182 32.85 -7.18 -28.52
N ILE G 183 33.11 -6.95 -29.81
CA ILE G 183 34.32 -7.48 -30.42
C ILE G 183 35.53 -6.97 -29.66
N TYR G 184 36.54 -7.84 -29.52
CA TYR G 184 37.76 -7.52 -28.79
C TYR G 184 38.84 -7.14 -29.78
N GLN G 185 39.39 -5.93 -29.62
CA GLN G 185 40.45 -5.42 -30.47
C GLN G 185 41.75 -5.41 -29.67
N GLU G 186 42.82 -5.97 -30.26
CA GLU G 186 44.05 -6.22 -29.53
C GLU G 186 45.26 -5.87 -30.38
N ARG G 187 46.38 -5.61 -29.69
CA ARG G 187 47.66 -5.25 -30.30
C ARG G 187 48.74 -6.12 -29.63
N MET G 188 48.95 -7.32 -30.15
CA MET G 188 49.76 -8.31 -29.45
C MET G 188 51.23 -8.27 -29.84
N LYS G 189 51.55 -8.61 -31.08
CA LYS G 189 52.93 -8.78 -31.50
C LYS G 189 52.95 -9.05 -33.01
N PRO G 190 54.07 -8.71 -33.72
CA PRO G 190 54.03 -8.57 -35.18
C PRO G 190 52.66 -8.54 -35.84
N SER G 191 51.75 -7.74 -35.29
CA SER G 191 50.50 -7.39 -35.95
C SER G 191 50.33 -5.89 -36.14
N PHE G 192 51.08 -5.08 -35.41
CA PHE G 192 51.07 -3.63 -35.48
C PHE G 192 52.51 -3.12 -35.48
N THR G 193 52.68 -1.84 -35.84
CA THR G 193 54.01 -1.25 -35.82
C THR G 193 54.40 -0.67 -34.47
N SER G 194 53.48 -0.69 -33.49
CA SER G 194 53.76 -0.11 -32.19
C SER G 194 54.82 -0.88 -31.43
N MET G 195 55.21 -2.06 -31.93
CA MET G 195 56.00 -3.02 -31.18
C MET G 195 57.31 -3.39 -31.85
N THR G 196 57.53 -2.99 -33.11
CA THR G 196 58.82 -3.15 -33.77
C THR G 196 59.47 -1.81 -34.08
N LYS G 197 58.82 -0.94 -34.83
CA LYS G 197 59.36 0.39 -35.10
C LYS G 197 58.84 1.41 -34.10
N GLU G 198 58.88 1.05 -32.83
CA GLU G 198 58.30 1.85 -31.74
C GLU G 198 58.73 1.18 -30.43
N ASP G 199 58.22 1.71 -29.32
CA ASP G 199 58.46 1.09 -28.02
C ASP G 199 57.76 -0.26 -27.95
N ASP G 200 57.91 -0.94 -26.82
CA ASP G 200 57.23 -2.22 -26.59
C ASP G 200 55.82 -1.98 -26.03
N GLU G 201 55.03 -1.25 -26.80
CA GLU G 201 53.69 -0.84 -26.39
C GLU G 201 52.64 -1.77 -26.97
N GLN G 202 51.59 -2.02 -26.19
CA GLN G 202 50.42 -2.76 -26.62
C GLN G 202 49.16 -2.06 -26.14
N VAL G 203 48.16 -1.98 -27.01
CA VAL G 203 46.88 -1.38 -26.65
C VAL G 203 45.80 -2.45 -26.77
N PHE G 204 44.83 -2.38 -25.86
CA PHE G 204 43.69 -3.28 -25.86
C PHE G 204 42.43 -2.44 -25.89
N MET G 205 41.53 -2.76 -26.82
CA MET G 205 40.39 -1.91 -27.13
C MET G 205 39.14 -2.77 -27.29
N ALA G 206 37.99 -2.14 -27.06
CA ALA G 206 36.68 -2.76 -27.23
C ALA G 206 35.84 -1.86 -28.13
N ASP G 207 35.67 -2.27 -29.39
CA ASP G 207 34.89 -1.48 -30.34
C ASP G 207 33.40 -1.70 -30.12
N GLU G 208 32.62 -0.62 -30.24
CA GLU G 208 31.18 -0.68 -30.09
C GLU G 208 30.55 0.20 -31.17
N TYR G 209 29.44 -0.28 -31.73
CA TYR G 209 28.79 0.39 -32.86
C TYR G 209 27.28 0.43 -32.63
N ARG G 210 26.89 0.84 -31.41
CA ARG G 210 25.50 0.81 -30.97
C ARG G 210 24.97 2.22 -30.79
N TYR G 211 23.67 2.31 -30.48
CA TYR G 211 23.05 3.58 -30.16
C TYR G 211 21.62 3.32 -29.69
N GLY G 212 21.14 4.16 -28.78
CA GLY G 212 19.77 4.07 -28.31
C GLY G 212 18.79 4.70 -29.29
N VAL G 213 17.51 4.62 -28.92
CA VAL G 213 16.43 5.11 -29.76
C VAL G 213 15.36 5.75 -28.88
N ARG G 214 14.75 6.82 -29.38
CA ARG G 214 13.55 7.41 -28.79
C ARG G 214 12.36 6.74 -29.45
N SER G 215 11.80 5.72 -28.81
CA SER G 215 10.82 4.87 -29.48
C SER G 215 9.43 5.50 -29.52
N ARG G 216 8.84 5.72 -28.36
CA ARG G 216 7.46 6.21 -28.26
C ARG G 216 7.42 7.35 -27.25
N CYS G 217 7.27 8.58 -27.75
CA CYS G 217 7.16 9.74 -26.89
C CYS G 217 5.73 10.02 -26.44
N ASN G 218 4.77 9.24 -26.92
CA ASN G 218 3.37 9.37 -26.52
C ASN G 218 2.98 8.39 -25.43
N VAL G 219 3.96 7.67 -24.87
CA VAL G 219 3.69 6.70 -23.80
C VAL G 219 4.65 6.94 -22.64
N GLY G 220 5.65 7.80 -22.84
CA GLY G 220 6.61 8.13 -21.79
C GLY G 220 6.27 9.46 -21.16
N PHE G 221 6.41 9.51 -19.82
CA PHE G 221 6.16 10.72 -19.06
C PHE G 221 7.33 10.97 -18.12
N GLY G 222 7.71 12.24 -17.96
CA GLY G 222 8.79 12.60 -17.06
C GLY G 222 8.57 13.93 -16.39
N PHE G 223 9.64 14.53 -15.86
CA PHE G 223 9.57 15.84 -15.23
C PHE G 223 8.62 15.82 -14.03
N TRP G 224 8.97 15.05 -13.02
CA TRP G 224 8.16 14.91 -11.83
C TRP G 224 8.77 15.71 -10.69
N GLN G 225 7.91 16.19 -9.80
CA GLN G 225 8.32 16.54 -8.44
C GLN G 225 8.09 15.35 -7.50
N LEU G 226 8.60 14.19 -7.91
CA LEU G 226 8.22 12.90 -7.31
C LEU G 226 8.21 13.02 -5.80
N ALA G 227 7.05 12.77 -5.19
CA ALA G 227 6.89 12.97 -3.76
C ALA G 227 5.82 12.03 -3.23
N ALA G 228 5.80 11.88 -1.91
CA ALA G 228 4.88 10.99 -1.21
C ALA G 228 4.49 11.66 0.11
N MET G 229 3.35 12.35 0.13
CA MET G 229 2.88 12.97 1.36
C MET G 229 1.47 13.50 1.15
N SER G 230 0.64 13.36 2.19
CA SER G 230 -0.69 13.95 2.25
C SER G 230 -1.70 13.24 1.37
N THR G 231 -1.24 12.32 0.52
CA THR G 231 -2.10 11.48 -0.32
C THR G 231 -3.13 12.30 -1.08
N GLU G 232 -2.96 13.62 -1.13
CA GLU G 232 -3.89 14.49 -1.86
C GLU G 232 -3.21 15.61 -2.63
N GLU G 233 -1.95 15.94 -2.36
CA GLU G 233 -1.29 17.09 -2.96
C GLU G 233 0.05 16.75 -3.60
N LEU G 234 0.82 15.85 -3.00
CA LEU G 234 2.15 15.50 -3.51
C LEU G 234 2.12 14.27 -4.40
N ASN G 235 1.64 13.15 -3.88
CA ASN G 235 1.57 11.93 -4.70
C ASN G 235 0.29 11.89 -5.51
N GLN G 236 -0.84 12.22 -4.88
CA GLN G 236 -2.13 12.19 -5.57
C GLN G 236 -2.16 13.15 -6.76
N VAL G 237 -1.32 14.18 -6.75
CA VAL G 237 -1.34 15.21 -7.79
C VAL G 237 -0.15 15.11 -8.73
N ASN G 238 0.86 14.30 -8.42
CA ASN G 238 2.01 14.12 -9.31
C ASN G 238 2.10 12.71 -9.85
N PHE G 239 2.27 11.69 -8.99
CA PHE G 239 2.42 10.33 -9.49
C PHE G 239 1.10 9.81 -10.04
N GLU G 240 0.00 10.06 -9.32
CA GLU G 240 -1.30 9.68 -9.84
C GLU G 240 -1.70 10.56 -11.02
N LYS G 241 -1.19 11.79 -11.07
CA LYS G 241 -1.39 12.62 -12.25
C LYS G 241 -0.73 11.97 -13.47
N VAL G 242 0.48 11.45 -13.31
CA VAL G 242 1.15 10.76 -14.41
C VAL G 242 0.39 9.50 -14.76
N TYR G 243 -0.09 8.77 -13.76
CA TYR G 243 -0.92 7.59 -13.99
C TYR G 243 -2.10 7.93 -14.89
N ASP G 244 -2.85 8.98 -14.51
CA ASP G 244 -4.03 9.37 -15.28
C ASP G 244 -3.64 9.84 -16.68
N ALA G 245 -2.56 10.62 -16.80
CA ALA G 245 -2.16 11.11 -18.10
C ALA G 245 -1.77 9.96 -19.03
N MET G 246 -0.99 9.01 -18.52
CA MET G 246 -0.58 7.86 -19.33
C MET G 246 -1.78 7.03 -19.74
N ARG G 247 -2.72 6.80 -18.81
CA ARG G 247 -3.89 5.99 -19.14
C ARG G 247 -4.93 6.75 -19.95
N ASN G 248 -4.80 8.06 -20.08
CA ASN G 248 -5.71 8.88 -20.88
C ASN G 248 -5.20 9.17 -22.27
N GLN G 249 -4.04 8.63 -22.64
CA GLN G 249 -3.49 8.90 -23.97
C GLN G 249 -4.42 8.36 -25.03
N LYS G 250 -4.67 9.17 -26.06
CA LYS G 250 -5.58 8.82 -27.14
C LYS G 250 -4.83 8.83 -28.46
N ALA G 251 -5.05 7.80 -29.28
CA ALA G 251 -4.41 7.69 -30.58
C ALA G 251 -5.27 8.38 -31.63
N ASP G 252 -4.93 8.20 -32.91
CA ASP G 252 -5.74 8.75 -33.98
C ASP G 252 -7.14 8.15 -33.93
N GLY G 253 -8.15 8.99 -34.12
CA GLY G 253 -9.54 8.58 -34.03
C GLY G 253 -10.12 8.63 -32.64
N GLY G 254 -9.33 8.98 -31.62
CA GLY G 254 -9.82 9.11 -30.27
C GLY G 254 -9.83 7.83 -29.45
N ARG G 255 -9.30 6.74 -29.99
CA ARG G 255 -9.24 5.49 -29.23
C ARG G 255 -8.08 5.53 -28.23
N PRO G 256 -8.12 4.70 -27.20
CA PRO G 256 -7.03 4.66 -26.23
C PRO G 256 -5.86 3.82 -26.73
N LEU G 257 -4.68 4.12 -26.20
CA LEU G 257 -3.47 3.40 -26.53
C LEU G 257 -3.29 2.14 -25.69
N ASP G 258 -4.18 1.88 -24.73
CA ASP G 258 -4.03 0.75 -23.81
C ASP G 258 -2.73 0.86 -23.02
N ILE G 259 -2.40 2.08 -22.61
CA ILE G 259 -1.19 2.30 -21.82
C ILE G 259 -1.38 1.70 -20.44
N ARG G 260 -0.43 0.86 -20.03
CA ARG G 260 -0.46 0.18 -18.74
C ARG G 260 0.86 0.45 -18.03
N PRO G 261 1.00 1.61 -17.40
CA PRO G 261 2.26 1.93 -16.72
C PRO G 261 2.58 0.89 -15.66
N ASN G 262 3.70 0.19 -15.85
CA ASN G 262 4.18 -0.81 -14.90
C ASN G 262 5.66 -0.71 -14.60
N LEU G 263 6.40 0.16 -15.28
CA LEU G 263 7.82 0.37 -15.02
C LEU G 263 8.02 1.77 -14.48
N LEU G 264 8.73 1.87 -13.36
CA LEU G 264 9.15 3.14 -12.79
C LEU G 264 10.67 3.09 -12.63
N VAL G 265 11.37 4.00 -13.31
CA VAL G 265 12.83 4.06 -13.27
C VAL G 265 13.21 5.37 -12.60
N VAL G 266 14.01 5.28 -11.54
CA VAL G 266 14.50 6.45 -10.83
C VAL G 266 15.93 6.21 -10.39
N PRO G 267 16.69 7.27 -10.17
CA PRO G 267 18.06 7.11 -9.67
C PRO G 267 18.07 6.67 -8.21
N THR G 268 19.27 6.38 -7.68
CA THR G 268 19.37 5.87 -6.32
C THR G 268 18.83 6.87 -5.30
N THR G 269 18.86 8.16 -5.63
CA THR G 269 18.42 9.17 -4.68
C THR G 269 16.93 9.05 -4.38
N LEU G 270 16.13 8.60 -5.35
CA LEU G 270 14.69 8.49 -5.20
C LEU G 270 14.24 7.06 -4.93
N ARG G 271 15.17 6.14 -4.64
CA ARG G 271 14.80 4.73 -4.50
C ARG G 271 13.84 4.53 -3.32
N SER G 272 14.20 5.07 -2.15
CA SER G 272 13.38 4.85 -0.97
C SER G 272 12.00 5.48 -1.13
N LYS G 273 11.94 6.68 -1.71
CA LYS G 273 10.67 7.37 -1.85
C LYS G 273 9.79 6.70 -2.90
N ALA G 274 10.39 6.14 -3.96
CA ALA G 274 9.64 5.34 -4.91
C ALA G 274 9.11 4.07 -4.25
N LYS G 275 9.93 3.43 -3.40
CA LYS G 275 9.46 2.26 -2.67
C LYS G 275 8.29 2.62 -1.75
N GLU G 276 8.36 3.80 -1.13
CA GLU G 276 7.24 4.24 -0.30
C GLU G 276 6.00 4.46 -1.14
N VAL G 277 6.15 5.04 -2.33
CA VAL G 277 5.00 5.23 -3.20
C VAL G 277 4.40 3.89 -3.58
N VAL G 278 5.24 2.89 -3.85
CA VAL G 278 4.80 1.56 -4.25
C VAL G 278 5.43 0.56 -3.29
N GLY G 279 4.62 0.03 -2.37
CA GLY G 279 5.10 -0.99 -1.45
C GLY G 279 4.55 -0.89 -0.04
N VAL G 280 4.10 0.28 0.38
CA VAL G 280 3.56 0.50 1.72
C VAL G 280 2.16 1.05 1.61
N GLN G 281 1.26 0.54 2.47
CA GLN G 281 -0.15 0.91 2.39
C GLN G 281 -0.37 2.38 2.70
N ARG G 282 0.45 2.96 3.58
CA ARG G 282 0.34 4.35 3.98
C ARG G 282 1.46 5.14 3.34
N LEU G 283 1.16 6.36 2.88
CA LEU G 283 2.10 7.06 2.01
C LEU G 283 3.20 7.75 2.81
N ALA G 284 2.87 8.79 3.56
CA ALA G 284 3.85 9.40 4.45
C ALA G 284 3.27 9.98 5.73
N ASN G 285 1.97 9.85 5.98
CA ASN G 285 1.38 10.43 7.17
C ASN G 285 0.34 9.52 7.82
N GLY G 286 0.18 8.29 7.33
CA GLY G 286 -0.85 7.41 7.81
C GLY G 286 -2.21 7.61 7.17
N ALA G 287 -2.29 8.34 6.06
CA ALA G 287 -3.58 8.57 5.42
C ALA G 287 -3.97 7.38 4.53
N ASP G 288 -3.18 7.12 3.49
CA ASP G 288 -3.44 6.04 2.54
C ASP G 288 -2.33 6.06 1.50
N ASN G 289 -2.35 5.04 0.63
CA ASN G 289 -1.43 4.98 -0.50
C ASN G 289 -2.14 4.28 -1.65
N PRO G 290 -2.81 5.05 -2.52
CA PRO G 290 -3.54 4.42 -3.63
C PRO G 290 -2.65 3.67 -4.60
N ASN G 291 -1.36 3.98 -4.65
CA ASN G 291 -0.43 3.44 -5.63
C ASN G 291 0.42 2.31 -5.07
N PHE G 292 -0.14 1.48 -4.20
CA PHE G 292 0.57 0.34 -3.64
C PHE G 292 0.42 -0.86 -4.56
N GLU G 293 1.55 -1.38 -5.06
CA GLU G 293 1.57 -2.55 -5.94
C GLU G 293 0.83 -2.27 -7.25
N LEU G 294 1.06 -1.09 -7.80
CA LEU G 294 0.58 -0.71 -9.14
C LEU G 294 1.69 -0.58 -10.16
N VAL G 295 2.85 -0.05 -9.77
CA VAL G 295 4.01 0.05 -10.64
C VAL G 295 5.22 -0.42 -9.85
N GLN G 296 5.90 -1.44 -10.38
CA GLN G 296 7.09 -1.98 -9.71
C GLN G 296 8.31 -1.19 -10.17
N VAL G 297 9.09 -0.73 -9.19
CA VAL G 297 10.21 0.19 -9.43
C VAL G 297 11.50 -0.61 -9.46
N LEU G 298 12.34 -0.32 -10.45
CA LEU G 298 13.69 -0.88 -10.54
C LEU G 298 14.70 0.24 -10.33
N ASP G 299 15.62 0.04 -9.40
CA ASP G 299 16.60 1.06 -9.06
C ASP G 299 17.75 1.04 -10.07
N THR G 300 18.37 2.20 -10.23
CA THR G 300 19.50 2.35 -11.14
C THR G 300 20.27 3.61 -10.76
N ALA G 301 21.47 3.74 -11.30
CA ALA G 301 22.32 4.88 -11.03
C ALA G 301 22.95 5.49 -12.30
N TRP G 302 22.73 4.87 -13.47
CA TRP G 302 23.34 5.39 -14.68
C TRP G 302 22.85 6.77 -15.05
N LEU G 303 21.67 7.16 -14.58
CA LEU G 303 21.10 8.48 -14.88
C LEU G 303 21.27 9.38 -13.67
N ASN G 304 21.89 10.53 -13.88
CA ASN G 304 22.13 11.50 -12.82
C ASN G 304 22.95 10.90 -11.67
N ALA H 2 -30.52 -14.60 -116.91
CA ALA H 2 -29.26 -14.90 -116.25
C ALA H 2 -29.29 -16.30 -115.63
N ILE H 3 -28.12 -16.91 -115.52
CA ILE H 3 -28.04 -18.26 -114.97
C ILE H 3 -28.49 -18.26 -113.51
N ILE H 4 -28.03 -17.30 -112.74
CA ILE H 4 -28.46 -17.10 -111.35
C ILE H 4 -28.91 -15.65 -111.25
N THR H 5 -30.20 -15.42 -111.49
CA THR H 5 -30.71 -14.04 -111.42
C THR H 5 -30.58 -13.43 -110.03
N PRO H 6 -30.83 -14.14 -108.93
CA PRO H 6 -30.52 -13.57 -107.61
C PRO H 6 -29.03 -13.57 -107.27
N ALA H 7 -28.18 -13.15 -108.21
CA ALA H 7 -26.76 -13.03 -107.88
C ALA H 7 -26.54 -12.01 -106.78
N LEU H 8 -27.33 -10.93 -106.79
CA LEU H 8 -27.18 -9.87 -105.80
C LEU H 8 -27.80 -10.28 -104.46
N ILE H 9 -28.92 -10.99 -104.48
CA ILE H 9 -29.60 -11.35 -103.23
C ILE H 9 -28.73 -12.28 -102.41
N SER H 10 -28.14 -13.29 -103.04
CA SER H 10 -27.22 -14.21 -102.35
C SER H 10 -25.78 -13.67 -102.45
N ALA H 11 -25.60 -12.46 -101.94
CA ALA H 11 -24.32 -11.77 -102.01
C ALA H 11 -23.50 -11.91 -100.73
N LEU H 12 -23.64 -13.05 -100.04
CA LEU H 12 -22.84 -13.34 -98.86
C LEU H 12 -22.06 -14.64 -99.02
N LYS H 13 -21.68 -14.95 -100.26
CA LYS H 13 -20.81 -16.09 -100.53
C LYS H 13 -19.35 -15.80 -100.23
N THR H 14 -19.06 -14.66 -99.62
CA THR H 14 -17.69 -14.27 -99.31
C THR H 14 -17.14 -15.10 -98.15
N SER H 15 -15.81 -15.08 -98.02
CA SER H 15 -15.11 -15.75 -96.94
C SER H 15 -14.54 -14.72 -95.98
N PHE H 16 -14.69 -14.98 -94.69
CA PHE H 16 -14.17 -14.09 -93.66
C PHE H 16 -12.67 -14.31 -93.53
N GLN H 17 -11.89 -13.28 -93.85
CA GLN H 17 -10.44 -13.36 -93.87
C GLN H 17 -9.86 -12.60 -92.68
N LYS H 18 -8.89 -13.21 -92.01
CA LYS H 18 -8.28 -12.64 -90.82
C LYS H 18 -7.19 -11.63 -91.15
N HIS H 19 -6.87 -11.43 -92.42
CA HIS H 19 -5.77 -10.57 -92.81
C HIS H 19 -6.19 -9.10 -92.73
N PHE H 20 -5.25 -8.22 -93.07
CA PHE H 20 -5.42 -6.77 -92.93
C PHE H 20 -5.86 -6.42 -91.52
N GLN H 21 -5.10 -6.93 -90.55
CA GLN H 21 -5.42 -6.73 -89.14
C GLN H 21 -4.12 -6.69 -88.34
N ASP H 22 -4.19 -6.03 -87.18
CA ASP H 22 -3.16 -6.03 -86.14
C ASP H 22 -1.74 -6.09 -86.70
N ALA H 23 -1.44 -5.25 -87.68
CA ALA H 23 -0.08 -5.21 -88.23
C ALA H 23 0.51 -3.81 -88.28
N LEU H 24 -0.31 -2.79 -88.55
CA LEU H 24 0.22 -1.44 -88.71
C LEU H 24 0.89 -0.94 -87.43
N ALA H 25 0.60 -1.55 -86.29
CA ALA H 25 1.26 -1.21 -85.03
C ALA H 25 2.58 -1.96 -84.88
N THR H 26 3.43 -1.85 -85.91
CA THR H 26 4.73 -2.49 -85.93
C THR H 26 5.82 -1.43 -85.90
N ALA H 27 6.83 -1.65 -85.07
CA ALA H 27 7.90 -0.69 -84.88
C ALA H 27 9.25 -1.35 -85.11
N PRO H 28 10.26 -0.58 -85.53
CA PRO H 28 11.60 -1.17 -85.71
C PRO H 28 12.16 -1.77 -84.43
N SER H 29 11.78 -1.26 -83.27
CA SER H 29 12.27 -1.75 -81.99
C SER H 29 13.79 -1.59 -81.88
N THR H 30 14.22 -0.33 -81.94
CA THR H 30 15.63 0.03 -81.88
C THR H 30 16.05 0.55 -80.51
N TYR H 31 15.21 0.35 -79.48
CA TYR H 31 15.60 0.81 -78.15
C TYR H 31 16.69 -0.05 -77.53
N LEU H 32 16.90 -1.27 -78.06
CA LEU H 32 17.94 -2.13 -77.52
C LEU H 32 19.32 -1.51 -77.69
N GLN H 33 19.59 -0.93 -78.85
CA GLN H 33 20.91 -0.39 -79.16
C GLN H 33 21.11 1.04 -78.69
N VAL H 34 20.07 1.69 -78.16
CA VAL H 34 20.18 3.06 -77.67
C VAL H 34 19.62 3.14 -76.26
N ALA H 35 19.61 2.01 -75.54
CA ALA H 35 19.12 1.97 -74.17
C ALA H 35 19.32 0.56 -73.63
N THR H 36 19.31 0.45 -72.31
CA THR H 36 19.45 -0.82 -71.62
C THR H 36 18.32 -0.99 -70.62
N VAL H 37 17.89 -2.23 -70.43
CA VAL H 37 16.75 -2.55 -69.58
C VAL H 37 17.27 -2.88 -68.18
N ILE H 38 16.68 -2.24 -67.18
CA ILE H 38 17.02 -2.49 -65.78
C ILE H 38 15.74 -2.80 -65.02
N PRO H 39 15.39 -4.07 -64.86
CA PRO H 39 14.17 -4.40 -64.08
C PRO H 39 14.27 -3.86 -62.66
N SER H 40 13.14 -3.36 -62.16
CA SER H 40 13.06 -2.78 -60.82
C SER H 40 12.15 -3.56 -59.89
N THR H 41 10.92 -3.85 -60.32
CA THR H 41 9.96 -4.57 -59.48
C THR H 41 9.80 -3.88 -58.12
N THR H 42 9.73 -2.56 -58.14
CA THR H 42 9.65 -1.79 -56.91
C THR H 42 9.10 -0.40 -57.25
N ALA H 43 8.70 0.33 -56.20
CA ALA H 43 8.11 1.65 -56.39
C ALA H 43 9.05 2.55 -57.19
N SER H 44 10.32 2.60 -56.81
CA SER H 44 11.32 3.40 -57.50
C SER H 44 12.67 2.77 -57.24
N ASN H 45 13.74 3.49 -57.57
CA ASN H 45 15.08 2.96 -57.40
C ASN H 45 16.06 4.10 -57.16
N THR H 46 17.16 3.77 -56.48
CA THR H 46 18.27 4.67 -56.27
C THR H 46 19.55 4.00 -56.77
N TYR H 47 20.40 4.77 -57.44
CA TYR H 47 21.59 4.24 -58.09
C TYR H 47 22.84 4.69 -57.34
N GLY H 48 23.76 3.75 -57.13
CA GLY H 48 25.04 4.07 -56.52
C GLY H 48 26.10 4.35 -57.56
N TRP H 49 26.74 5.51 -57.47
CA TRP H 49 27.69 5.99 -58.47
C TRP H 49 29.08 6.13 -57.88
N LEU H 50 29.53 5.15 -57.12
CA LEU H 50 30.86 5.20 -56.54
C LEU H 50 31.90 5.44 -57.64
N GLY H 51 32.80 6.37 -57.40
CA GLY H 51 33.74 6.76 -58.43
C GLY H 51 34.55 5.59 -58.93
N GLN H 52 34.72 5.52 -60.25
CA GLN H 52 35.53 4.47 -60.85
C GLN H 52 36.95 4.52 -60.27
N PHE H 53 37.52 3.34 -60.05
CA PHE H 53 38.81 3.24 -59.39
C PHE H 53 39.86 4.03 -60.18
N PRO H 54 40.70 4.82 -59.53
CA PRO H 54 41.64 5.67 -60.27
C PRO H 54 42.72 4.85 -60.97
N LYS H 55 43.33 5.47 -61.98
CA LYS H 55 44.39 4.81 -62.73
C LYS H 55 45.56 4.49 -61.79
N LEU H 56 46.44 3.61 -62.26
CA LEU H 56 47.60 3.19 -61.49
C LEU H 56 48.74 4.15 -61.82
N ARG H 57 48.94 5.16 -60.97
CA ARG H 57 49.99 6.12 -61.19
C ARG H 57 51.33 5.57 -60.71
N GLU H 58 52.39 6.36 -60.90
CA GLU H 58 53.74 5.91 -60.60
C GLU H 58 53.96 5.84 -59.10
N TRP H 59 54.37 4.68 -58.61
CA TRP H 59 54.68 4.48 -57.19
C TRP H 59 56.19 4.39 -57.04
N ILE H 60 56.80 5.50 -56.63
CA ILE H 60 58.23 5.58 -56.39
C ILE H 60 58.53 6.01 -54.95
N GLY H 61 57.83 7.04 -54.46
CA GLY H 61 58.06 7.53 -53.12
C GLY H 61 57.11 6.98 -52.09
N GLN H 62 55.80 7.04 -52.37
CA GLN H 62 54.81 6.66 -51.37
C GLN H 62 53.47 6.45 -52.06
N ARG H 63 52.69 5.53 -51.51
CA ARG H 63 51.37 5.24 -52.07
C ARG H 63 50.41 6.40 -51.83
N VAL H 64 49.52 6.61 -52.81
CA VAL H 64 48.63 7.76 -52.86
C VAL H 64 47.22 7.27 -52.66
N ILE H 65 46.56 7.77 -51.62
CA ILE H 65 45.19 7.41 -51.30
C ILE H 65 44.25 8.32 -52.08
N LYS H 66 43.13 7.78 -52.53
CA LYS H 66 42.19 8.52 -53.37
C LYS H 66 40.77 8.39 -52.83
N ASP H 67 39.96 9.41 -53.12
CA ASP H 67 38.62 9.54 -52.55
C ASP H 67 37.54 8.80 -53.35
N MET H 68 37.85 8.35 -54.56
CA MET H 68 36.83 7.79 -55.47
C MET H 68 35.82 8.91 -55.73
N ALA H 69 34.52 8.66 -55.63
CA ALA H 69 33.49 9.67 -55.84
C ALA H 69 32.17 9.08 -55.39
N ALA H 70 31.11 9.88 -55.49
CA ALA H 70 29.78 9.44 -55.07
C ALA H 70 28.73 10.33 -55.70
N GLN H 71 27.81 9.74 -56.46
CA GLN H 71 26.68 10.44 -57.05
C GLN H 71 25.44 9.59 -56.88
N GLY H 72 24.27 10.24 -56.94
CA GLY H 72 23.01 9.55 -56.78
C GLY H 72 22.00 10.02 -57.81
N TYR H 73 21.03 9.16 -58.09
CA TYR H 73 20.01 9.44 -59.09
C TYR H 73 18.69 8.83 -58.62
N GLN H 74 17.74 9.69 -58.24
CA GLN H 74 16.41 9.27 -57.83
C GLN H 74 15.46 9.33 -59.02
N ILE H 75 14.57 8.35 -59.11
CA ILE H 75 13.64 8.24 -60.23
C ILE H 75 12.25 7.98 -59.69
N THR H 76 11.25 8.29 -60.52
CA THR H 76 9.85 8.07 -60.20
C THR H 76 9.21 7.20 -61.28
N ASN H 77 8.37 6.27 -60.86
CA ASN H 77 7.69 5.37 -61.77
C ASN H 77 6.41 6.01 -62.30
N LYS H 78 5.93 5.46 -63.42
CA LYS H 78 4.76 5.99 -64.10
C LYS H 78 3.91 4.85 -64.63
N LEU H 79 2.62 5.14 -64.84
CA LEU H 79 1.66 4.19 -65.38
C LEU H 79 1.26 4.61 -66.79
N PHE H 80 0.61 3.70 -67.51
CA PHE H 80 0.21 3.96 -68.88
C PHE H 80 -1.12 3.28 -69.19
N GLU H 81 -1.92 3.94 -70.02
CA GLU H 81 -3.25 3.44 -70.39
C GLU H 81 -3.16 2.38 -71.49
N SER H 82 -4.05 1.40 -71.41
CA SER H 82 -4.19 0.37 -72.43
C SER H 82 -5.65 0.03 -72.70
N THR H 83 -6.54 1.00 -72.56
CA THR H 83 -7.97 0.72 -72.54
C THR H 83 -8.58 0.79 -73.94
N VAL H 84 -9.63 -0.01 -74.15
CA VAL H 84 -10.34 -0.05 -75.42
C VAL H 84 -11.82 0.26 -75.18
N GLY H 85 -12.49 -0.56 -74.39
CA GLY H 85 -13.90 -0.33 -74.09
C GLY H 85 -14.82 -0.56 -75.27
N VAL H 86 -14.98 -1.82 -75.67
CA VAL H 86 -15.76 -2.19 -76.85
C VAL H 86 -17.06 -2.85 -76.41
N LYS H 87 -18.09 -2.68 -77.25
CA LYS H 87 -19.42 -3.20 -76.91
C LYS H 87 -19.37 -4.72 -76.73
N ARG H 88 -20.19 -5.20 -75.79
CA ARG H 88 -20.16 -6.62 -75.43
C ARG H 88 -20.69 -7.50 -76.56
N THR H 89 -21.69 -7.00 -77.31
CA THR H 89 -22.29 -7.83 -78.36
C THR H 89 -21.26 -8.23 -79.41
N ASP H 90 -20.33 -7.33 -79.73
CA ASP H 90 -19.31 -7.65 -80.73
C ASP H 90 -18.45 -8.82 -80.28
N ILE H 91 -18.03 -8.82 -79.01
CA ILE H 91 -17.19 -9.92 -78.52
C ILE H 91 -18.00 -11.20 -78.41
N GLU H 92 -19.21 -11.12 -77.86
CA GLU H 92 -20.05 -12.31 -77.76
C GLU H 92 -20.39 -12.84 -79.14
N ASP H 93 -20.73 -11.96 -80.07
CA ASP H 93 -21.02 -12.32 -81.44
C ASP H 93 -19.79 -12.30 -82.33
N ASP H 94 -18.61 -12.44 -81.74
CA ASP H 94 -17.37 -12.35 -82.50
C ASP H 94 -17.27 -13.50 -83.50
N ASN H 95 -16.73 -13.19 -84.68
CA ASN H 95 -16.46 -14.17 -85.72
C ASN H 95 -14.98 -14.12 -86.06
N LEU H 96 -14.59 -14.86 -87.11
CA LEU H 96 -13.19 -14.99 -87.47
C LEU H 96 -12.76 -13.77 -88.26
N GLY H 97 -11.86 -12.96 -87.67
CA GLY H 97 -11.27 -11.84 -88.38
C GLY H 97 -11.30 -10.52 -87.63
N VAL H 98 -12.36 -10.26 -86.88
CA VAL H 98 -12.56 -8.98 -86.21
C VAL H 98 -12.76 -9.22 -84.73
N TYR H 99 -12.12 -8.38 -83.91
CA TYR H 99 -12.20 -8.40 -82.45
C TYR H 99 -11.56 -9.64 -81.84
N GLY H 100 -11.00 -10.53 -82.65
CA GLY H 100 -10.30 -11.69 -82.16
C GLY H 100 -8.82 -11.43 -81.99
N PRO H 101 -8.18 -10.85 -83.02
CA PRO H 101 -6.77 -10.48 -82.90
C PRO H 101 -6.55 -9.22 -82.07
N LEU H 102 -7.60 -8.74 -81.40
CA LEU H 102 -7.45 -7.57 -80.54
C LEU H 102 -6.41 -7.81 -79.45
N MET H 103 -6.39 -9.02 -78.90
CA MET H 103 -5.35 -9.36 -77.93
C MET H 103 -3.97 -9.29 -78.56
N GLN H 104 -3.85 -9.67 -79.83
CA GLN H 104 -2.57 -9.54 -80.52
C GLN H 104 -2.19 -8.07 -80.66
N GLU H 105 -3.16 -7.21 -80.96
CA GLU H 105 -2.87 -5.77 -81.00
C GLU H 105 -2.39 -5.27 -79.65
N MET H 106 -3.05 -5.71 -78.57
CA MET H 106 -2.63 -5.33 -77.24
C MET H 106 -1.19 -5.77 -76.97
N GLY H 107 -0.87 -7.01 -77.33
CA GLY H 107 0.48 -7.51 -77.10
C GLY H 107 1.52 -6.75 -77.89
N ARG H 108 1.21 -6.43 -79.15
CA ARG H 108 2.16 -5.67 -79.97
C ARG H 108 2.36 -4.27 -79.40
N ALA H 109 1.28 -3.62 -78.96
CA ALA H 109 1.42 -2.30 -78.36
C ALA H 109 2.25 -2.37 -77.08
N ALA H 110 2.01 -3.38 -76.26
CA ALA H 110 2.80 -3.54 -75.03
C ALA H 110 4.27 -3.76 -75.35
N GLY H 111 4.55 -4.58 -76.36
CA GLY H 111 5.94 -4.80 -76.75
C GLY H 111 6.60 -3.54 -77.27
N ALA H 112 5.85 -2.72 -78.02
CA ALA H 112 6.40 -1.48 -78.56
C ALA H 112 6.49 -0.38 -77.52
N HIS H 113 5.80 -0.52 -76.40
CA HIS H 113 5.78 0.54 -75.38
C HIS H 113 7.17 1.06 -75.01
N PRO H 114 8.16 0.21 -74.70
CA PRO H 114 9.47 0.75 -74.32
C PRO H 114 10.08 1.65 -75.39
N ASP H 115 9.82 1.38 -76.66
CA ASP H 115 10.35 2.22 -77.72
C ASP H 115 9.92 3.68 -77.52
N GLU H 116 8.60 3.92 -77.56
CA GLU H 116 8.13 5.29 -77.41
C GLU H 116 8.45 5.85 -76.04
N LEU H 117 8.47 5.01 -75.00
CA LEU H 117 8.85 5.51 -73.68
C LEU H 117 10.26 6.11 -73.72
N VAL H 118 11.22 5.35 -74.22
CA VAL H 118 12.61 5.81 -74.25
C VAL H 118 12.75 7.01 -75.19
N PHE H 119 12.06 6.97 -76.34
CA PHE H 119 12.25 8.04 -77.32
C PHE H 119 11.62 9.34 -76.84
N ALA H 120 10.46 9.28 -76.18
CA ALA H 120 9.90 10.48 -75.58
C ALA H 120 10.79 11.00 -74.47
N LEU H 121 11.37 10.10 -73.67
CA LEU H 121 12.29 10.53 -72.64
C LEU H 121 13.47 11.29 -73.26
N LEU H 122 14.05 10.74 -74.33
CA LEU H 122 15.15 11.42 -74.99
C LEU H 122 14.72 12.76 -75.56
N LYS H 123 13.53 12.81 -76.16
CA LYS H 123 13.01 14.08 -76.64
C LYS H 123 12.90 15.10 -75.50
N ALA H 124 12.63 14.62 -74.29
CA ALA H 124 12.61 15.47 -73.10
C ALA H 124 13.99 15.64 -72.48
N GLY H 125 15.05 15.41 -73.24
CA GLY H 125 16.39 15.52 -72.67
C GLY H 125 16.68 16.90 -72.14
N ASN H 126 16.36 17.93 -72.93
CA ASN H 126 16.58 19.30 -72.48
C ASN H 126 15.68 19.65 -71.29
N ALA H 127 14.44 19.19 -71.32
CA ALA H 127 13.50 19.52 -70.25
C ALA H 127 13.88 18.82 -68.95
N ASN H 128 14.22 17.54 -69.03
CA ASN H 128 14.50 16.74 -67.84
C ASN H 128 15.95 16.95 -67.42
N LEU H 129 16.39 16.22 -66.39
CA LEU H 129 17.70 16.42 -65.81
C LEU H 129 18.37 15.07 -65.55
N CYS H 130 19.62 15.14 -65.10
CA CYS H 130 20.43 13.97 -64.84
C CYS H 130 20.77 13.92 -63.36
N TYR H 131 21.53 12.91 -62.93
CA TYR H 131 21.93 12.84 -61.53
C TYR H 131 22.57 14.14 -61.06
N ASP H 132 23.37 14.78 -61.91
CA ASP H 132 24.05 16.00 -61.51
C ASP H 132 23.06 17.13 -61.19
N GLY H 133 21.84 17.05 -61.69
CA GLY H 133 20.81 18.01 -61.34
C GLY H 133 20.41 18.93 -62.47
N GLN H 134 21.39 19.43 -63.21
CA GLN H 134 21.11 20.27 -64.36
C GLN H 134 20.48 19.43 -65.49
N ASN H 135 20.01 20.14 -66.52
CA ASN H 135 19.32 19.47 -67.61
C ASN H 135 20.25 18.46 -68.28
N PHE H 136 19.66 17.36 -68.75
CA PHE H 136 20.45 16.31 -69.40
C PHE H 136 21.23 16.85 -70.59
N PHE H 137 20.78 17.93 -71.21
CA PHE H 137 21.46 18.56 -72.33
C PHE H 137 21.59 20.05 -72.02
N ASP H 138 22.67 20.42 -71.34
CA ASP H 138 22.97 21.80 -71.01
C ASP H 138 24.40 22.10 -71.40
N THR H 139 24.73 23.39 -71.44
CA THR H 139 26.07 23.84 -71.80
C THR H 139 26.95 24.14 -70.61
N ASP H 140 26.46 23.93 -69.39
CA ASP H 140 27.20 24.30 -68.18
C ASP H 140 27.13 23.18 -67.15
N HIS H 141 27.40 21.94 -67.57
CA HIS H 141 27.39 20.81 -66.65
C HIS H 141 28.46 21.01 -65.59
N PRO H 142 28.11 21.11 -64.29
CA PRO H 142 29.11 21.20 -63.23
C PRO H 142 29.55 19.84 -62.70
N VAL H 143 29.85 18.92 -63.62
CA VAL H 143 30.28 17.58 -63.21
C VAL H 143 31.67 17.62 -62.61
N TYR H 144 32.56 18.41 -63.21
CA TYR H 144 33.96 18.45 -62.83
C TYR H 144 34.42 19.90 -62.84
N PRO H 145 35.52 20.22 -62.15
CA PRO H 145 35.96 21.63 -62.10
C PRO H 145 36.12 22.25 -63.47
N ASN H 146 36.61 21.49 -64.46
CA ASN H 146 36.67 21.96 -65.84
C ASN H 146 35.28 21.83 -66.44
N VAL H 147 34.45 22.85 -66.20
CA VAL H 147 33.07 22.80 -66.63
C VAL H 147 32.99 22.63 -68.13
N ASP H 148 32.11 21.74 -68.58
CA ASP H 148 31.93 21.42 -69.98
C ASP H 148 30.45 21.47 -70.33
N GLY H 149 30.18 21.69 -71.62
CA GLY H 149 28.82 21.77 -72.11
C GLY H 149 28.50 20.71 -73.13
N THR H 150 27.53 19.85 -72.83
CA THR H 150 27.15 18.75 -73.72
C THR H 150 25.98 19.16 -74.60
N GLY H 151 26.18 20.24 -75.35
CA GLY H 151 25.17 20.73 -76.27
C GLY H 151 25.26 22.21 -76.53
N THR H 152 25.12 22.61 -77.79
CA THR H 152 25.16 24.02 -78.16
C THR H 152 24.31 24.21 -79.42
N ALA H 153 23.49 25.26 -79.40
CA ALA H 153 22.63 25.56 -80.54
C ALA H 153 23.45 25.81 -81.80
N PHE H 160 16.19 20.53 -86.03
CA PHE H 160 15.97 19.49 -85.04
C PHE H 160 17.25 19.16 -84.28
N ALA H 161 17.14 18.34 -83.25
CA ALA H 161 18.26 18.05 -82.35
C ALA H 161 18.66 16.58 -82.44
N PRO H 162 19.72 16.26 -83.18
CA PRO H 162 20.23 14.88 -83.16
C PRO H 162 20.98 14.56 -81.87
N ALA H 163 21.53 13.35 -81.77
CA ALA H 163 22.29 12.94 -80.60
C ALA H 163 23.28 11.87 -81.01
N ALA H 164 24.51 12.01 -80.51
CA ALA H 164 25.57 11.02 -80.74
C ALA H 164 25.77 10.20 -79.47
N ASP H 165 25.68 8.88 -79.59
CA ASP H 165 25.73 7.99 -78.45
C ASP H 165 26.73 6.86 -78.69
N PRO H 166 27.56 6.54 -77.71
CA PRO H 166 28.37 5.32 -77.81
C PRO H 166 27.55 4.07 -77.53
N GLY H 167 28.10 2.93 -77.93
CA GLY H 167 27.46 1.65 -77.68
C GLY H 167 28.43 0.60 -77.17
N ALA H 168 29.73 0.91 -77.20
CA ALA H 168 30.73 -0.05 -76.72
C ALA H 168 30.62 -0.25 -75.22
N ALA H 169 30.56 0.84 -74.46
CA ALA H 169 30.38 0.73 -73.02
C ALA H 169 29.05 0.07 -72.71
N TRP H 170 29.04 -0.81 -71.71
CA TRP H 170 27.86 -1.60 -71.40
C TRP H 170 26.80 -0.79 -70.64
N TYR H 171 26.98 0.53 -70.58
CA TYR H 171 25.91 1.47 -70.22
C TYR H 171 25.51 2.23 -71.47
N LEU H 172 24.22 2.17 -71.81
CA LEU H 172 23.69 2.83 -72.99
C LEU H 172 22.81 3.99 -72.55
N LEU H 173 22.84 5.07 -73.33
CA LEU H 173 22.07 6.25 -72.98
C LEU H 173 20.57 5.94 -72.99
N ASP H 174 19.83 6.66 -72.14
CA ASP H 174 18.38 6.53 -72.09
C ASP H 174 17.96 5.15 -71.60
N THR H 175 18.52 4.75 -70.46
CA THR H 175 18.26 3.41 -69.94
C THR H 175 16.78 3.24 -69.60
N SER H 176 16.27 2.03 -69.82
CA SER H 176 14.88 1.70 -69.56
C SER H 176 14.75 0.82 -68.34
N ARG H 177 13.58 0.87 -67.69
CA ARG H 177 13.29 0.03 -66.53
C ARG H 177 11.97 -0.68 -66.79
N SER H 178 12.04 -1.97 -67.11
CA SER H 178 10.84 -2.79 -67.27
C SER H 178 10.40 -3.24 -65.88
N LEU H 179 9.55 -2.44 -65.23
CA LEU H 179 9.15 -2.72 -63.86
C LEU H 179 8.45 -4.07 -63.76
N LYS H 180 7.40 -4.26 -64.55
CA LYS H 180 6.66 -5.51 -64.57
C LYS H 180 6.45 -5.95 -66.02
N PRO H 181 6.39 -7.27 -66.26
CA PRO H 181 6.10 -7.73 -67.63
C PRO H 181 4.70 -7.31 -68.06
N LEU H 182 4.54 -7.13 -69.37
CA LEU H 182 3.24 -6.71 -69.90
C LEU H 182 2.17 -7.70 -69.45
N ILE H 183 1.06 -7.17 -68.96
CA ILE H 183 -0.08 -7.96 -68.51
C ILE H 183 -1.33 -7.45 -69.17
N TYR H 184 -2.15 -8.36 -69.69
CA TYR H 184 -3.42 -8.01 -70.33
C TYR H 184 -4.52 -8.15 -69.29
N GLN H 185 -5.11 -7.03 -68.90
CA GLN H 185 -6.22 -7.02 -67.97
C GLN H 185 -7.54 -6.96 -68.73
N GLU H 186 -8.59 -7.48 -68.12
CA GLU H 186 -9.89 -7.60 -68.76
C GLU H 186 -10.99 -7.49 -67.72
N ARG H 187 -12.23 -7.46 -68.21
CA ARG H 187 -13.40 -7.29 -67.36
C ARG H 187 -14.48 -8.30 -67.72
N MET H 188 -14.07 -9.53 -68.07
CA MET H 188 -15.05 -10.58 -68.29
C MET H 188 -15.80 -10.94 -67.01
N LYS H 189 -15.20 -10.65 -65.86
CA LYS H 189 -15.80 -10.99 -64.57
C LYS H 189 -17.12 -10.25 -64.42
N PRO H 190 -18.10 -10.83 -63.73
CA PRO H 190 -19.38 -10.11 -63.53
C PRO H 190 -19.22 -8.96 -62.55
N SER H 191 -18.59 -7.88 -63.01
CA SER H 191 -18.24 -6.77 -62.14
C SER H 191 -18.24 -5.48 -62.96
N PHE H 192 -17.93 -4.37 -62.27
CA PHE H 192 -17.72 -3.08 -62.92
C PHE H 192 -19.05 -2.40 -63.24
N THR H 193 -19.07 -1.07 -63.16
CA THR H 193 -20.31 -0.31 -63.32
C THR H 193 -20.51 0.16 -64.75
N SER H 194 -19.49 0.74 -65.37
CA SER H 194 -19.67 1.34 -66.69
C SER H 194 -20.15 0.34 -67.74
N MET H 195 -20.16 -0.96 -67.41
CA MET H 195 -20.67 -1.96 -68.33
C MET H 195 -22.01 -2.55 -67.90
N THR H 196 -22.32 -2.56 -66.59
CA THR H 196 -23.61 -3.08 -66.11
C THR H 196 -24.60 -1.94 -65.90
N LYS H 197 -24.27 -1.01 -65.01
CA LYS H 197 -25.10 0.17 -64.79
C LYS H 197 -25.24 0.98 -66.07
N GLU H 198 -24.11 1.26 -66.71
CA GLU H 198 -24.07 1.95 -67.99
C GLU H 198 -24.00 0.92 -69.12
N ASP H 199 -24.22 1.39 -70.34
CA ASP H 199 -24.18 0.51 -71.51
C ASP H 199 -22.94 -0.37 -71.46
N ASP H 200 -23.07 -1.58 -72.01
CA ASP H 200 -21.98 -2.54 -71.95
C ASP H 200 -20.71 -1.97 -72.56
N GLU H 201 -19.58 -2.22 -71.91
CA GLU H 201 -18.30 -1.69 -72.36
C GLU H 201 -17.27 -2.80 -72.51
N GLN H 202 -17.42 -3.89 -71.75
CA GLN H 202 -16.52 -5.03 -71.78
C GLN H 202 -15.07 -4.57 -71.99
N VAL H 203 -14.61 -3.74 -71.06
CA VAL H 203 -13.37 -3.01 -71.26
C VAL H 203 -12.21 -4.00 -71.40
N PHE H 204 -11.35 -3.75 -72.38
CA PHE H 204 -10.15 -4.54 -72.60
C PHE H 204 -8.92 -3.71 -72.22
N MET H 205 -8.01 -4.31 -71.47
CA MET H 205 -6.97 -3.57 -70.77
C MET H 205 -5.64 -4.32 -70.81
N ALA H 206 -4.57 -3.56 -70.56
CA ALA H 206 -3.23 -4.12 -70.40
C ALA H 206 -2.42 -3.15 -69.54
N ASP H 207 -2.27 -3.48 -68.26
CA ASP H 207 -1.56 -2.61 -67.33
C ASP H 207 -0.07 -2.56 -67.67
N GLU H 208 0.53 -1.38 -67.45
CA GLU H 208 1.96 -1.22 -67.58
C GLU H 208 2.46 -0.26 -66.50
N TYR H 209 3.69 -0.49 -66.06
CA TYR H 209 4.22 0.24 -64.90
C TYR H 209 5.70 0.57 -65.07
N ARG H 210 6.18 0.70 -66.29
CA ARG H 210 7.59 0.91 -66.57
C ARG H 210 7.90 2.41 -66.70
N TYR H 211 9.17 2.73 -66.95
CA TYR H 211 9.59 4.11 -67.15
C TYR H 211 11.02 4.14 -67.66
N GLY H 212 11.29 5.03 -68.61
CA GLY H 212 12.65 5.24 -69.08
C GLY H 212 13.42 6.19 -68.18
N VAL H 213 14.75 6.21 -68.37
CA VAL H 213 15.65 6.94 -67.48
C VAL H 213 16.90 7.35 -68.23
N ARG H 214 17.54 8.41 -67.74
CA ARG H 214 18.82 8.87 -68.27
C ARG H 214 19.93 7.91 -67.86
N SER H 215 21.05 7.98 -68.57
CA SER H 215 22.21 7.15 -68.26
C SER H 215 23.40 7.96 -67.78
N ARG H 216 23.90 8.88 -68.60
CA ARG H 216 25.04 9.70 -68.24
C ARG H 216 25.00 11.00 -69.02
N CYS H 217 24.86 12.09 -68.28
CA CYS H 217 24.92 13.43 -68.84
C CYS H 217 26.36 13.91 -69.05
N ASN H 218 27.29 12.98 -69.30
CA ASN H 218 28.59 13.27 -69.91
C ASN H 218 28.93 12.27 -71.00
N VAL H 219 27.92 11.63 -71.60
CA VAL H 219 28.18 10.61 -72.62
C VAL H 219 27.35 10.92 -73.86
N GLY H 220 26.76 12.11 -73.93
CA GLY H 220 25.96 12.48 -75.08
C GLY H 220 26.18 13.93 -75.44
N PHE H 221 25.80 14.26 -76.67
CA PHE H 221 25.94 15.63 -77.16
C PHE H 221 25.00 15.81 -78.34
N GLY H 222 24.35 16.97 -78.41
CA GLY H 222 23.35 17.21 -79.42
C GLY H 222 22.81 18.62 -79.42
N PHE H 223 21.56 18.79 -79.88
CA PHE H 223 20.90 20.08 -79.94
C PHE H 223 21.66 21.05 -80.84
N TRP H 224 21.74 20.68 -82.13
CA TRP H 224 22.34 21.53 -83.15
C TRP H 224 21.77 21.09 -84.50
N GLN H 225 22.36 21.58 -85.59
CA GLN H 225 21.87 21.32 -86.93
C GLN H 225 22.77 20.30 -87.62
N LEU H 226 22.16 19.31 -88.25
CA LEU H 226 22.88 18.32 -89.04
C LEU H 226 23.00 18.83 -90.47
N ALA H 227 24.23 19.04 -90.93
CA ALA H 227 24.51 19.56 -92.25
C ALA H 227 25.73 18.87 -92.83
N ALA H 228 25.75 18.77 -94.16
CA ALA H 228 26.83 18.09 -94.87
C ALA H 228 27.22 18.88 -96.11
N MET H 229 27.36 20.19 -95.96
CA MET H 229 27.70 21.06 -97.09
C MET H 229 28.87 21.98 -96.73
N SER H 230 29.64 22.32 -97.76
CA SER H 230 30.81 23.19 -97.69
C SER H 230 32.02 22.48 -97.08
N THR H 231 31.79 21.30 -96.48
CA THR H 231 32.87 20.38 -96.10
C THR H 231 33.84 20.95 -95.08
N GLU H 232 33.71 22.23 -94.71
CA GLU H 232 34.58 22.81 -93.70
C GLU H 232 33.90 23.80 -92.78
N GLU H 233 32.64 24.15 -93.00
CA GLU H 233 31.97 25.19 -92.22
C GLU H 233 30.74 24.66 -91.48
N LEU H 234 29.82 24.02 -92.19
CA LEU H 234 28.58 23.58 -91.55
C LEU H 234 28.76 22.23 -90.87
N ASN H 235 29.25 21.23 -91.60
CA ASN H 235 29.47 19.92 -91.01
C ASN H 235 30.66 19.90 -90.06
N GLN H 236 31.55 20.89 -90.13
CA GLN H 236 32.70 20.98 -89.24
C GLN H 236 32.46 21.87 -88.05
N VAL H 237 31.29 22.50 -87.95
CA VAL H 237 30.94 23.32 -86.79
C VAL H 237 29.82 22.69 -85.98
N ASN H 238 29.10 21.71 -86.52
CA ASN H 238 28.03 21.03 -85.82
C ASN H 238 28.34 19.57 -85.52
N PHE H 239 28.97 18.85 -86.45
CA PHE H 239 29.35 17.46 -86.23
C PHE H 239 30.76 17.33 -85.67
N GLU H 240 31.70 18.13 -86.17
CA GLU H 240 33.05 18.08 -85.60
C GLU H 240 33.06 18.62 -84.17
N LYS H 241 32.14 19.53 -83.84
CA LYS H 241 32.01 19.96 -82.46
C LYS H 241 31.64 18.79 -81.56
N VAL H 242 30.70 17.96 -81.99
CA VAL H 242 30.41 16.72 -81.27
C VAL H 242 31.67 15.86 -81.21
N TYR H 243 32.32 15.70 -82.36
CA TYR H 243 33.49 14.84 -82.48
C TYR H 243 34.53 15.16 -81.42
N ASP H 244 34.85 16.45 -81.25
CA ASP H 244 35.91 16.84 -80.34
C ASP H 244 35.41 17.00 -78.90
N ALA H 245 34.19 17.50 -78.70
CA ALA H 245 33.70 17.72 -77.35
C ALA H 245 33.41 16.42 -76.63
N MET H 246 32.74 15.48 -77.29
CA MET H 246 32.36 14.24 -76.62
C MET H 246 33.59 13.44 -76.20
N ARG H 247 34.75 13.72 -76.76
CA ARG H 247 35.99 13.09 -76.35
C ARG H 247 36.83 13.96 -75.41
N ASN H 248 36.67 15.29 -75.47
CA ASN H 248 37.36 16.18 -74.55
C ASN H 248 36.85 16.06 -73.12
N GLN H 249 35.71 15.41 -72.91
CA GLN H 249 35.19 15.22 -71.57
C GLN H 249 36.14 14.34 -70.76
N LYS H 250 36.40 14.75 -69.52
CA LYS H 250 37.33 14.07 -68.64
C LYS H 250 36.67 13.76 -67.31
N ALA H 251 37.15 12.70 -66.67
CA ALA H 251 36.68 12.34 -65.33
C ALA H 251 37.43 13.18 -64.29
N ASP H 252 37.28 12.82 -63.02
CA ASP H 252 37.99 13.55 -61.97
C ASP H 252 39.49 13.44 -62.17
N GLY H 253 40.18 14.58 -62.07
CA GLY H 253 41.62 14.62 -62.26
C GLY H 253 42.08 14.56 -63.70
N GLY H 254 41.17 14.77 -64.66
CA GLY H 254 41.56 14.75 -66.06
C GLY H 254 41.58 13.38 -66.70
N ARG H 255 41.15 12.34 -65.98
CA ARG H 255 41.14 11.00 -66.56
C ARG H 255 40.19 10.97 -67.75
N PRO H 256 40.55 10.33 -68.86
CA PRO H 256 39.63 10.24 -69.99
C PRO H 256 38.40 9.42 -69.64
N LEU H 257 37.29 9.75 -70.31
CA LEU H 257 36.06 8.97 -70.20
C LEU H 257 35.99 7.86 -71.26
N ASP H 258 36.97 7.76 -72.14
CA ASP H 258 37.02 6.72 -73.16
C ASP H 258 35.75 6.73 -74.01
N ILE H 259 35.32 7.92 -74.42
CA ILE H 259 34.12 8.08 -75.22
C ILE H 259 34.45 7.71 -76.67
N ARG H 260 33.71 6.75 -77.22
CA ARG H 260 33.88 6.28 -78.59
C ARG H 260 32.51 6.27 -79.27
N PRO H 261 32.06 7.41 -79.79
CA PRO H 261 30.73 7.47 -80.40
C PRO H 261 30.59 6.45 -81.51
N ASN H 262 29.47 5.72 -81.51
CA ASN H 262 29.16 4.78 -82.57
C ASN H 262 27.69 4.78 -82.95
N LEU H 263 26.88 5.68 -82.40
CA LEU H 263 25.47 5.79 -82.75
C LEU H 263 25.11 7.26 -82.96
N LEU H 264 24.17 7.50 -83.87
CA LEU H 264 23.69 8.85 -84.17
C LEU H 264 22.17 8.79 -84.28
N VAL H 265 21.49 9.31 -83.28
CA VAL H 265 20.02 9.34 -83.27
C VAL H 265 19.57 10.60 -84.00
N VAL H 266 18.76 10.44 -85.03
CA VAL H 266 18.28 11.56 -85.83
C VAL H 266 16.77 11.44 -86.03
N PRO H 267 16.06 12.54 -86.25
CA PRO H 267 14.63 12.45 -86.56
C PRO H 267 14.39 11.95 -87.97
N THR H 268 13.12 11.93 -88.39
CA THR H 268 12.78 11.41 -89.71
C THR H 268 13.40 12.24 -90.82
N THR H 269 13.39 13.56 -90.67
CA THR H 269 13.80 14.45 -91.75
C THR H 269 15.31 14.61 -91.86
N LEU H 270 16.09 14.11 -90.89
CA LEU H 270 17.53 14.28 -90.88
C LEU H 270 18.30 13.00 -91.16
N ARG H 271 17.62 11.89 -91.44
CA ARG H 271 18.34 10.65 -91.71
C ARG H 271 19.10 10.74 -93.04
N SER H 272 18.55 11.46 -94.01
CA SER H 272 19.29 11.67 -95.26
C SER H 272 20.58 12.44 -95.01
N LYS H 273 20.52 13.48 -94.19
CA LYS H 273 21.73 14.23 -93.85
C LYS H 273 22.70 13.36 -93.05
N ALA H 274 22.19 12.50 -92.18
CA ALA H 274 23.07 11.60 -91.44
C ALA H 274 23.79 10.64 -92.37
N LYS H 275 23.06 10.05 -93.32
CA LYS H 275 23.68 9.19 -94.32
C LYS H 275 24.69 9.97 -95.15
N GLU H 276 24.40 11.25 -95.38
CA GLU H 276 25.34 12.11 -96.10
C GLU H 276 26.64 12.27 -95.29
N VAL H 277 26.51 12.47 -93.98
CA VAL H 277 27.69 12.63 -93.12
C VAL H 277 28.50 11.35 -93.07
N VAL H 278 27.82 10.21 -92.92
CA VAL H 278 28.48 8.91 -92.83
C VAL H 278 27.91 8.02 -93.93
N GLY H 279 28.78 7.49 -94.78
CA GLY H 279 28.37 6.62 -95.87
C GLY H 279 28.93 7.02 -97.21
N VAL H 280 29.03 8.32 -97.46
CA VAL H 280 29.56 8.83 -98.70
C VAL H 280 31.00 9.28 -98.48
N GLN H 281 31.72 9.50 -99.56
CA GLN H 281 33.12 9.90 -99.49
C GLN H 281 33.31 11.41 -99.48
N ARG H 282 32.33 12.16 -100.00
CA ARG H 282 32.40 13.62 -100.07
C ARG H 282 31.05 14.19 -99.68
N LEU H 283 31.05 15.13 -98.73
CA LEU H 283 29.79 15.65 -98.22
C LEU H 283 29.01 16.40 -99.30
N ALA H 284 29.49 17.58 -99.70
CA ALA H 284 28.89 18.30 -100.82
C ALA H 284 29.91 18.71 -101.88
N ASN H 285 30.98 19.38 -101.46
CA ASN H 285 31.87 20.03 -102.41
C ASN H 285 32.77 19.02 -103.13
N GLY H 286 33.31 18.06 -102.40
CA GLY H 286 34.30 17.13 -102.95
C GLY H 286 35.63 17.15 -102.24
N ALA H 287 35.82 17.99 -101.22
CA ALA H 287 37.10 18.00 -100.50
C ALA H 287 37.37 16.65 -99.86
N ASP H 288 36.52 16.25 -98.91
CA ASP H 288 36.63 14.96 -98.25
C ASP H 288 35.45 14.81 -97.30
N ASN H 289 35.27 13.59 -96.80
CA ASN H 289 34.24 13.28 -95.80
C ASN H 289 34.94 12.56 -94.65
N PRO H 290 35.51 13.32 -93.69
CA PRO H 290 36.23 12.67 -92.59
C PRO H 290 35.36 11.77 -91.74
N ASN H 291 34.04 11.96 -91.77
CA ASN H 291 33.12 11.19 -90.95
C ASN H 291 32.63 9.92 -91.63
N PHE H 292 33.12 9.61 -92.83
CA PHE H 292 32.69 8.41 -93.53
C PHE H 292 33.02 7.16 -92.71
N GLU H 293 32.05 6.26 -92.61
CA GLU H 293 32.22 5.03 -91.85
C GLU H 293 32.70 5.33 -90.43
N LEU H 294 32.11 6.36 -89.82
CA LEU H 294 32.48 6.80 -88.48
C LEU H 294 31.45 6.42 -87.43
N VAL H 295 30.18 6.66 -87.70
CA VAL H 295 29.11 6.44 -86.74
C VAL H 295 27.98 5.67 -87.43
N GLN H 296 27.46 4.65 -86.76
CA GLN H 296 26.35 3.88 -87.28
C GLN H 296 25.06 4.60 -86.96
N VAL H 297 24.42 5.17 -87.98
CA VAL H 297 23.22 5.98 -87.80
C VAL H 297 22.01 5.06 -87.75
N LEU H 298 21.15 5.27 -86.76
CA LEU H 298 19.89 4.56 -86.63
C LEU H 298 18.75 5.55 -86.82
N ASP H 299 17.73 5.13 -87.58
CA ASP H 299 16.60 5.99 -87.89
C ASP H 299 15.41 5.64 -87.00
N THR H 300 14.89 6.66 -86.32
CA THR H 300 13.69 6.51 -85.50
C THR H 300 12.86 7.77 -85.64
N ALA H 301 11.57 7.59 -85.90
CA ALA H 301 10.67 8.70 -86.18
C ALA H 301 9.96 9.22 -84.93
N TRP H 302 10.23 8.63 -83.76
CA TRP H 302 9.53 9.07 -82.55
C TRP H 302 9.88 10.50 -82.18
N LEU H 303 11.15 10.86 -82.27
CA LEU H 303 11.57 12.22 -81.92
C LEU H 303 11.23 13.18 -83.05
N ASN H 304 10.60 14.30 -82.70
CA ASN H 304 10.22 15.31 -83.67
C ASN H 304 9.35 14.72 -84.78
N ALA I 2 -43.68 -10.45 72.85
CA ALA I 2 -42.34 -9.94 72.62
C ALA I 2 -41.52 -9.99 73.91
N ILE I 3 -40.25 -9.60 73.82
CA ILE I 3 -39.36 -9.56 74.96
C ILE I 3 -39.25 -8.12 75.44
N ILE I 4 -39.38 -7.91 76.75
CA ILE I 4 -39.34 -6.56 77.29
C ILE I 4 -37.98 -5.91 77.03
N THR I 5 -36.91 -6.66 77.25
CA THR I 5 -35.54 -6.16 77.08
C THR I 5 -34.76 -7.14 76.22
N PRO I 6 -34.98 -7.12 74.90
CA PRO I 6 -34.23 -8.02 74.03
C PRO I 6 -32.74 -7.78 74.03
N ALA I 7 -32.29 -6.59 74.47
CA ALA I 7 -30.86 -6.30 74.47
C ALA I 7 -30.09 -7.30 75.32
N LEU I 8 -30.63 -7.65 76.49
CA LEU I 8 -29.96 -8.64 77.34
C LEU I 8 -29.88 -9.99 76.65
N ILE I 9 -30.96 -10.40 75.98
CA ILE I 9 -31.01 -11.68 75.29
C ILE I 9 -30.46 -11.52 73.88
N SER I 10 -29.87 -10.35 73.59
CA SER I 10 -29.32 -10.11 72.26
C SER I 10 -28.27 -11.15 71.90
N ALA I 11 -27.62 -11.75 72.91
CA ALA I 11 -26.64 -12.78 72.64
C ALA I 11 -27.27 -14.00 71.97
N LEU I 12 -28.54 -14.28 72.28
CA LEU I 12 -29.22 -15.40 71.64
C LEU I 12 -29.31 -15.21 70.14
N LYS I 13 -29.49 -13.96 69.70
CA LYS I 13 -29.67 -13.64 68.29
C LYS I 13 -28.37 -13.18 67.63
N THR I 14 -27.24 -13.70 68.09
CA THR I 14 -25.93 -13.35 67.54
C THR I 14 -25.10 -14.62 67.34
N SER I 15 -24.30 -14.62 66.28
CA SER I 15 -23.41 -15.73 65.98
C SER I 15 -22.03 -15.18 65.65
N PHE I 16 -21.01 -16.03 65.85
CA PHE I 16 -19.62 -15.65 65.65
C PHE I 16 -18.94 -16.74 64.81
N GLN I 17 -18.97 -16.56 63.48
CA GLN I 17 -18.27 -17.43 62.56
C GLN I 17 -16.94 -16.82 62.20
N LYS I 18 -15.87 -17.60 62.29
CA LYS I 18 -14.53 -17.13 61.96
C LYS I 18 -14.38 -17.09 60.44
N HIS I 19 -15.04 -16.09 59.85
CA HIS I 19 -15.07 -15.93 58.41
C HIS I 19 -14.10 -14.86 57.92
N PHE I 20 -14.14 -13.66 58.52
CA PHE I 20 -13.20 -12.61 58.13
C PHE I 20 -11.88 -12.79 58.85
N GLN I 21 -11.33 -14.00 58.85
CA GLN I 21 -10.18 -14.34 59.69
C GLN I 21 -8.97 -14.62 58.81
N ASP I 22 -8.00 -13.72 58.85
CA ASP I 22 -6.73 -13.90 58.15
C ASP I 22 -6.97 -14.25 56.68
N ALA I 23 -7.94 -13.59 56.07
CA ALA I 23 -8.24 -13.81 54.67
C ALA I 23 -7.42 -12.89 53.77
N LEU I 24 -6.11 -12.86 54.04
CA LEU I 24 -5.16 -12.09 53.26
C LEU I 24 -3.90 -12.93 53.09
N ALA I 25 -3.17 -12.66 52.00
CA ALA I 25 -1.91 -13.33 51.73
C ALA I 25 -0.87 -12.27 51.39
N THR I 26 0.34 -12.46 51.91
CA THR I 26 1.42 -11.52 51.60
C THR I 26 1.74 -11.56 50.12
N ALA I 27 2.21 -10.44 49.60
CA ALA I 27 2.49 -10.34 48.18
C ALA I 27 3.49 -11.41 47.76
N PRO I 28 3.38 -11.95 46.55
CA PRO I 28 4.27 -13.04 46.15
C PRO I 28 5.73 -12.59 46.19
N SER I 29 6.60 -13.53 46.57
CA SER I 29 8.02 -13.22 46.69
C SER I 29 8.60 -12.83 45.33
N THR I 30 9.44 -11.80 45.34
CA THR I 30 10.08 -11.34 44.12
C THR I 30 11.57 -11.06 44.28
N TYR I 31 12.14 -11.28 45.47
CA TYR I 31 13.57 -11.02 45.65
C TYR I 31 14.41 -11.95 44.79
N LEU I 32 13.98 -13.21 44.64
CA LEU I 32 14.73 -14.15 43.82
C LEU I 32 14.91 -13.63 42.40
N GLN I 33 13.92 -12.91 41.87
CA GLN I 33 14.02 -12.38 40.51
C GLN I 33 15.17 -11.40 40.39
N VAL I 34 15.37 -10.55 41.39
CA VAL I 34 16.35 -9.48 41.33
C VAL I 34 17.44 -9.64 42.39
N ALA I 35 17.59 -10.85 42.95
CA ALA I 35 18.61 -11.06 43.97
C ALA I 35 18.94 -12.54 44.07
N THR I 36 20.09 -12.82 44.67
CA THR I 36 20.54 -14.17 44.96
C THR I 36 21.00 -14.23 46.41
N VAL I 37 20.87 -15.42 47.01
CA VAL I 37 21.18 -15.63 48.42
C VAL I 37 22.53 -16.32 48.52
N ILE I 38 23.44 -15.70 49.28
CA ILE I 38 24.76 -16.28 49.56
C ILE I 38 25.06 -16.12 51.03
N PRO I 39 24.48 -16.95 51.90
CA PRO I 39 24.65 -16.75 53.34
C PRO I 39 26.01 -17.24 53.84
N SER I 40 26.33 -16.84 55.07
CA SER I 40 27.56 -17.23 55.73
C SER I 40 27.25 -17.60 57.17
N THR I 41 28.29 -17.97 57.92
CA THR I 41 28.17 -18.33 59.32
C THR I 41 28.83 -17.31 60.24
N THR I 42 29.19 -16.14 59.73
CA THR I 42 29.86 -15.11 60.49
C THR I 42 28.97 -13.85 60.54
N ALA I 43 29.51 -12.79 61.12
CA ALA I 43 28.72 -11.56 61.33
C ALA I 43 28.87 -10.55 60.21
N SER I 44 29.90 -10.68 59.36
CA SER I 44 30.15 -9.68 58.31
C SER I 44 29.99 -10.26 56.92
N ASN I 45 30.71 -11.33 56.58
CA ASN I 45 30.70 -11.88 55.22
C ASN I 45 31.17 -10.82 54.22
N THR I 46 32.43 -10.43 54.36
CA THR I 46 33.02 -9.45 53.46
C THR I 46 33.33 -10.07 52.11
N TYR I 47 33.48 -9.20 51.10
CA TYR I 47 33.77 -9.62 49.74
C TYR I 47 35.00 -8.89 49.23
N GLY I 48 35.73 -9.55 48.33
CA GLY I 48 36.94 -8.99 47.75
C GLY I 48 36.95 -9.14 46.24
N TRP I 49 37.98 -8.55 45.63
CA TRP I 49 38.12 -8.57 44.18
C TRP I 49 39.59 -8.52 43.82
N LEU I 50 39.88 -8.89 42.56
CA LEU I 50 41.24 -8.81 42.02
C LEU I 50 41.27 -8.04 40.71
N GLY I 51 40.25 -7.24 40.42
CA GLY I 51 40.23 -6.52 39.16
C GLY I 51 40.24 -7.46 37.99
N GLN I 52 40.98 -7.09 36.94
CA GLN I 52 41.05 -7.87 35.72
C GLN I 52 42.17 -7.32 34.86
N PHE I 53 42.63 -8.15 33.92
CA PHE I 53 43.81 -7.81 33.14
C PHE I 53 43.57 -6.54 32.33
N PRO I 54 44.56 -5.66 32.23
CA PRO I 54 44.38 -4.41 31.48
C PRO I 54 44.39 -4.65 29.98
N LYS I 55 43.96 -3.62 29.25
CA LYS I 55 43.87 -3.73 27.80
C LYS I 55 45.25 -3.94 27.20
N LEU I 56 45.28 -4.66 26.07
CA LEU I 56 46.53 -4.95 25.37
C LEU I 56 47.02 -3.67 24.71
N ARG I 57 47.97 -2.99 25.35
CA ARG I 57 48.50 -1.74 24.83
C ARG I 57 49.60 -2.01 23.82
N GLU I 58 49.93 -0.97 23.06
CA GLU I 58 50.96 -1.09 22.04
C GLU I 58 52.32 -1.32 22.68
N TRP I 59 53.10 -2.21 22.08
CA TRP I 59 54.46 -2.55 22.52
C TRP I 59 55.46 -1.79 21.65
N ILE I 60 55.72 -0.55 22.04
CA ILE I 60 56.66 0.32 21.31
C ILE I 60 58.01 0.14 21.99
N GLY I 61 58.71 -0.93 21.62
CA GLY I 61 60.09 -1.12 22.03
C GLY I 61 60.31 -1.33 23.52
N GLN I 62 59.25 -1.58 24.27
CA GLN I 62 59.36 -1.83 25.71
C GLN I 62 58.02 -2.31 26.23
N ARG I 63 58.05 -3.28 27.12
CA ARG I 63 56.83 -3.87 27.66
C ARG I 63 56.52 -3.27 29.02
N VAL I 64 55.24 -3.08 29.30
CA VAL I 64 54.76 -2.43 30.51
C VAL I 64 54.12 -3.50 31.38
N ILE I 65 54.61 -3.63 32.61
CA ILE I 65 54.06 -4.57 33.58
C ILE I 65 53.02 -3.82 34.39
N LYS I 66 51.76 -4.19 34.23
CA LYS I 66 50.67 -3.50 34.92
C LYS I 66 50.43 -4.16 36.28
N ASP I 67 49.32 -3.82 36.92
CA ASP I 67 48.98 -4.37 38.22
C ASP I 67 47.48 -4.36 38.38
N MET I 68 47.00 -5.12 39.37
CA MET I 68 45.58 -5.22 39.67
C MET I 68 45.33 -4.79 41.11
N ALA I 69 44.11 -4.31 41.36
CA ALA I 69 43.70 -3.85 42.67
C ALA I 69 42.56 -4.72 43.19
N ALA I 70 42.22 -4.51 44.46
CA ALA I 70 41.09 -5.17 45.09
C ALA I 70 40.15 -4.10 45.63
N GLN I 71 38.87 -4.21 45.30
CA GLN I 71 37.85 -3.26 45.70
C GLN I 71 36.88 -3.87 46.70
N GLY I 72 37.41 -4.70 47.61
CA GLY I 72 36.59 -5.44 48.54
C GLY I 72 35.59 -4.59 49.31
N TYR I 73 34.37 -5.10 49.45
CA TYR I 73 33.29 -4.40 50.12
C TYR I 73 32.95 -5.12 51.41
N GLN I 74 32.97 -4.38 52.53
CA GLN I 74 32.63 -4.92 53.82
C GLN I 74 31.14 -4.67 54.11
N ILE I 75 30.50 -5.68 54.70
CA ILE I 75 29.09 -5.60 55.03
C ILE I 75 28.87 -6.36 56.33
N THR I 76 27.91 -5.90 57.12
CA THR I 76 27.64 -6.44 58.44
C THR I 76 26.27 -7.09 58.46
N ASN I 77 26.19 -8.31 59.01
CA ASN I 77 24.90 -8.96 59.18
C ASN I 77 24.06 -8.18 60.17
N LYS I 78 22.74 -8.26 60.00
CA LYS I 78 21.81 -7.51 60.84
C LYS I 78 20.76 -8.48 61.38
N LEU I 79 20.00 -7.99 62.36
CA LEU I 79 19.12 -8.83 63.17
C LEU I 79 17.75 -8.18 63.27
N PHE I 80 16.71 -8.96 62.97
CA PHE I 80 15.34 -8.46 62.85
C PHE I 80 14.38 -9.40 63.58
N GLU I 81 13.24 -8.84 64.01
CA GLU I 81 12.17 -9.63 64.61
C GLU I 81 10.95 -8.78 64.89
N SER I 82 9.89 -9.40 65.41
CA SER I 82 8.72 -8.68 65.91
C SER I 82 8.06 -9.51 66.99
N THR I 83 7.33 -8.85 67.88
CA THR I 83 6.72 -9.52 69.02
C THR I 83 5.33 -8.94 69.27
N VAL I 84 4.50 -9.76 69.93
CA VAL I 84 3.14 -9.38 70.30
C VAL I 84 2.97 -9.55 71.81
N GLY I 85 2.50 -8.49 72.46
CA GLY I 85 2.30 -8.50 73.90
C GLY I 85 0.89 -8.87 74.35
N VAL I 86 0.48 -10.11 74.18
CA VAL I 86 -0.84 -10.54 74.64
C VAL I 86 -0.79 -10.74 76.15
N LYS I 87 -1.97 -10.86 76.79
CA LYS I 87 -2.07 -10.73 78.23
C LYS I 87 -2.28 -12.04 78.98
N ARG I 88 -2.75 -13.09 78.31
CA ARG I 88 -3.07 -14.36 78.96
C ARG I 88 -4.36 -14.28 79.76
N THR I 89 -4.92 -13.08 79.90
CA THR I 89 -6.23 -12.92 80.52
C THR I 89 -7.35 -12.92 79.49
N ASP I 90 -7.02 -12.91 78.20
CA ASP I 90 -7.99 -13.00 77.13
C ASP I 90 -7.88 -14.28 76.32
N ILE I 91 -6.65 -14.66 75.93
CA ILE I 91 -6.47 -15.87 75.14
C ILE I 91 -6.93 -17.09 75.93
N GLU I 92 -6.60 -17.15 77.22
CA GLU I 92 -7.11 -18.23 78.06
C GLU I 92 -8.63 -18.13 78.21
N ASP I 93 -9.15 -16.92 78.32
CA ASP I 93 -10.59 -16.68 78.42
C ASP I 93 -11.26 -16.51 77.07
N ASP I 94 -10.51 -16.62 75.97
CA ASP I 94 -11.08 -16.44 74.65
C ASP I 94 -12.03 -17.58 74.31
N ASN I 95 -13.14 -17.24 73.65
CA ASN I 95 -14.12 -18.23 73.20
C ASN I 95 -14.01 -18.55 71.73
N LEU I 96 -13.55 -17.60 70.91
CA LEU I 96 -13.48 -17.83 69.47
C LEU I 96 -12.53 -18.96 69.11
N GLY I 97 -11.62 -19.33 70.01
CA GLY I 97 -10.56 -20.24 69.65
C GLY I 97 -9.47 -19.60 68.82
N VAL I 98 -9.34 -18.28 68.88
CA VAL I 98 -8.35 -17.57 68.10
C VAL I 98 -7.20 -17.18 69.00
N TYR I 99 -6.14 -16.64 68.40
CA TYR I 99 -4.80 -16.47 68.94
C TYR I 99 -4.04 -17.79 68.93
N GLY I 100 -4.69 -18.90 68.58
CA GLY I 100 -4.00 -20.12 68.20
C GLY I 100 -3.37 -19.96 66.83
N PRO I 101 -4.10 -19.32 65.91
CA PRO I 101 -3.48 -18.91 64.64
C PRO I 101 -2.50 -17.76 64.77
N LEU I 102 -2.28 -17.24 65.98
CA LEU I 102 -1.30 -16.19 66.17
C LEU I 102 0.09 -16.67 65.79
N MET I 103 0.46 -17.88 66.18
CA MET I 103 1.75 -18.43 65.81
C MET I 103 1.85 -18.63 64.30
N GLN I 104 0.76 -19.06 63.66
CA GLN I 104 0.79 -19.21 62.21
C GLN I 104 1.00 -17.87 61.51
N GLU I 105 0.30 -16.82 61.97
CA GLU I 105 0.50 -15.49 61.41
C GLU I 105 1.92 -15.01 61.66
N MET I 106 2.47 -15.31 62.83
CA MET I 106 3.84 -14.94 63.16
C MET I 106 4.82 -15.62 62.22
N GLY I 107 4.62 -16.91 61.95
CA GLY I 107 5.47 -17.61 60.99
C GLY I 107 5.33 -17.04 59.59
N ARG I 108 4.11 -16.66 59.22
CA ARG I 108 3.91 -16.02 57.91
C ARG I 108 4.70 -14.72 57.82
N ALA I 109 4.66 -13.90 58.87
CA ALA I 109 5.44 -12.66 58.87
C ALA I 109 6.94 -12.96 58.78
N ALA I 110 7.40 -13.97 59.52
CA ALA I 110 8.81 -14.32 59.47
C ALA I 110 9.21 -14.76 58.06
N GLY I 111 8.36 -15.57 57.41
CA GLY I 111 8.66 -16.00 56.06
C GLY I 111 8.63 -14.86 55.06
N ALA I 112 7.77 -13.86 55.27
CA ALA I 112 7.72 -12.71 54.38
C ALA I 112 8.82 -11.70 54.66
N HIS I 113 9.50 -11.81 55.81
CA HIS I 113 10.54 -10.85 56.16
C HIS I 113 11.62 -10.65 55.11
N PRO I 114 12.23 -11.71 54.55
CA PRO I 114 13.39 -11.48 53.66
C PRO I 114 13.08 -10.56 52.48
N ASP I 115 11.90 -10.69 51.88
CA ASP I 115 11.53 -9.79 50.79
C ASP I 115 11.46 -8.35 51.30
N GLU I 116 10.88 -8.15 52.49
CA GLU I 116 10.81 -6.81 53.06
C GLU I 116 12.21 -6.24 53.28
N LEU I 117 13.13 -7.05 53.79
CA LEU I 117 14.49 -6.59 54.02
C LEU I 117 15.17 -6.21 52.70
N VAL I 118 15.05 -7.07 51.69
CA VAL I 118 15.70 -6.81 50.42
C VAL I 118 15.15 -5.52 49.79
N PHE I 119 13.83 -5.35 49.81
CA PHE I 119 13.25 -4.19 49.17
C PHE I 119 13.43 -2.92 50.00
N ALA I 120 13.57 -3.04 51.32
CA ALA I 120 13.95 -1.89 52.13
C ALA I 120 15.37 -1.44 51.77
N LEU I 121 16.28 -2.40 51.56
CA LEU I 121 17.61 -2.04 51.11
C LEU I 121 17.54 -1.40 49.72
N LEU I 122 16.66 -1.90 48.86
CA LEU I 122 16.46 -1.28 47.56
C LEU I 122 16.00 0.17 47.71
N LYS I 123 15.05 0.43 48.61
CA LYS I 123 14.65 1.79 48.90
C LYS I 123 15.85 2.63 49.32
N ALA I 124 16.62 2.13 50.28
CA ALA I 124 17.76 2.86 50.84
C ALA I 124 18.97 2.84 49.91
N GLY I 125 18.83 2.29 48.70
CA GLY I 125 19.96 2.29 47.77
C GLY I 125 20.49 3.68 47.51
N ASN I 126 19.59 4.66 47.34
CA ASN I 126 20.04 6.04 47.19
C ASN I 126 20.76 6.53 48.44
N ALA I 127 20.23 6.20 49.62
CA ALA I 127 20.84 6.63 50.87
C ALA I 127 22.11 5.85 51.19
N ASN I 128 22.08 4.53 51.00
CA ASN I 128 23.20 3.68 51.37
C ASN I 128 24.37 3.91 50.42
N LEU I 129 25.49 3.24 50.72
CA LEU I 129 26.74 3.42 50.00
C LEU I 129 27.15 2.13 49.30
N CYS I 130 27.85 2.29 48.18
CA CYS I 130 28.34 1.18 47.40
C CYS I 130 29.80 0.89 47.75
N TYR I 131 30.39 -0.11 47.09
CA TYR I 131 31.76 -0.49 47.40
C TYR I 131 32.74 0.63 47.07
N ASP I 132 32.45 1.43 46.05
CA ASP I 132 33.31 2.54 45.68
C ASP I 132 33.33 3.64 46.73
N GLY I 133 32.42 3.60 47.71
CA GLY I 133 32.32 4.62 48.73
C GLY I 133 31.22 5.62 48.52
N GLN I 134 30.65 5.68 47.31
CA GLN I 134 29.55 6.58 47.00
C GLN I 134 28.23 5.84 47.15
N ASN I 135 27.14 6.57 46.94
CA ASN I 135 25.81 5.96 47.03
C ASN I 135 25.62 4.93 45.93
N PHE I 136 24.79 3.93 46.21
CA PHE I 136 24.55 2.88 45.22
C PHE I 136 24.02 3.46 43.91
N PHE I 137 23.02 4.32 44.00
CA PHE I 137 22.51 5.05 42.84
C PHE I 137 23.02 6.48 42.96
N ASP I 138 24.24 6.70 42.46
CA ASP I 138 24.88 8.00 42.51
C ASP I 138 25.36 8.39 41.11
N THR I 139 25.52 9.69 40.91
CA THR I 139 25.93 10.24 39.63
C THR I 139 27.43 10.42 39.51
N ASP I 140 28.20 10.00 40.51
CA ASP I 140 29.64 10.22 40.55
C ASP I 140 30.38 8.95 40.92
N HIS I 141 30.05 7.85 40.26
CA HIS I 141 30.76 6.60 40.47
C HIS I 141 32.16 6.69 39.86
N PRO I 142 33.22 6.38 40.61
CA PRO I 142 34.56 6.39 40.01
C PRO I 142 34.97 5.06 39.42
N VAL I 143 35.35 5.07 38.14
CA VAL I 143 35.93 3.89 37.48
C VAL I 143 37.28 4.29 36.91
N TYR I 144 37.26 5.22 35.97
CA TYR I 144 38.39 5.91 35.38
C TYR I 144 38.59 7.24 36.09
N PRO I 145 39.78 7.84 36.01
CA PRO I 145 39.95 9.17 36.65
C PRO I 145 38.94 10.21 36.17
N ASN I 146 38.11 9.89 35.18
CA ASN I 146 36.92 10.68 34.87
C ASN I 146 35.83 10.33 35.88
N VAL I 147 34.60 10.77 35.63
CA VAL I 147 33.48 10.48 36.52
C VAL I 147 32.26 10.14 35.68
N ASP I 148 31.55 9.08 36.08
CA ASP I 148 30.30 8.68 35.45
C ASP I 148 29.22 8.58 36.53
N GLY I 149 28.03 8.16 36.11
CA GLY I 149 26.91 8.12 37.03
C GLY I 149 25.86 7.12 36.61
N THR I 150 25.07 6.69 37.61
CA THR I 150 23.95 5.79 37.37
C THR I 150 22.64 6.30 37.94
N GLY I 151 22.64 7.43 38.63
CA GLY I 151 21.42 7.99 39.19
C GLY I 151 20.75 8.98 38.26
N PHE I 160 9.48 6.79 40.75
CA PHE I 160 9.54 6.67 42.20
C PHE I 160 10.86 6.06 42.64
N ALA I 161 10.93 4.73 42.61
CA ALA I 161 12.13 3.98 43.00
C ALA I 161 12.46 2.97 41.91
N PRO I 162 12.86 3.44 40.73
CA PRO I 162 13.18 2.53 39.63
C PRO I 162 14.45 1.74 39.90
N ALA I 163 14.54 0.59 39.23
CA ALA I 163 15.75 -0.24 39.33
C ALA I 163 15.81 -1.09 38.06
N ALA I 164 16.69 -0.70 37.14
CA ALA I 164 17.00 -1.50 35.97
C ALA I 164 18.19 -2.40 36.30
N ASP I 165 17.96 -3.71 36.28
CA ASP I 165 18.93 -4.68 36.76
C ASP I 165 19.00 -5.85 35.79
N PRO I 166 20.11 -6.58 35.78
CA PRO I 166 20.13 -7.88 35.12
C PRO I 166 19.65 -8.98 36.06
N GLY I 167 19.33 -10.13 35.46
CA GLY I 167 18.86 -11.27 36.23
C GLY I 167 19.35 -12.59 35.68
N ALA I 168 20.28 -12.54 34.71
CA ALA I 168 20.83 -13.74 34.09
C ALA I 168 22.33 -13.87 34.24
N ALA I 169 23.02 -12.83 34.72
CA ALA I 169 24.44 -12.93 34.95
C ALA I 169 24.74 -13.87 36.12
N TRP I 170 26.02 -14.18 36.31
CA TRP I 170 26.41 -15.06 37.40
C TRP I 170 26.04 -14.51 38.76
N TYR I 171 25.82 -13.20 38.88
CA TYR I 171 25.42 -12.58 40.12
C TYR I 171 24.31 -11.56 39.85
N LEU I 172 23.44 -11.40 40.84
CA LEU I 172 22.29 -10.50 40.77
C LEU I 172 22.49 -9.34 41.74
N LEU I 173 21.53 -8.42 41.73
CA LEU I 173 21.59 -7.25 42.60
C LEU I 173 20.97 -7.54 43.96
N ASP I 174 21.31 -6.71 44.93
CA ASP I 174 20.66 -6.69 46.25
C ASP I 174 20.52 -8.12 46.81
N THR I 175 21.67 -8.79 46.93
CA THR I 175 21.67 -10.17 47.40
C THR I 175 21.21 -10.25 48.85
N SER I 176 20.58 -11.36 49.19
CA SER I 176 20.13 -11.65 50.54
C SER I 176 21.16 -12.53 51.25
N ARG I 177 21.09 -12.53 52.58
CA ARG I 177 22.00 -13.30 53.43
C ARG I 177 21.16 -14.05 54.46
N SER I 178 20.81 -15.30 54.13
CA SER I 178 19.98 -16.13 55.01
C SER I 178 20.87 -16.81 56.05
N LEU I 179 21.43 -15.97 56.93
CA LEU I 179 22.28 -16.50 58.01
C LEU I 179 21.46 -17.33 58.99
N LYS I 180 20.35 -16.77 59.47
CA LYS I 180 19.52 -17.42 60.48
C LYS I 180 18.13 -17.65 59.91
N PRO I 181 17.65 -18.89 59.80
CA PRO I 181 16.27 -19.10 59.34
C PRO I 181 15.27 -18.64 60.40
N LEU I 182 14.01 -18.63 60.00
CA LEU I 182 12.95 -18.23 60.93
C LEU I 182 12.94 -19.16 62.13
N ILE I 183 13.22 -18.59 63.31
CA ILE I 183 13.27 -19.34 64.56
C ILE I 183 12.21 -18.76 65.48
N TYR I 184 11.34 -19.63 65.99
CA TYR I 184 10.22 -19.23 66.83
C TYR I 184 10.63 -19.31 68.29
N GLN I 185 10.70 -18.16 68.96
CA GLN I 185 11.05 -18.08 70.37
C GLN I 185 9.82 -17.64 71.15
N GLU I 186 9.46 -18.41 72.18
CA GLU I 186 8.27 -18.15 72.99
C GLU I 186 8.67 -18.01 74.45
N ARG I 187 8.04 -17.05 75.13
CA ARG I 187 8.26 -16.79 76.55
C ARG I 187 6.89 -16.76 77.22
N MET I 188 6.39 -17.93 77.60
CA MET I 188 5.08 -18.06 78.22
C MET I 188 5.13 -18.77 79.57
N LYS I 189 6.33 -19.05 80.08
CA LYS I 189 6.44 -19.75 81.35
C LYS I 189 6.15 -18.79 82.50
N PRO I 190 5.52 -19.28 83.58
CA PRO I 190 5.26 -18.38 84.72
C PRO I 190 6.55 -17.95 85.38
N SER I 191 6.44 -17.12 86.43
CA SER I 191 7.60 -16.64 87.17
C SER I 191 8.49 -15.75 86.31
N PHE I 192 7.95 -15.24 85.21
CA PHE I 192 8.69 -14.37 84.31
C PHE I 192 8.66 -12.93 84.85
N THR I 193 9.35 -12.02 84.16
CA THR I 193 9.31 -10.62 84.57
C THR I 193 8.04 -9.94 84.09
N SER I 194 7.71 -10.08 82.80
CA SER I 194 6.52 -9.44 82.25
C SER I 194 5.24 -10.11 82.70
N MET I 195 5.30 -11.40 83.07
CA MET I 195 4.11 -12.09 83.56
C MET I 195 3.95 -11.96 85.07
N THR I 196 5.01 -11.63 85.80
CA THR I 196 4.91 -11.42 87.24
C THR I 196 4.66 -9.95 87.57
N LYS I 197 5.60 -9.07 87.20
CA LYS I 197 5.44 -7.66 87.55
C LYS I 197 4.19 -7.07 86.92
N GLU I 198 3.93 -7.40 85.66
CA GLU I 198 2.73 -6.96 84.97
C GLU I 198 1.71 -8.10 85.00
N ASP I 199 0.55 -7.87 84.39
CA ASP I 199 -0.58 -8.80 84.48
C ASP I 199 -0.45 -9.89 83.40
N ASP I 200 0.44 -10.84 83.68
CA ASP I 200 0.58 -12.05 82.86
C ASP I 200 0.81 -11.72 81.39
N GLU I 201 1.47 -10.61 81.11
CA GLU I 201 1.67 -10.17 79.74
C GLU I 201 2.60 -11.15 79.02
N GLN I 202 2.05 -11.90 78.07
CA GLN I 202 2.84 -12.83 77.27
C GLN I 202 3.56 -12.10 76.15
N VAL I 203 4.56 -12.76 75.58
CA VAL I 203 5.30 -12.24 74.46
C VAL I 203 5.75 -13.41 73.58
N PHE I 204 5.83 -13.17 72.28
CA PHE I 204 6.27 -14.16 71.32
C PHE I 204 7.23 -13.47 70.36
N MET I 205 8.31 -14.16 69.99
CA MET I 205 9.43 -13.54 69.29
C MET I 205 9.96 -14.46 68.21
N ALA I 206 10.33 -13.88 67.07
CA ALA I 206 10.79 -14.62 65.90
C ALA I 206 12.08 -13.96 65.42
N ASP I 207 13.22 -14.61 65.70
CA ASP I 207 14.51 -13.97 65.50
C ASP I 207 14.94 -14.08 64.03
N GLU I 208 15.72 -13.09 63.59
CA GLU I 208 16.35 -13.10 62.28
C GLU I 208 17.75 -12.55 62.41
N TYR I 209 18.67 -13.03 61.57
CA TYR I 209 20.04 -12.54 61.55
C TYR I 209 20.51 -12.34 60.11
N ARG I 210 19.65 -11.78 59.28
CA ARG I 210 19.89 -11.59 57.86
C ARG I 210 20.14 -10.12 57.55
N TYR I 211 20.59 -9.86 56.33
CA TYR I 211 20.80 -8.51 55.84
C TYR I 211 21.11 -8.57 54.36
N GLY I 212 20.69 -7.53 53.64
CA GLY I 212 21.02 -7.40 52.23
C GLY I 212 22.36 -6.72 52.04
N VAL I 213 22.73 -6.54 50.78
CA VAL I 213 24.02 -5.97 50.42
C VAL I 213 23.84 -5.00 49.25
N ARG I 214 24.54 -3.86 49.34
CA ARG I 214 24.69 -2.95 48.20
C ARG I 214 25.85 -3.49 47.37
N SER I 215 25.54 -4.50 46.55
CA SER I 215 26.59 -5.35 45.98
C SER I 215 27.32 -4.67 44.83
N ARG I 216 26.60 -4.38 43.75
CA ARG I 216 27.20 -3.87 42.51
C ARG I 216 26.45 -2.64 42.05
N CYS I 217 27.02 -1.47 42.31
CA CYS I 217 26.42 -0.21 41.89
C CYS I 217 26.78 0.17 40.45
N ASN I 218 27.64 -0.59 39.79
CA ASN I 218 27.98 -0.35 38.39
C ASN I 218 27.10 -1.14 37.44
N VAL I 219 26.11 -1.88 37.95
CA VAL I 219 25.24 -2.71 37.13
C VAL I 219 23.79 -2.38 37.43
N GLY I 220 23.52 -1.14 37.86
CA GLY I 220 22.17 -0.73 38.17
C GLY I 220 21.98 0.75 37.90
N PHE I 221 20.71 1.14 37.73
CA PHE I 221 20.34 2.51 37.43
C PHE I 221 19.07 2.87 38.18
N GLY I 222 18.88 4.16 38.43
CA GLY I 222 17.69 4.66 39.07
C GLY I 222 17.39 6.10 38.70
N PHE I 223 16.58 6.78 39.51
CA PHE I 223 16.28 8.19 39.31
C PHE I 223 15.61 8.43 37.95
N TRP I 224 14.40 7.87 37.82
CA TRP I 224 13.62 7.97 36.58
C TRP I 224 12.48 8.95 36.76
N GLN I 225 12.27 9.80 35.76
CA GLN I 225 11.06 10.61 35.67
C GLN I 225 10.05 9.89 34.75
N LEU I 226 9.70 8.68 35.17
CA LEU I 226 9.08 7.72 34.27
C LEU I 226 7.84 8.29 33.59
N ALA I 227 7.77 8.10 32.27
CA ALA I 227 6.65 8.54 31.46
C ALA I 227 6.81 7.95 30.07
N ALA I 228 5.70 7.63 29.43
CA ALA I 228 5.69 6.96 28.13
C ALA I 228 4.71 7.62 27.18
N MET I 229 4.74 8.94 27.09
CA MET I 229 3.72 9.70 26.39
C MET I 229 4.35 10.83 25.58
N SER I 230 5.45 10.54 24.90
CA SER I 230 6.10 11.52 24.03
C SER I 230 6.94 10.77 23.00
N THR I 231 7.16 11.39 21.85
CA THR I 231 7.94 10.76 20.80
C THR I 231 9.34 10.45 21.27
N GLU I 232 10.04 11.46 21.81
CA GLU I 232 11.37 11.25 22.36
C GLU I 232 11.57 12.03 23.65
N GLU I 233 10.58 12.83 24.07
CA GLU I 233 10.77 13.69 25.23
C GLU I 233 10.69 12.91 26.53
N LEU I 234 9.92 11.82 26.56
CA LEU I 234 9.73 11.03 27.77
C LEU I 234 10.06 9.56 27.61
N ASN I 235 10.01 9.01 26.40
CA ASN I 235 10.46 7.65 26.14
C ASN I 235 11.97 7.59 25.90
N GLN I 236 12.42 8.28 24.86
CA GLN I 236 13.80 8.17 24.37
C GLN I 236 14.79 8.94 25.22
N VAL I 237 14.32 9.72 26.19
CA VAL I 237 15.21 10.46 27.06
C VAL I 237 15.28 9.90 28.47
N ASN I 238 14.30 9.11 28.91
CA ASN I 238 14.33 8.50 30.23
C ASN I 238 14.61 7.01 30.20
N PHE I 239 13.78 6.24 29.51
CA PHE I 239 13.99 4.79 29.46
C PHE I 239 15.20 4.44 28.59
N GLU I 240 15.29 5.05 27.40
CA GLU I 240 16.42 4.75 26.53
C GLU I 240 17.73 5.29 27.09
N LYS I 241 17.67 6.42 27.80
CA LYS I 241 18.87 6.92 28.46
C LYS I 241 19.39 5.92 29.47
N VAL I 242 18.50 5.38 30.31
CA VAL I 242 18.89 4.37 31.28
C VAL I 242 19.40 3.13 30.56
N TYR I 243 18.71 2.72 29.50
CA TYR I 243 19.14 1.59 28.69
C TYR I 243 20.60 1.75 28.27
N ASP I 244 20.90 2.83 27.55
CA ASP I 244 22.25 3.02 27.02
C ASP I 244 23.27 3.20 28.14
N ALA I 245 22.88 3.86 29.23
CA ALA I 245 23.80 3.99 30.35
C ALA I 245 24.17 2.63 30.92
N MET I 246 23.19 1.74 31.03
CA MET I 246 23.47 0.39 31.51
C MET I 246 24.38 -0.38 30.54
N ARG I 247 24.10 -0.31 29.24
CA ARG I 247 24.85 -1.13 28.29
C ARG I 247 26.11 -0.45 27.77
N ASN I 248 26.45 0.74 28.28
CA ASN I 248 27.69 1.41 27.90
C ASN I 248 28.68 1.53 29.06
N GLN I 249 28.45 0.80 30.16
CA GLN I 249 29.37 0.84 31.27
C GLN I 249 30.69 0.18 30.90
N LYS I 250 31.79 0.78 31.33
CA LYS I 250 33.14 0.31 31.02
C LYS I 250 33.82 -0.14 32.30
N ALA I 251 34.42 -1.34 32.28
CA ALA I 251 35.08 -1.86 33.47
C ALA I 251 36.25 -0.98 33.87
N ASP I 252 37.15 -0.71 32.93
CA ASP I 252 38.26 0.20 33.19
C ASP I 252 38.57 1.08 31.98
N GLY I 253 37.69 1.13 30.99
CA GLY I 253 37.92 1.92 29.80
C GLY I 253 38.22 1.06 28.59
N GLY I 254 37.27 0.96 27.67
CA GLY I 254 37.46 0.20 26.45
C GLY I 254 36.69 -1.11 26.42
N ARG I 255 36.58 -1.78 27.57
CA ARG I 255 35.89 -3.06 27.64
C ARG I 255 34.53 -2.87 28.30
N PRO I 256 33.43 -3.00 27.55
CA PRO I 256 32.10 -2.89 28.17
C PRO I 256 31.86 -3.99 29.19
N LEU I 257 31.04 -3.68 30.20
CA LEU I 257 30.66 -4.68 31.20
C LEU I 257 29.78 -5.77 30.61
N ASP I 258 29.25 -5.57 29.40
CA ASP I 258 28.35 -6.54 28.77
C ASP I 258 27.09 -6.72 29.62
N ILE I 259 26.47 -5.60 29.99
CA ILE I 259 25.27 -5.59 30.83
C ILE I 259 24.06 -5.52 29.91
N ARG I 260 23.18 -6.51 30.02
CA ARG I 260 21.91 -6.50 29.30
C ARG I 260 20.77 -6.34 30.31
N PRO I 261 20.17 -5.15 30.41
CA PRO I 261 19.04 -4.98 31.34
C PRO I 261 17.84 -5.79 30.89
N ASN I 262 17.39 -6.71 31.75
CA ASN I 262 16.18 -7.48 31.51
C ASN I 262 15.20 -7.45 32.67
N LEU I 263 15.58 -6.87 33.81
CA LEU I 263 14.71 -6.76 34.97
C LEU I 263 14.37 -5.29 35.21
N LEU I 264 13.07 -5.01 35.30
CA LEU I 264 12.59 -3.68 35.66
C LEU I 264 11.62 -3.83 36.82
N VAL I 265 11.95 -3.22 37.95
CA VAL I 265 11.13 -3.28 39.15
C VAL I 265 10.61 -1.87 39.42
N VAL I 266 9.28 -1.76 39.52
CA VAL I 266 8.62 -0.47 39.74
C VAL I 266 7.53 -0.65 40.78
N PRO I 267 7.13 0.44 41.43
CA PRO I 267 6.01 0.34 42.40
C PRO I 267 4.74 -0.11 41.70
N THR I 268 3.72 -0.37 42.53
CA THR I 268 2.43 -0.78 41.98
C THR I 268 1.84 0.31 41.09
N THR I 269 2.01 1.58 41.48
CA THR I 269 1.45 2.68 40.69
C THR I 269 2.06 2.74 39.30
N LEU I 270 3.33 2.37 39.16
CA LEU I 270 4.02 2.42 37.88
C LEU I 270 3.93 1.12 37.10
N ARG I 271 3.19 0.13 37.60
CA ARG I 271 3.07 -1.14 36.89
C ARG I 271 2.42 -0.96 35.53
N SER I 272 1.36 -0.18 35.46
CA SER I 272 0.68 0.04 34.18
C SER I 272 1.60 0.74 33.19
N LYS I 273 2.35 1.74 33.65
CA LYS I 273 3.28 2.43 32.76
C LYS I 273 4.40 1.51 32.30
N ALA I 274 4.90 0.66 33.19
CA ALA I 274 5.93 -0.29 32.79
C ALA I 274 5.39 -1.28 31.75
N LYS I 275 4.17 -1.75 31.94
CA LYS I 275 3.56 -2.64 30.97
C LYS I 275 3.38 -1.95 29.62
N GLU I 276 2.97 -0.67 29.65
CA GLU I 276 2.83 0.08 28.41
C GLU I 276 4.18 0.23 27.71
N VAL I 277 5.23 0.51 28.47
CA VAL I 277 6.57 0.63 27.89
C VAL I 277 7.00 -0.69 27.26
N VAL I 278 6.75 -1.80 27.96
CA VAL I 278 7.13 -3.13 27.50
C VAL I 278 5.86 -3.97 27.43
N GLY I 279 5.37 -4.21 26.22
CA GLY I 279 4.21 -5.07 26.03
C GLY I 279 3.27 -4.62 24.93
N VAL I 280 3.35 -3.35 24.52
CA VAL I 280 2.48 -2.80 23.49
C VAL I 280 3.34 -2.03 22.50
N GLN I 281 3.02 -2.19 21.21
CA GLN I 281 3.84 -1.60 20.15
C GLN I 281 3.77 -0.07 20.12
N ARG I 282 2.79 0.51 20.81
CA ARG I 282 2.59 1.95 20.84
C ARG I 282 2.41 2.37 22.29
N LEU I 283 2.91 3.55 22.64
CA LEU I 283 3.17 3.88 24.05
C LEU I 283 2.00 4.61 24.71
N ALA I 284 1.77 5.86 24.32
CA ALA I 284 0.57 6.56 24.78
C ALA I 284 0.00 7.51 23.73
N ASN I 285 0.59 7.61 22.54
CA ASN I 285 0.09 8.49 21.50
C ASN I 285 0.07 7.83 20.14
N GLY I 286 0.64 6.62 20.00
CA GLY I 286 0.72 5.98 18.72
C GLY I 286 1.94 6.32 17.89
N ALA I 287 3.03 6.72 18.54
CA ALA I 287 4.25 7.04 17.80
C ALA I 287 5.04 5.78 17.46
N ASP I 288 5.51 5.08 18.48
CA ASP I 288 6.31 3.86 18.30
C ASP I 288 6.53 3.26 19.69
N ASN I 289 7.33 2.20 19.74
CA ASN I 289 7.71 1.59 21.00
C ASN I 289 9.02 0.82 20.85
N PRO I 290 10.16 1.50 20.98
CA PRO I 290 11.45 0.80 20.92
C PRO I 290 11.69 -0.16 22.07
N ASN I 291 10.78 -0.24 23.03
CA ASN I 291 10.97 -0.97 24.28
C ASN I 291 10.01 -2.15 24.37
N PHE I 292 9.85 -2.88 23.28
CA PHE I 292 8.96 -4.04 23.24
C PHE I 292 9.77 -5.31 23.44
N GLU I 293 9.38 -6.11 24.44
CA GLU I 293 9.95 -7.43 24.69
C GLU I 293 11.47 -7.37 24.80
N LEU I 294 11.95 -6.53 25.71
CA LEU I 294 13.36 -6.46 26.04
C LEU I 294 13.61 -6.57 27.53
N VAL I 295 12.73 -6.02 28.36
CA VAL I 295 12.81 -6.10 29.81
C VAL I 295 11.45 -6.52 30.33
N GLN I 296 11.42 -7.59 31.13
CA GLN I 296 10.19 -8.08 31.72
C GLN I 296 10.05 -7.47 33.11
N VAL I 297 8.89 -6.85 33.36
CA VAL I 297 8.66 -6.08 34.57
C VAL I 297 7.94 -6.94 35.59
N LEU I 298 8.41 -6.90 36.83
CA LEU I 298 7.77 -7.58 37.95
C LEU I 298 7.18 -6.54 38.89
N ASP I 299 5.95 -6.76 39.33
CA ASP I 299 5.30 -5.84 40.24
C ASP I 299 5.94 -5.91 41.62
N THR I 300 5.92 -4.79 42.33
CA THR I 300 6.46 -4.73 43.68
C THR I 300 5.70 -3.67 44.47
N ALA I 301 5.33 -4.02 45.71
CA ALA I 301 4.69 -3.10 46.62
C ALA I 301 5.54 -2.80 47.86
N TRP I 302 6.60 -3.58 48.10
CA TRP I 302 7.47 -3.32 49.26
C TRP I 302 8.19 -1.99 49.14
N LEU I 303 8.32 -1.44 47.93
CA LEU I 303 9.00 -0.17 47.72
C LEU I 303 7.98 0.95 47.53
N ASN I 304 8.28 2.11 48.09
CA ASN I 304 7.39 3.28 48.02
C ASN I 304 5.99 2.94 48.48
N ALA J 2 -34.95 -1.61 -53.97
CA ALA J 2 -35.70 -1.32 -52.75
C ALA J 2 -37.06 -2.02 -52.77
N ILE J 3 -37.91 -1.68 -51.82
CA ILE J 3 -39.27 -2.20 -51.73
C ILE J 3 -40.23 -1.02 -51.68
N ILE J 4 -41.36 -1.14 -52.38
CA ILE J 4 -42.27 0.00 -52.54
C ILE J 4 -42.75 0.48 -51.17
N THR J 5 -43.04 -0.45 -50.26
CA THR J 5 -43.56 -0.11 -48.93
C THR J 5 -42.93 -1.02 -47.90
N PRO J 6 -41.78 -0.63 -47.35
CA PRO J 6 -41.18 -1.42 -46.25
C PRO J 6 -42.05 -1.44 -45.01
N ALA J 7 -42.99 -0.52 -44.86
CA ALA J 7 -43.85 -0.50 -43.68
C ALA J 7 -44.67 -1.77 -43.58
N LEU J 8 -45.20 -2.25 -44.71
CA LEU J 8 -46.00 -3.47 -44.68
C LEU J 8 -45.16 -4.67 -44.25
N ILE J 9 -43.88 -4.68 -44.57
CA ILE J 9 -42.97 -5.73 -44.12
C ILE J 9 -42.21 -5.30 -42.86
N SER J 10 -42.70 -4.27 -42.16
CA SER J 10 -42.06 -3.86 -40.92
C SER J 10 -42.12 -4.97 -39.88
N ALA J 11 -43.25 -5.68 -39.82
CA ALA J 11 -43.34 -6.82 -38.91
C ALA J 11 -42.31 -7.88 -39.26
N LEU J 12 -42.08 -8.11 -40.56
CA LEU J 12 -41.02 -9.02 -40.97
C LEU J 12 -39.66 -8.52 -40.52
N LYS J 13 -39.45 -7.21 -40.60
CA LYS J 13 -38.19 -6.59 -40.19
C LYS J 13 -38.09 -6.39 -38.69
N THR J 14 -38.93 -7.06 -37.90
CA THR J 14 -38.93 -6.95 -36.45
C THR J 14 -38.95 -8.34 -35.83
N SER J 15 -38.16 -8.52 -34.76
CA SER J 15 -38.12 -9.75 -34.01
C SER J 15 -38.50 -9.48 -32.56
N PHE J 16 -39.19 -10.42 -31.94
CA PHE J 16 -39.69 -10.28 -30.58
C PHE J 16 -38.85 -11.15 -29.66
N GLN J 17 -38.31 -10.53 -28.60
CA GLN J 17 -37.47 -11.22 -27.62
C GLN J 17 -38.06 -11.04 -26.24
N LYS J 18 -38.19 -12.14 -25.50
CA LYS J 18 -38.73 -12.13 -24.14
C LYS J 18 -37.63 -12.08 -23.10
N HIS J 19 -36.48 -11.49 -23.44
CA HIS J 19 -35.38 -11.38 -22.49
C HIS J 19 -35.76 -10.49 -21.31
N PHE J 20 -36.52 -9.43 -21.57
CA PHE J 20 -36.88 -8.47 -20.54
C PHE J 20 -38.04 -8.93 -19.66
N GLN J 21 -38.75 -9.97 -20.07
CA GLN J 21 -39.95 -10.37 -19.34
C GLN J 21 -39.59 -10.94 -17.97
N ASP J 22 -40.28 -10.45 -16.94
CA ASP J 22 -40.14 -10.97 -15.58
C ASP J 22 -38.67 -11.02 -15.15
N ALA J 23 -37.91 -10.02 -15.56
CA ALA J 23 -36.51 -9.91 -15.17
C ALA J 23 -36.36 -9.17 -13.84
N LEU J 24 -37.15 -9.58 -12.85
CA LEU J 24 -37.15 -8.94 -11.55
C LEU J 24 -37.69 -9.93 -10.53
N ALA J 25 -37.41 -9.65 -9.26
CA ALA J 25 -37.88 -10.50 -8.18
C ALA J 25 -38.14 -9.63 -6.96
N THR J 26 -39.01 -10.13 -6.08
CA THR J 26 -39.30 -9.42 -4.84
C THR J 26 -38.11 -9.50 -3.90
N ALA J 27 -38.06 -8.55 -2.97
CA ALA J 27 -36.98 -8.53 -2.00
C ALA J 27 -37.05 -9.78 -1.12
N PRO J 28 -35.91 -10.24 -0.62
CA PRO J 28 -35.91 -11.48 0.17
C PRO J 28 -36.78 -11.34 1.41
N SER J 29 -37.37 -12.46 1.83
CA SER J 29 -38.24 -12.45 3.00
C SER J 29 -37.48 -11.95 4.21
N THR J 30 -38.13 -11.09 4.98
CA THR J 30 -37.50 -10.45 6.14
C THR J 30 -38.35 -10.46 7.40
N TYR J 31 -39.66 -10.70 7.31
CA TYR J 31 -40.50 -10.65 8.50
C TYR J 31 -40.08 -11.68 9.53
N LEU J 32 -39.56 -12.83 9.08
CA LEU J 32 -39.19 -13.89 10.02
C LEU J 32 -38.14 -13.42 11.01
N GLN J 33 -37.15 -12.65 10.53
CA GLN J 33 -36.08 -12.21 11.40
C GLN J 33 -36.59 -11.31 12.52
N VAL J 34 -37.52 -10.41 12.20
CA VAL J 34 -37.98 -9.40 13.15
C VAL J 34 -39.43 -9.66 13.57
N ALA J 35 -39.94 -10.86 13.34
CA ALA J 35 -41.31 -11.17 13.74
C ALA J 35 -41.51 -12.67 13.69
N THR J 36 -42.58 -13.12 14.35
CA THR J 36 -42.99 -14.51 14.36
C THR J 36 -44.48 -14.60 14.04
N VAL J 37 -44.88 -15.72 13.47
CA VAL J 37 -46.27 -15.93 13.04
C VAL J 37 -46.92 -16.91 14.00
N ILE J 38 -47.98 -16.45 14.66
CA ILE J 38 -48.80 -17.29 15.53
C ILE J 38 -50.25 -17.07 15.15
N PRO J 39 -50.76 -17.70 14.10
CA PRO J 39 -52.11 -17.40 13.64
C PRO J 39 -53.18 -18.17 14.38
N SER J 40 -54.43 -17.97 14.00
CA SER J 40 -55.56 -18.64 14.63
C SER J 40 -56.66 -18.81 13.59
N THR J 41 -57.87 -19.11 14.06
CA THR J 41 -59.02 -19.27 13.18
C THR J 41 -60.06 -18.16 13.33
N THR J 42 -60.04 -17.44 14.45
CA THR J 42 -61.03 -16.39 14.70
C THR J 42 -60.62 -15.10 13.99
N ALA J 43 -61.58 -14.17 13.93
CA ALA J 43 -61.38 -12.92 13.22
C ALA J 43 -60.70 -11.85 14.06
N SER J 44 -60.53 -12.06 15.36
CA SER J 44 -59.90 -11.09 16.24
C SER J 44 -58.57 -11.58 16.79
N ASN J 45 -58.55 -12.75 17.43
CA ASN J 45 -57.31 -13.32 17.96
C ASN J 45 -56.69 -12.41 19.01
N THR J 46 -57.46 -12.14 20.05
CA THR J 46 -57.02 -11.27 21.13
C THR J 46 -55.98 -11.98 22.00
N TYR J 47 -54.97 -11.23 22.43
CA TYR J 47 -53.95 -11.74 23.33
C TYR J 47 -54.16 -11.20 24.74
N GLY J 48 -53.45 -11.78 25.69
CA GLY J 48 -53.53 -11.35 27.07
C GLY J 48 -52.52 -12.02 27.97
N TRP J 49 -52.04 -11.28 28.97
CA TRP J 49 -51.04 -11.79 29.90
C TRP J 49 -51.22 -11.08 31.24
N LEU J 50 -50.31 -11.36 32.17
CA LEU J 50 -50.32 -10.77 33.50
C LEU J 50 -48.98 -10.09 33.77
N GLY J 51 -48.89 -9.47 34.94
CA GLY J 51 -47.65 -8.89 35.42
C GLY J 51 -46.95 -9.87 36.35
N GLN J 52 -45.63 -9.97 36.19
CA GLN J 52 -44.86 -10.88 37.02
C GLN J 52 -45.02 -10.54 38.50
N PHE J 53 -44.57 -11.45 39.36
CA PHE J 53 -44.78 -11.29 40.78
C PHE J 53 -44.07 -10.03 41.29
N PRO J 54 -44.63 -9.35 42.28
CA PRO J 54 -43.99 -8.14 42.79
C PRO J 54 -42.69 -8.45 43.53
N LYS J 55 -41.85 -7.42 43.62
CA LYS J 55 -40.58 -7.54 44.32
C LYS J 55 -40.81 -7.58 45.84
N LEU J 56 -39.83 -8.15 46.54
CA LEU J 56 -39.83 -8.16 48.00
C LEU J 56 -39.13 -6.90 48.49
N ARG J 57 -39.84 -6.06 49.24
CA ARG J 57 -39.34 -4.74 49.62
C ARG J 57 -38.80 -4.71 51.05
N GLU J 58 -39.64 -5.02 52.04
CA GLU J 58 -39.28 -4.81 53.44
C GLU J 58 -40.28 -5.57 54.31
N TRP J 59 -40.07 -5.48 55.63
CA TRP J 59 -40.97 -6.04 56.62
C TRP J 59 -41.32 -5.07 57.73
N ILE J 60 -40.64 -3.92 57.83
CA ILE J 60 -40.86 -3.01 58.93
C ILE J 60 -42.32 -2.59 59.03
N GLY J 61 -43.00 -2.50 57.88
CA GLY J 61 -44.43 -2.22 57.89
C GLY J 61 -45.24 -3.37 58.44
N GLN J 62 -46.54 -3.39 58.16
CA GLN J 62 -47.40 -4.47 58.60
C GLN J 62 -47.49 -5.57 57.54
N ARG J 63 -48.02 -5.22 56.37
CA ARG J 63 -48.01 -6.11 55.22
C ARG J 63 -48.09 -5.25 53.97
N VAL J 64 -47.65 -5.83 52.85
CA VAL J 64 -47.77 -5.21 51.54
C VAL J 64 -48.38 -6.26 50.61
N ILE J 65 -49.71 -6.27 50.51
CA ILE J 65 -50.36 -7.09 49.50
C ILE J 65 -50.15 -6.44 48.13
N LYS J 66 -50.41 -7.20 47.08
CA LYS J 66 -50.27 -6.67 45.74
C LYS J 66 -51.33 -7.29 44.85
N ASP J 67 -51.64 -6.61 43.76
CA ASP J 67 -52.65 -7.05 42.81
C ASP J 67 -52.00 -7.27 41.45
N MET J 68 -52.05 -8.50 40.96
CA MET J 68 -51.51 -8.79 39.64
C MET J 68 -52.33 -8.08 38.58
N ALA J 69 -51.63 -7.48 37.61
CA ALA J 69 -52.25 -6.63 36.60
C ALA J 69 -52.51 -7.43 35.34
N ALA J 70 -53.77 -7.44 34.90
CA ALA J 70 -54.14 -8.06 33.63
C ALA J 70 -53.85 -7.09 32.50
N GLN J 71 -53.20 -7.58 31.45
CA GLN J 71 -52.70 -6.75 30.35
C GLN J 71 -53.23 -7.26 29.01
N GLY J 72 -54.53 -7.51 28.95
CA GLY J 72 -55.15 -7.97 27.72
C GLY J 72 -54.96 -7.01 26.57
N TYR J 73 -54.56 -7.52 25.40
CA TYR J 73 -54.35 -6.70 24.21
C TYR J 73 -55.03 -7.37 23.03
N GLN J 74 -55.76 -6.57 22.24
CA GLN J 74 -56.54 -7.08 21.12
C GLN J 74 -56.19 -6.32 19.85
N ILE J 75 -56.29 -7.02 18.73
CA ILE J 75 -56.11 -6.41 17.41
C ILE J 75 -56.88 -7.25 16.40
N THR J 76 -57.67 -6.58 15.56
CA THR J 76 -58.59 -7.26 14.66
C THR J 76 -57.88 -7.58 13.34
N ASN J 77 -57.73 -8.86 13.05
CA ASN J 77 -57.20 -9.26 11.75
C ASN J 77 -58.26 -9.05 10.68
N LYS J 78 -57.81 -8.75 9.47
CA LYS J 78 -58.72 -8.45 8.38
C LYS J 78 -58.16 -9.06 7.09
N LEU J 79 -58.73 -8.65 5.96
CA LEU J 79 -58.54 -9.27 4.66
C LEU J 79 -57.65 -8.42 3.76
N PHE J 80 -57.09 -9.09 2.75
CA PHE J 80 -56.32 -8.43 1.70
C PHE J 80 -56.53 -9.21 0.41
N GLU J 81 -56.34 -8.53 -0.72
CA GLU J 81 -56.54 -9.15 -2.01
C GLU J 81 -56.06 -8.20 -3.11
N SER J 82 -55.78 -8.78 -4.27
CA SER J 82 -55.45 -8.02 -5.47
C SER J 82 -55.93 -8.79 -6.68
N THR J 83 -56.16 -8.08 -7.78
CA THR J 83 -56.86 -8.64 -8.91
C THR J 83 -56.31 -8.11 -10.23
N VAL J 84 -56.55 -8.86 -11.30
CA VAL J 84 -56.27 -8.42 -12.67
C VAL J 84 -57.23 -9.15 -13.60
N GLY J 85 -57.90 -8.39 -14.46
CA GLY J 85 -58.84 -8.94 -15.43
C GLY J 85 -58.17 -9.13 -16.78
N VAL J 86 -58.58 -10.20 -17.47
CA VAL J 86 -57.94 -10.59 -18.73
C VAL J 86 -58.99 -11.20 -19.65
N LYS J 87 -58.87 -10.91 -20.94
CA LYS J 87 -59.76 -11.48 -21.94
C LYS J 87 -59.38 -12.92 -22.23
N ARG J 88 -60.37 -13.81 -22.26
CA ARG J 88 -60.11 -15.24 -22.41
C ARG J 88 -59.34 -15.54 -23.69
N THR J 89 -59.83 -15.03 -24.82
CA THR J 89 -59.22 -15.39 -26.11
C THR J 89 -57.78 -14.91 -26.20
N ASP J 90 -57.39 -13.89 -25.43
CA ASP J 90 -56.02 -13.40 -25.51
C ASP J 90 -55.03 -14.42 -24.97
N ILE J 91 -55.47 -15.30 -24.06
CA ILE J 91 -54.58 -16.35 -23.57
C ILE J 91 -54.30 -17.36 -24.66
N GLU J 92 -55.34 -17.80 -25.37
CA GLU J 92 -55.16 -18.85 -26.36
C GLU J 92 -54.25 -18.40 -27.50
N ASP J 93 -54.46 -17.19 -27.99
CA ASP J 93 -53.65 -16.65 -29.09
C ASP J 93 -52.48 -15.84 -28.58
N ASP J 94 -51.68 -16.43 -27.69
CA ASP J 94 -50.49 -15.80 -27.15
C ASP J 94 -49.29 -16.25 -27.97
N ASN J 95 -48.80 -15.36 -28.83
CA ASN J 95 -47.64 -15.70 -29.67
C ASN J 95 -46.35 -15.75 -28.88
N LEU J 96 -46.31 -15.15 -27.69
CA LEU J 96 -45.09 -15.07 -26.90
C LEU J 96 -45.17 -15.82 -25.58
N GLY J 97 -46.35 -16.24 -25.15
CA GLY J 97 -46.48 -16.96 -23.89
C GLY J 97 -46.15 -16.14 -22.67
N VAL J 98 -46.43 -14.84 -22.70
CA VAL J 98 -46.24 -13.97 -21.54
C VAL J 98 -47.55 -13.56 -20.91
N TYR J 99 -48.68 -13.80 -21.56
CA TYR J 99 -49.98 -13.33 -21.10
C TYR J 99 -50.70 -14.38 -20.26
N GLY J 100 -50.36 -15.66 -20.41
CA GLY J 100 -50.97 -16.73 -19.68
C GLY J 100 -50.41 -17.01 -18.29
N PRO J 101 -49.14 -16.70 -18.04
CA PRO J 101 -48.53 -17.00 -16.73
C PRO J 101 -49.03 -16.14 -15.58
N LEU J 102 -50.13 -15.42 -15.74
CA LEU J 102 -50.70 -14.58 -14.68
C LEU J 102 -50.70 -15.30 -13.33
N MET J 103 -50.89 -16.62 -13.35
CA MET J 103 -50.92 -17.37 -12.09
C MET J 103 -49.58 -17.26 -11.35
N GLN J 104 -48.47 -17.29 -12.09
CA GLN J 104 -47.17 -17.15 -11.44
C GLN J 104 -47.03 -15.81 -10.75
N GLU J 105 -47.47 -14.73 -11.40
CA GLU J 105 -47.45 -13.42 -10.76
C GLU J 105 -48.37 -13.38 -9.56
N MET J 106 -49.53 -14.01 -9.65
CA MET J 106 -50.43 -14.11 -8.50
C MET J 106 -49.70 -14.73 -7.32
N GLY J 107 -49.05 -15.87 -7.56
CA GLY J 107 -48.34 -16.55 -6.48
C GLY J 107 -47.20 -15.73 -5.91
N ARG J 108 -46.45 -15.06 -6.79
CA ARG J 108 -45.34 -14.24 -6.32
C ARG J 108 -45.84 -13.09 -5.44
N ALA J 109 -46.91 -12.42 -5.86
CA ALA J 109 -47.48 -11.35 -5.05
C ALA J 109 -48.00 -11.88 -3.72
N ALA J 110 -48.67 -13.04 -3.74
CA ALA J 110 -49.15 -13.63 -2.50
C ALA J 110 -48.00 -13.94 -1.56
N GLY J 111 -46.90 -14.49 -2.09
CA GLY J 111 -45.75 -14.78 -1.25
C GLY J 111 -45.13 -13.53 -0.67
N ALA J 112 -45.08 -12.46 -1.46
CA ALA J 112 -44.52 -11.21 -0.97
C ALA J 112 -45.45 -10.48 -0.01
N HIS J 113 -46.74 -10.83 0.00
CA HIS J 113 -47.70 -10.10 0.83
C HIS J 113 -47.33 -10.02 2.30
N PRO J 114 -46.98 -11.11 3.00
CA PRO J 114 -46.72 -10.98 4.44
C PRO J 114 -45.61 -10.00 4.77
N ASP J 115 -44.55 -9.95 3.97
CA ASP J 115 -43.47 -9.01 4.22
C ASP J 115 -43.98 -7.57 4.18
N GLU J 116 -44.69 -7.21 3.11
CA GLU J 116 -45.19 -5.85 2.99
C GLU J 116 -46.20 -5.53 4.08
N LEU J 117 -47.02 -6.51 4.49
CA LEU J 117 -47.96 -6.27 5.58
C LEU J 117 -47.23 -5.95 6.87
N VAL J 118 -46.26 -6.80 7.24
CA VAL J 118 -45.52 -6.59 8.47
C VAL J 118 -44.80 -5.25 8.45
N PHE J 119 -44.19 -4.91 7.31
CA PHE J 119 -43.42 -3.67 7.24
C PHE J 119 -44.31 -2.45 7.14
N ALA J 120 -45.51 -2.58 6.58
CA ALA J 120 -46.48 -1.50 6.66
C ALA J 120 -46.87 -1.23 8.11
N LEU J 121 -47.10 -2.29 8.87
CA LEU J 121 -47.36 -2.10 10.30
C LEU J 121 -46.16 -1.45 10.98
N LEU J 122 -44.94 -1.88 10.62
CA LEU J 122 -43.75 -1.29 11.20
C LEU J 122 -43.65 0.20 10.89
N LYS J 123 -43.94 0.58 9.64
CA LYS J 123 -43.94 2.00 9.29
C LYS J 123 -44.98 2.76 10.10
N ALA J 124 -46.16 2.19 10.26
CA ALA J 124 -47.23 2.83 11.02
C ALA J 124 -47.05 2.66 12.53
N GLY J 125 -45.95 2.06 12.98
CA GLY J 125 -45.75 1.86 14.40
C GLY J 125 -45.79 3.15 15.19
N ASN J 126 -45.19 4.22 14.67
CA ASN J 126 -45.23 5.50 15.36
C ASN J 126 -46.67 5.99 15.50
N ALA J 127 -47.46 5.86 14.44
CA ALA J 127 -48.85 6.30 14.49
C ALA J 127 -49.73 5.31 15.25
N ASN J 128 -49.46 4.02 15.10
CA ASN J 128 -50.30 3.00 15.75
C ASN J 128 -49.99 2.91 17.24
N LEU J 129 -50.87 2.23 17.96
CA LEU J 129 -50.83 2.16 19.41
C LEU J 129 -50.57 0.74 19.87
N CYS J 130 -49.94 0.63 21.04
CA CYS J 130 -49.62 -0.65 21.65
C CYS J 130 -50.60 -0.94 22.78
N TYR J 131 -50.35 -2.03 23.53
CA TYR J 131 -51.31 -2.47 24.53
C TYR J 131 -51.48 -1.45 25.66
N ASP J 132 -50.44 -0.64 25.92
CA ASP J 132 -50.54 0.36 26.98
C ASP J 132 -51.65 1.36 26.68
N GLY J 133 -51.74 1.83 25.44
CA GLY J 133 -52.71 2.83 25.07
C GLY J 133 -52.08 3.98 24.31
N GLN J 134 -50.76 4.10 24.39
CA GLN J 134 -50.00 5.11 23.67
C GLN J 134 -49.44 4.52 22.38
N ASN J 135 -48.70 5.34 21.65
CA ASN J 135 -48.10 4.89 20.40
C ASN J 135 -47.06 3.80 20.67
N PHE J 136 -46.86 2.93 19.68
CA PHE J 136 -45.90 1.85 19.84
C PHE J 136 -44.51 2.39 20.17
N PHE J 137 -44.13 3.50 19.56
CA PHE J 137 -42.85 4.16 19.83
C PHE J 137 -43.19 5.56 20.33
N ASP J 138 -43.26 5.72 21.66
CA ASP J 138 -43.65 6.96 22.29
C ASP J 138 -42.71 7.28 23.44
N THR J 139 -42.64 8.57 23.78
CA THR J 139 -41.80 9.04 24.86
C THR J 139 -42.53 9.12 26.20
N ASP J 140 -43.80 8.74 26.25
CA ASP J 140 -44.62 8.84 27.45
C ASP J 140 -45.34 7.53 27.71
N HIS J 141 -44.63 6.43 27.66
CA HIS J 141 -45.23 5.12 27.88
C HIS J 141 -45.69 5.02 29.33
N PRO J 142 -47.00 4.76 29.61
CA PRO J 142 -47.47 4.61 30.98
C PRO J 142 -47.36 3.17 31.49
N VAL J 143 -46.19 2.57 31.31
CA VAL J 143 -45.99 1.20 31.77
C VAL J 143 -46.12 1.12 33.28
N TYR J 144 -45.54 2.08 33.99
CA TYR J 144 -45.61 2.17 35.45
C TYR J 144 -45.60 3.65 35.80
N PRO J 145 -45.78 4.06 37.06
CA PRO J 145 -46.04 5.49 37.32
C PRO J 145 -44.93 6.40 36.85
N ASN J 146 -43.71 5.88 36.69
CA ASN J 146 -42.65 6.66 36.06
C ASN J 146 -42.95 6.87 34.59
N VAL J 147 -42.44 7.97 34.05
CA VAL J 147 -42.66 8.33 32.65
C VAL J 147 -41.57 7.68 31.82
N ASP J 148 -41.93 6.61 31.11
CA ASP J 148 -41.01 5.88 30.26
C ASP J 148 -41.15 6.34 28.81
N GLY J 149 -40.11 6.06 28.01
CA GLY J 149 -40.11 6.47 26.63
C GLY J 149 -39.20 5.64 25.76
N THR J 150 -39.72 5.13 24.65
CA THR J 150 -38.96 4.33 23.71
C THR J 150 -38.64 5.08 22.42
N GLY J 151 -38.88 6.38 22.39
CA GLY J 151 -38.61 7.18 21.20
C GLY J 151 -38.02 8.54 21.55
N PHE J 160 -36.49 6.12 7.96
CA PHE J 160 -35.38 5.98 8.89
C PHE J 160 -35.81 5.23 10.14
N ALA J 161 -36.81 4.37 10.01
CA ALA J 161 -37.30 3.59 11.13
C ALA J 161 -36.24 2.60 11.57
N PRO J 162 -35.54 2.82 12.70
CA PRO J 162 -34.50 1.89 13.11
C PRO J 162 -35.04 0.66 13.83
N ALA J 163 -36.10 0.87 14.61
CA ALA J 163 -36.85 -0.21 15.26
C ALA J 163 -35.91 -1.29 15.80
N ALA J 164 -35.04 -0.87 16.72
CA ALA J 164 -34.15 -1.82 17.39
C ALA J 164 -34.97 -2.86 18.14
N ASP J 165 -34.79 -4.13 17.78
CA ASP J 165 -35.62 -5.20 18.29
C ASP J 165 -34.76 -6.35 18.82
N PRO J 166 -35.22 -7.07 19.84
CA PRO J 166 -34.58 -8.33 20.20
C PRO J 166 -35.07 -9.48 19.33
N GLY J 167 -34.22 -10.49 19.19
CA GLY J 167 -34.56 -11.67 18.41
C GLY J 167 -34.50 -12.94 19.22
N ALA J 168 -33.67 -12.96 20.26
CA ALA J 168 -33.51 -14.12 21.13
C ALA J 168 -34.38 -14.03 22.38
N ALA J 169 -35.19 -12.98 22.52
CA ALA J 169 -36.03 -12.84 23.70
C ALA J 169 -37.13 -13.89 23.68
N TRP J 170 -37.83 -14.00 24.82
CA TRP J 170 -38.93 -14.95 24.94
C TRP J 170 -40.02 -14.68 23.90
N TYR J 171 -40.11 -13.46 23.41
CA TYR J 171 -41.12 -13.08 22.43
C TYR J 171 -40.52 -12.07 21.44
N LEU J 172 -40.96 -12.15 20.20
CA LEU J 172 -40.47 -11.29 19.14
C LEU J 172 -41.34 -10.05 19.04
N LEU J 173 -41.14 -9.26 17.98
CA LEU J 173 -41.87 -8.02 17.78
C LEU J 173 -42.55 -8.03 16.41
N ASP J 174 -43.56 -7.17 16.27
CA ASP J 174 -44.23 -6.97 14.99
C ASP J 174 -44.71 -8.31 14.41
N THR J 175 -45.28 -9.13 15.28
CA THR J 175 -45.67 -10.48 14.88
C THR J 175 -46.77 -10.44 13.81
N SER J 176 -46.63 -11.29 12.81
CA SER J 176 -47.65 -11.47 11.79
C SER J 176 -48.66 -12.52 12.25
N ARG J 177 -49.80 -12.56 11.55
CA ARG J 177 -50.89 -13.50 11.87
C ARG J 177 -51.46 -13.99 10.55
N SER J 178 -50.95 -15.12 10.06
CA SER J 178 -51.41 -15.71 8.81
C SER J 178 -52.62 -16.60 9.11
N LEU J 179 -53.78 -15.96 9.19
CA LEU J 179 -55.00 -16.70 9.49
C LEU J 179 -55.29 -17.74 8.42
N LYS J 180 -55.14 -17.36 7.15
CA LYS J 180 -55.32 -18.27 6.04
C LYS J 180 -54.12 -18.18 5.11
N PRO J 181 -53.81 -19.26 4.40
CA PRO J 181 -52.66 -19.25 3.48
C PRO J 181 -53.03 -18.54 2.19
N LEU J 182 -52.07 -18.52 1.27
CA LEU J 182 -52.31 -17.96 -0.06
C LEU J 182 -53.29 -18.84 -0.82
N ILE J 183 -54.43 -18.27 -1.21
CA ILE J 183 -55.47 -18.98 -1.92
C ILE J 183 -55.61 -18.35 -3.30
N TYR J 184 -55.54 -19.19 -4.34
CA TYR J 184 -55.62 -18.72 -5.71
C TYR J 184 -57.07 -18.74 -6.17
N GLN J 185 -57.61 -17.55 -6.46
CA GLN J 185 -58.97 -17.39 -6.95
C GLN J 185 -58.92 -17.12 -8.45
N GLU J 186 -59.74 -17.85 -9.20
CA GLU J 186 -59.76 -17.76 -10.65
C GLU J 186 -61.20 -17.61 -11.12
N ARG J 187 -61.35 -17.22 -12.38
CA ARG J 187 -62.64 -17.18 -13.06
C ARG J 187 -62.45 -17.79 -14.45
N MET J 188 -62.60 -19.12 -14.53
CA MET J 188 -62.39 -19.84 -15.77
C MET J 188 -63.50 -20.81 -16.12
N LYS J 189 -64.30 -21.25 -15.16
CA LYS J 189 -65.37 -22.19 -15.47
C LYS J 189 -66.48 -21.47 -16.27
N PRO J 190 -67.22 -22.20 -17.09
CA PRO J 190 -68.30 -21.57 -17.86
C PRO J 190 -69.52 -21.18 -17.03
N SER J 191 -69.49 -21.39 -15.71
CA SER J 191 -70.64 -21.14 -14.84
C SER J 191 -70.62 -19.76 -14.22
N PHE J 192 -69.83 -18.82 -14.75
CA PHE J 192 -69.67 -17.51 -14.17
C PHE J 192 -70.14 -16.43 -15.14
N THR J 193 -70.61 -15.32 -14.58
CA THR J 193 -71.22 -14.26 -15.38
C THR J 193 -70.18 -13.48 -16.17
N SER J 194 -68.95 -13.37 -15.65
CA SER J 194 -67.94 -12.53 -16.27
C SER J 194 -67.62 -12.95 -17.70
N MET J 195 -67.92 -14.19 -18.07
CA MET J 195 -67.76 -14.65 -19.45
C MET J 195 -69.08 -14.96 -20.12
N THR J 196 -70.20 -14.91 -19.38
CA THR J 196 -71.51 -15.15 -19.96
C THR J 196 -72.20 -13.84 -20.37
N LYS J 197 -72.49 -12.99 -19.40
CA LYS J 197 -73.14 -11.70 -19.69
C LYS J 197 -72.11 -10.58 -19.78
N GLU J 198 -71.07 -10.83 -20.56
CA GLU J 198 -69.92 -9.92 -20.69
C GLU J 198 -69.15 -10.36 -21.92
N ASP J 199 -67.98 -9.78 -22.12
CA ASP J 199 -67.06 -10.29 -23.12
C ASP J 199 -66.50 -11.63 -22.64
N ASP J 200 -65.63 -12.22 -23.46
CA ASP J 200 -64.93 -13.44 -23.08
C ASP J 200 -63.82 -13.06 -22.09
N GLU J 201 -64.25 -12.74 -20.88
CA GLU J 201 -63.37 -12.21 -19.85
C GLU J 201 -63.02 -13.27 -18.81
N GLN J 202 -61.82 -13.14 -18.25
CA GLN J 202 -61.37 -13.98 -17.14
C GLN J 202 -60.60 -13.11 -16.16
N VAL J 203 -60.62 -13.50 -14.89
CA VAL J 203 -59.94 -12.76 -13.84
C VAL J 203 -59.27 -13.74 -12.89
N PHE J 204 -58.02 -13.45 -12.52
CA PHE J 204 -57.23 -14.26 -11.62
C PHE J 204 -56.87 -13.42 -10.39
N MET J 205 -56.88 -14.04 -9.23
CA MET J 205 -56.76 -13.31 -7.97
C MET J 205 -56.13 -14.19 -6.90
N ALA J 206 -55.75 -13.54 -5.80
CA ALA J 206 -55.27 -14.21 -4.61
C ALA J 206 -56.01 -13.64 -3.40
N ASP J 207 -56.28 -14.49 -2.41
CA ASP J 207 -57.06 -14.12 -1.24
C ASP J 207 -56.17 -14.22 0.01
N GLU J 208 -56.23 -13.20 0.85
CA GLU J 208 -55.45 -13.16 2.09
C GLU J 208 -56.34 -12.64 3.22
N TYR J 209 -56.17 -13.21 4.41
CA TYR J 209 -56.96 -12.84 5.57
C TYR J 209 -56.05 -12.71 6.80
N ARG J 210 -54.94 -12.00 6.63
CA ARG J 210 -53.92 -11.85 7.67
C ARG J 210 -53.90 -10.43 8.21
N TYR J 211 -53.01 -10.19 9.18
CA TYR J 211 -52.80 -8.87 9.74
C TYR J 211 -51.63 -8.93 10.71
N GLY J 212 -50.99 -7.78 10.92
CA GLY J 212 -49.89 -7.68 11.86
C GLY J 212 -50.36 -7.31 13.26
N VAL J 213 -49.40 -7.26 14.18
CA VAL J 213 -49.68 -7.04 15.60
C VAL J 213 -48.68 -6.06 16.17
N ARG J 214 -49.18 -5.04 16.88
CA ARG J 214 -48.35 -4.14 17.69
C ARG J 214 -48.31 -4.71 19.10
N SER J 215 -47.48 -5.74 19.28
CA SER J 215 -47.58 -6.57 20.48
C SER J 215 -46.90 -5.92 21.69
N ARG J 216 -45.59 -5.71 21.61
CA ARG J 216 -44.80 -5.25 22.75
C ARG J 216 -44.10 -3.95 22.39
N CYS J 217 -44.53 -2.86 23.03
CA CYS J 217 -43.91 -1.56 22.81
C CYS J 217 -42.88 -1.20 23.86
N ASN J 218 -42.55 -2.11 24.78
CA ASN J 218 -41.52 -1.87 25.78
C ASN J 218 -40.20 -2.53 25.42
N VAL J 219 -40.11 -3.23 24.29
CA VAL J 219 -38.87 -3.87 23.87
C VAL J 219 -38.48 -3.40 22.48
N GLY J 220 -38.83 -2.17 22.13
CA GLY J 220 -38.50 -1.63 20.83
C GLY J 220 -38.27 -0.13 20.85
N PHE J 221 -37.21 0.33 20.18
CA PHE J 221 -36.85 1.74 20.11
C PHE J 221 -36.70 2.13 18.65
N GLY J 222 -37.34 3.23 18.26
CA GLY J 222 -37.33 3.63 16.86
C GLY J 222 -37.20 5.12 16.59
N PHE J 223 -36.53 5.87 17.47
CA PHE J 223 -36.35 7.31 17.31
C PHE J 223 -34.85 7.62 17.27
N TRP J 224 -34.26 7.51 16.09
CA TRP J 224 -32.82 7.70 15.91
C TRP J 224 -32.57 8.87 14.96
N GLN J 225 -31.68 9.77 15.34
CA GLN J 225 -31.12 10.75 14.41
C GLN J 225 -29.79 10.22 13.88
N LEU J 226 -29.90 9.13 13.15
CA LEU J 226 -28.74 8.29 12.83
C LEU J 226 -27.61 9.11 12.22
N ALA J 227 -26.49 9.18 12.95
CA ALA J 227 -25.27 9.81 12.43
C ALA J 227 -24.09 9.15 13.14
N ALA J 228 -23.50 8.14 12.50
CA ALA J 228 -22.43 7.33 13.09
C ALA J 228 -21.09 7.94 12.70
N MET J 229 -20.69 8.98 13.43
CA MET J 229 -19.42 9.65 13.17
C MET J 229 -19.07 10.52 14.37
N SER J 230 -17.78 10.89 14.45
CA SER J 230 -17.25 11.75 15.51
C SER J 230 -17.48 11.16 16.90
N THR J 231 -17.81 9.87 16.97
CA THR J 231 -17.94 9.11 18.21
C THR J 231 -18.86 9.81 19.23
N GLU J 232 -19.67 10.75 18.78
CA GLU J 232 -20.62 11.41 19.68
C GLU J 232 -22.04 11.44 19.15
N GLU J 233 -22.22 11.70 17.85
CA GLU J 233 -23.57 11.89 17.32
C GLU J 233 -24.42 10.64 17.49
N LEU J 234 -23.86 9.47 17.16
CA LEU J 234 -24.56 8.21 17.32
C LEU J 234 -23.79 7.17 18.11
N ASN J 235 -22.47 7.23 18.11
CA ASN J 235 -21.70 6.28 18.91
C ASN J 235 -22.08 6.38 20.38
N GLN J 236 -22.57 7.53 20.82
CA GLN J 236 -23.00 7.72 22.20
C GLN J 236 -24.46 8.09 22.34
N VAL J 237 -24.94 9.11 21.62
CA VAL J 237 -26.23 9.70 21.93
C VAL J 237 -27.36 8.74 21.58
N ASN J 238 -27.53 8.41 20.30
CA ASN J 238 -28.72 7.72 19.84
C ASN J 238 -28.47 6.27 19.44
N PHE J 239 -27.29 5.73 19.72
CA PHE J 239 -27.09 4.28 19.70
C PHE J 239 -26.66 3.74 21.05
N GLU J 240 -25.60 4.29 21.65
CA GLU J 240 -25.17 3.78 22.95
C GLU J 240 -26.24 3.99 24.00
N LYS J 241 -26.74 5.21 24.14
CA LYS J 241 -27.76 5.47 25.16
C LYS J 241 -29.09 4.85 24.80
N VAL J 242 -29.36 4.64 23.51
CA VAL J 242 -30.59 3.95 23.11
C VAL J 242 -30.50 2.47 23.49
N TYR J 243 -29.36 1.84 23.23
CA TYR J 243 -29.12 0.48 23.67
C TYR J 243 -29.21 0.38 25.19
N ASP J 244 -28.66 1.37 25.89
CA ASP J 244 -28.73 1.40 27.35
C ASP J 244 -30.16 1.57 27.84
N ALA J 245 -30.96 2.39 27.17
CA ALA J 245 -32.36 2.54 27.55
C ALA J 245 -33.13 1.25 27.30
N MET J 246 -32.84 0.56 26.20
CA MET J 246 -33.47 -0.73 25.94
C MET J 246 -33.11 -1.72 27.03
N ARG J 247 -31.85 -1.72 27.47
CA ARG J 247 -31.43 -2.59 28.57
C ARG J 247 -31.87 -2.09 29.93
N ASN J 248 -32.36 -0.86 30.03
CA ASN J 248 -32.77 -0.25 31.29
C ASN J 248 -34.26 -0.38 31.55
N GLN J 249 -35.01 -0.99 30.64
CA GLN J 249 -36.45 -1.14 30.85
C GLN J 249 -36.69 -2.03 32.06
N LYS J 250 -37.58 -1.60 32.94
CA LYS J 250 -37.86 -2.29 34.19
C LYS J 250 -39.32 -2.67 34.27
N ALA J 251 -39.58 -3.88 34.75
CA ALA J 251 -40.94 -4.39 34.89
C ALA J 251 -41.52 -3.92 36.22
N ASP J 252 -42.67 -4.48 36.60
CA ASP J 252 -43.30 -4.11 37.86
C ASP J 252 -42.35 -4.37 39.02
N GLY J 253 -42.23 -3.39 39.92
CA GLY J 253 -41.29 -3.48 41.02
C GLY J 253 -39.87 -3.12 40.67
N GLY J 254 -39.61 -2.62 39.47
CA GLY J 254 -38.28 -2.23 39.06
C GLY J 254 -37.40 -3.35 38.56
N ARG J 255 -37.93 -4.57 38.44
CA ARG J 255 -37.12 -5.69 37.97
C ARG J 255 -36.78 -5.50 36.49
N PRO J 256 -35.51 -5.59 36.10
CA PRO J 256 -35.17 -5.39 34.69
C PRO J 256 -35.85 -6.40 33.79
N LEU J 257 -36.21 -5.96 32.58
CA LEU J 257 -36.82 -6.83 31.59
C LEU J 257 -35.85 -7.84 31.01
N ASP J 258 -34.55 -7.66 31.21
CA ASP J 258 -33.53 -8.52 30.61
C ASP J 258 -33.62 -8.47 29.09
N ILE J 259 -33.50 -7.27 28.55
CA ILE J 259 -33.59 -7.03 27.12
C ILE J 259 -32.19 -7.06 26.53
N ARG J 260 -32.02 -7.85 25.47
CA ARG J 260 -30.73 -8.02 24.79
C ARG J 260 -30.95 -7.77 23.31
N PRO J 261 -31.01 -6.51 22.88
CA PRO J 261 -31.29 -6.23 21.46
C PRO J 261 -30.27 -6.88 20.55
N ASN J 262 -30.77 -7.51 19.48
CA ASN J 262 -29.90 -8.18 18.52
C ASN J 262 -30.34 -7.96 17.08
N LEU J 263 -31.34 -7.13 16.83
CA LEU J 263 -31.82 -6.83 15.49
C LEU J 263 -31.84 -5.33 15.28
N LEU J 264 -31.43 -4.89 14.10
CA LEU J 264 -31.43 -3.47 13.73
C LEU J 264 -31.95 -3.37 12.29
N VAL J 265 -33.26 -3.18 12.16
CA VAL J 265 -33.88 -3.04 10.85
C VAL J 265 -33.86 -1.57 10.47
N VAL J 266 -33.31 -1.27 9.30
CA VAL J 266 -33.15 0.10 8.83
C VAL J 266 -33.45 0.14 7.34
N PRO J 267 -33.78 1.32 6.82
CA PRO J 267 -33.98 1.46 5.37
C PRO J 267 -32.65 1.36 4.63
N THR J 268 -32.76 1.29 3.30
CA THR J 268 -31.57 1.14 2.48
C THR J 268 -30.63 2.32 2.63
N THR J 269 -31.17 3.51 2.88
CA THR J 269 -30.33 4.70 3.01
C THR J 269 -29.45 4.67 4.25
N LEU J 270 -29.73 3.77 5.20
CA LEU J 270 -28.97 3.68 6.44
C LEU J 270 -28.15 2.38 6.53
N ARG J 271 -28.14 1.57 5.47
CA ARG J 271 -27.44 0.29 5.54
C ARG J 271 -25.94 0.50 5.73
N SER J 272 -25.35 1.43 4.99
CA SER J 272 -23.91 1.66 5.09
C SER J 272 -23.53 2.12 6.50
N LYS J 273 -24.29 3.07 7.05
CA LYS J 273 -23.99 3.54 8.40
C LYS J 273 -24.20 2.45 9.44
N ALA J 274 -25.23 1.62 9.26
CA ALA J 274 -25.45 0.52 10.20
C ALA J 274 -24.30 -0.47 10.16
N LYS J 275 -23.81 -0.80 8.96
CA LYS J 275 -22.66 -1.69 8.83
C LYS J 275 -21.42 -1.06 9.44
N GLU J 276 -21.25 0.25 9.28
CA GLU J 276 -20.13 0.92 9.92
C GLU J 276 -20.22 0.82 11.43
N VAL J 277 -21.43 1.01 11.99
CA VAL J 277 -21.61 0.91 13.44
C VAL J 277 -21.29 -0.51 13.90
N VAL J 278 -21.77 -1.50 13.17
CA VAL J 278 -21.55 -2.90 13.50
C VAL J 278 -20.83 -3.53 12.32
N GLY J 279 -19.50 -3.67 12.42
CA GLY J 279 -18.73 -4.32 11.38
C GLY J 279 -17.37 -3.69 11.11
N VAL J 280 -17.10 -2.53 11.70
CA VAL J 280 -15.84 -1.84 11.52
C VAL J 280 -15.29 -1.45 12.89
N GLN J 281 -13.99 -1.69 13.08
CA GLN J 281 -13.36 -1.36 14.37
C GLN J 281 -13.41 0.13 14.64
N ARG J 282 -13.14 0.95 13.63
CA ARG J 282 -13.26 2.40 13.75
C ARG J 282 -14.62 2.83 13.23
N LEU J 283 -15.09 3.99 13.71
CA LEU J 283 -16.46 4.41 13.44
C LEU J 283 -16.54 5.31 12.21
N ALA J 284 -15.98 6.51 12.30
CA ALA J 284 -15.85 7.38 11.13
C ALA J 284 -14.59 8.22 11.10
N ASN J 285 -13.75 8.18 12.14
CA ASN J 285 -12.57 9.04 12.20
C ASN J 285 -11.38 8.32 12.81
N GLY J 286 -11.40 6.99 12.87
CA GLY J 286 -10.32 6.27 13.50
C GLY J 286 -10.34 6.32 15.01
N ALA J 287 -11.46 6.70 15.61
CA ALA J 287 -11.53 6.80 17.07
C ALA J 287 -11.75 5.43 17.70
N ASP J 288 -12.93 4.84 17.47
CA ASP J 288 -13.25 3.48 17.90
C ASP J 288 -14.69 3.18 17.48
N ASN J 289 -15.05 1.91 17.61
CA ASN J 289 -16.42 1.44 17.37
C ASN J 289 -16.81 0.52 18.52
N PRO J 290 -17.33 1.08 19.62
CA PRO J 290 -17.72 0.23 20.75
C PRO J 290 -18.77 -0.81 20.39
N ASN J 291 -19.61 -0.54 19.39
CA ASN J 291 -20.70 -1.42 19.01
C ASN J 291 -20.28 -2.43 17.95
N PHE J 292 -19.00 -2.76 17.88
CA PHE J 292 -18.51 -3.70 16.88
C PHE J 292 -19.05 -5.10 17.20
N GLU J 293 -19.65 -5.74 16.19
CA GLU J 293 -20.21 -7.09 16.35
C GLU J 293 -21.19 -7.13 17.52
N LEU J 294 -22.01 -6.08 17.65
CA LEU J 294 -22.97 -5.98 18.74
C LEU J 294 -24.37 -6.42 18.30
N VAL J 295 -24.91 -5.78 17.26
CA VAL J 295 -26.23 -6.09 16.72
C VAL J 295 -26.09 -6.33 15.23
N GLN J 296 -26.60 -7.46 14.76
CA GLN J 296 -26.55 -7.80 13.34
C GLN J 296 -27.64 -7.02 12.61
N VAL J 297 -27.24 -6.20 11.64
CA VAL J 297 -28.16 -5.32 10.93
C VAL J 297 -28.67 -6.04 9.69
N LEU J 298 -29.98 -6.02 9.50
CA LEU J 298 -30.62 -6.52 8.30
C LEU J 298 -31.38 -5.38 7.65
N ASP J 299 -31.27 -5.28 6.32
CA ASP J 299 -31.86 -4.18 5.59
C ASP J 299 -33.27 -4.53 5.12
N THR J 300 -34.00 -3.50 4.68
CA THR J 300 -35.35 -3.68 4.16
C THR J 300 -35.80 -2.42 3.44
N ALA J 301 -36.30 -2.57 2.21
CA ALA J 301 -36.77 -1.44 1.42
C ALA J 301 -38.26 -1.19 1.57
N TRP J 302 -38.97 -2.01 2.36
CA TRP J 302 -40.40 -1.82 2.51
C TRP J 302 -40.73 -0.54 3.28
N LEU J 303 -39.90 -0.17 4.25
CA LEU J 303 -40.13 1.01 5.05
C LEU J 303 -39.44 2.22 4.44
N ASN J 304 -40.14 3.35 4.44
CA ASN J 304 -39.62 4.59 3.86
C ASN J 304 -39.26 4.42 2.39
N ALA K 2 -75.24 -12.77 6.28
CA ALA K 2 -74.60 -11.85 7.21
C ALA K 2 -75.21 -11.98 8.60
N ILE K 3 -74.73 -11.16 9.53
CA ILE K 3 -75.24 -11.11 10.89
C ILE K 3 -75.86 -9.75 11.11
N ILE K 4 -77.16 -9.74 11.43
CA ILE K 4 -77.85 -8.48 11.70
C ILE K 4 -77.31 -7.82 12.96
N THR K 5 -76.98 -8.63 13.97
CA THR K 5 -76.45 -8.13 15.24
C THR K 5 -75.19 -8.91 15.58
N PRO K 6 -74.08 -8.64 14.89
CA PRO K 6 -72.83 -9.37 15.17
C PRO K 6 -72.19 -9.02 16.49
N ALA K 7 -72.65 -7.96 17.17
CA ALA K 7 -72.01 -7.55 18.42
C ALA K 7 -72.08 -8.65 19.46
N LEU K 8 -73.22 -9.34 19.55
CA LEU K 8 -73.40 -10.36 20.58
C LEU K 8 -72.59 -11.62 20.32
N ILE K 9 -71.97 -11.75 19.15
CA ILE K 9 -71.13 -12.89 18.81
C ILE K 9 -69.66 -12.52 18.75
N SER K 10 -69.31 -11.24 18.93
CA SER K 10 -67.92 -10.84 18.90
C SER K 10 -67.09 -11.63 19.90
N ALA K 11 -67.68 -12.00 21.04
CA ALA K 11 -66.96 -12.82 22.02
C ALA K 11 -66.59 -14.16 21.42
N LEU K 12 -67.49 -14.79 20.67
CA LEU K 12 -67.24 -16.09 20.08
C LEU K 12 -66.44 -16.01 18.78
N LYS K 13 -66.28 -14.81 18.21
CA LYS K 13 -65.45 -14.62 17.04
C LYS K 13 -64.03 -14.16 17.40
N THR K 14 -63.59 -14.45 18.63
CA THR K 14 -62.28 -14.06 19.11
C THR K 14 -61.58 -15.28 19.71
N SER K 15 -60.28 -15.39 19.45
CA SER K 15 -59.45 -16.45 20.01
C SER K 15 -58.45 -15.85 20.99
N PHE K 16 -58.17 -16.60 22.05
CA PHE K 16 -57.28 -16.15 23.12
C PHE K 16 -56.02 -17.01 23.12
N GLN K 17 -54.88 -16.38 22.83
CA GLN K 17 -53.57 -17.03 22.85
C GLN K 17 -52.75 -16.40 23.97
N LYS K 18 -52.33 -17.22 24.93
CA LYS K 18 -51.48 -16.73 26.01
C LYS K 18 -50.00 -16.90 25.67
N HIS K 19 -49.65 -16.42 24.48
CA HIS K 19 -48.27 -16.43 24.04
C HIS K 19 -47.45 -15.36 24.74
N PHE K 20 -48.10 -14.32 25.24
CA PHE K 20 -47.43 -13.23 25.95
C PHE K 20 -47.38 -13.46 27.45
N GLN K 21 -47.91 -14.58 27.94
CA GLN K 21 -47.92 -14.86 29.37
C GLN K 21 -46.56 -15.41 29.79
N ASP K 22 -45.93 -14.73 30.75
CA ASP K 22 -44.64 -15.16 31.28
C ASP K 22 -43.58 -15.25 30.18
N ALA K 23 -43.74 -14.47 29.12
CA ALA K 23 -42.74 -14.43 28.05
C ALA K 23 -41.62 -13.43 28.37
N LEU K 24 -41.08 -13.56 29.58
CA LEU K 24 -40.05 -12.68 30.08
C LEU K 24 -39.35 -13.37 31.23
N ALA K 25 -38.21 -12.82 31.63
CA ALA K 25 -37.45 -13.38 32.74
C ALA K 25 -36.63 -12.27 33.39
N THR K 26 -36.21 -12.51 34.62
CA THR K 26 -35.34 -11.59 35.32
C THR K 26 -33.92 -11.69 34.78
N ALA K 27 -33.11 -10.69 35.12
CA ALA K 27 -31.73 -10.69 34.67
C ALA K 27 -30.97 -11.87 35.29
N PRO K 28 -29.95 -12.39 34.63
CA PRO K 28 -29.23 -13.55 35.16
C PRO K 28 -28.58 -13.22 36.51
N SER K 29 -28.47 -14.25 37.35
CA SER K 29 -27.87 -14.07 38.66
C SER K 29 -26.47 -13.51 38.54
N THR K 30 -26.16 -12.55 39.41
CA THR K 30 -24.87 -11.86 39.37
C THR K 30 -24.17 -11.77 40.72
N TYR K 31 -24.88 -11.92 41.84
CA TYR K 31 -24.25 -11.77 43.15
C TYR K 31 -23.18 -12.82 43.40
N LEU K 32 -23.22 -13.94 42.68
CA LEU K 32 -22.20 -14.98 42.87
C LEU K 32 -20.82 -14.44 42.54
N GLN K 33 -20.69 -13.69 41.45
CA GLN K 33 -19.38 -13.20 41.03
C GLN K 33 -18.91 -12.03 41.89
N VAL K 34 -19.84 -11.26 42.47
CA VAL K 34 -19.47 -10.11 43.29
C VAL K 34 -19.64 -10.37 44.77
N ALA K 35 -20.16 -11.54 45.16
CA ALA K 35 -20.43 -11.81 46.55
C ALA K 35 -20.48 -13.31 46.79
N THR K 36 -20.39 -13.69 48.06
CA THR K 36 -20.46 -15.08 48.48
C THR K 36 -21.38 -15.18 49.70
N VAL K 37 -21.97 -16.35 49.88
CA VAL K 37 -22.97 -16.58 50.92
C VAL K 37 -22.38 -17.51 51.98
N ILE K 38 -22.33 -17.03 53.21
CA ILE K 38 -22.00 -17.84 54.38
C ILE K 38 -23.06 -17.57 55.43
N PRO K 39 -24.23 -18.20 55.35
CA PRO K 39 -25.33 -17.85 56.24
C PRO K 39 -25.13 -18.43 57.64
N SER K 40 -26.03 -18.03 58.54
CA SER K 40 -26.01 -18.50 59.92
C SER K 40 -27.45 -18.81 60.32
N THR K 41 -27.64 -19.09 61.62
CA THR K 41 -28.97 -19.37 62.16
C THR K 41 -29.42 -18.32 63.16
N THR K 42 -28.65 -17.26 63.36
CA THR K 42 -28.99 -16.20 64.30
C THR K 42 -29.51 -14.98 63.53
N ALA K 43 -29.71 -13.88 64.25
CA ALA K 43 -30.24 -12.66 63.64
C ALA K 43 -29.18 -11.61 63.34
N SER K 44 -28.01 -11.68 63.99
CA SER K 44 -26.96 -10.68 63.81
C SER K 44 -25.75 -11.23 63.08
N ASN K 45 -25.13 -12.30 63.59
CA ASN K 45 -24.01 -12.94 62.92
C ASN K 45 -22.86 -11.96 62.69
N THR K 46 -22.30 -11.49 63.81
CA THR K 46 -21.16 -10.59 63.77
C THR K 46 -19.86 -11.37 63.60
N TYR K 47 -18.85 -10.70 63.05
CA TYR K 47 -17.53 -11.29 62.80
C TYR K 47 -16.49 -10.54 63.62
N GLY K 48 -16.02 -11.16 64.70
CA GLY K 48 -15.00 -10.57 65.55
C GLY K 48 -13.60 -11.01 65.20
N TRP K 49 -13.12 -10.64 64.01
CA TRP K 49 -11.81 -11.09 63.56
C TRP K 49 -10.70 -10.20 64.10
N LEU K 50 -9.46 -10.71 64.00
CA LEU K 50 -8.28 -10.06 64.54
C LEU K 50 -7.43 -9.48 63.43
N GLY K 51 -6.57 -8.53 63.82
CA GLY K 51 -5.60 -7.98 62.89
C GLY K 51 -4.39 -8.88 62.71
N GLN K 52 -3.71 -8.68 61.59
CA GLN K 52 -2.55 -9.50 61.26
C GLN K 52 -1.35 -9.11 62.12
N PHE K 53 -0.39 -10.03 62.21
CA PHE K 53 0.83 -9.79 62.98
C PHE K 53 1.77 -8.90 62.18
N PRO K 54 2.17 -7.74 62.69
CA PRO K 54 2.97 -6.81 61.88
C PRO K 54 4.34 -7.39 61.51
N LYS K 55 5.02 -6.65 60.65
CA LYS K 55 6.29 -7.11 60.09
C LYS K 55 7.40 -7.06 61.13
N LEU K 56 8.53 -7.67 60.79
CA LEU K 56 9.67 -7.71 61.69
C LEU K 56 10.31 -6.32 61.77
N ARG K 57 10.53 -5.86 63.00
CA ARG K 57 11.06 -4.52 63.24
C ARG K 57 12.57 -4.49 62.99
N GLU K 58 13.13 -3.27 63.04
CA GLU K 58 14.57 -3.10 62.92
C GLU K 58 15.32 -4.02 63.88
N TRP K 59 14.86 -4.08 65.14
CA TRP K 59 15.48 -4.93 66.16
C TRP K 59 16.98 -4.67 66.25
N ILE K 60 17.33 -3.39 66.34
CA ILE K 60 18.69 -2.95 66.64
C ILE K 60 18.61 -2.20 67.97
N GLY K 61 19.17 -2.80 69.01
CA GLY K 61 19.24 -2.12 70.29
C GLY K 61 18.22 -2.57 71.31
N GLN K 62 16.98 -2.85 70.90
CA GLN K 62 15.94 -3.06 71.88
C GLN K 62 14.67 -3.60 71.23
N ARG K 63 13.80 -4.17 72.07
CA ARG K 63 12.57 -4.85 71.65
C ARG K 63 11.53 -3.85 71.15
N VAL K 64 10.51 -4.40 70.48
CA VAL K 64 9.33 -3.64 70.09
C VAL K 64 8.09 -4.53 70.18
N ILE K 65 7.27 -4.32 71.20
CA ILE K 65 5.98 -5.02 71.29
C ILE K 65 5.02 -4.42 70.27
N LYS K 66 4.25 -5.28 69.61
CA LYS K 66 3.35 -4.88 68.54
C LYS K 66 1.99 -5.53 68.69
N ASP K 67 1.40 -5.40 69.89
CA ASP K 67 0.09 -5.98 70.15
C ASP K 67 -0.93 -5.55 69.10
N MET K 68 -1.66 -6.52 68.57
CA MET K 68 -2.71 -6.27 67.60
C MET K 68 -4.07 -6.19 68.32
N ALA K 69 -5.15 -6.14 67.55
CA ALA K 69 -6.48 -6.03 68.12
C ALA K 69 -7.49 -6.64 67.16
N ALA K 70 -8.76 -6.57 67.55
CA ALA K 70 -9.86 -7.09 66.74
C ALA K 70 -10.52 -5.97 65.95
N GLN K 71 -11.28 -6.37 64.94
CA GLN K 71 -11.96 -5.45 64.04
C GLN K 71 -13.40 -5.90 63.83
N GLY K 72 -14.09 -6.20 64.93
CA GLY K 72 -15.45 -6.70 64.87
C GLY K 72 -16.37 -5.92 63.96
N TYR K 73 -17.38 -6.60 63.41
CA TYR K 73 -18.32 -5.97 62.49
C TYR K 73 -19.69 -6.59 62.71
N GLN K 74 -20.61 -5.85 63.33
CA GLN K 74 -21.94 -6.31 63.62
C GLN K 74 -22.93 -5.71 62.64
N ILE K 75 -23.79 -6.55 62.07
CA ILE K 75 -24.86 -6.10 61.17
C ILE K 75 -26.02 -7.07 61.30
N THR K 76 -27.22 -6.53 61.50
CA THR K 76 -28.38 -7.34 61.81
C THR K 76 -29.01 -7.89 60.53
N ASN K 77 -30.14 -8.57 60.70
CA ASN K 77 -30.89 -9.16 59.60
C ASN K 77 -32.24 -8.48 59.45
N LYS K 78 -32.80 -8.57 58.25
CA LYS K 78 -34.10 -8.00 57.95
C LYS K 78 -34.98 -9.06 57.31
N LEU K 79 -36.29 -8.85 57.42
CA LEU K 79 -37.28 -9.70 56.80
C LEU K 79 -37.78 -9.04 55.51
N PHE K 80 -37.98 -9.85 54.47
CA PHE K 80 -38.47 -9.37 53.19
C PHE K 80 -39.61 -10.25 52.73
N GLU K 81 -40.65 -9.63 52.17
CA GLU K 81 -41.85 -10.34 51.77
C GLU K 81 -42.49 -9.66 50.58
N SER K 82 -43.31 -10.42 49.86
CA SER K 82 -44.13 -9.90 48.78
C SER K 82 -45.38 -10.75 48.70
N THR K 83 -46.53 -10.12 48.87
CA THR K 83 -47.81 -10.84 48.99
C THR K 83 -48.80 -10.30 47.96
N VAL K 84 -49.70 -11.18 47.54
CA VAL K 84 -50.73 -10.84 46.55
C VAL K 84 -52.05 -11.43 46.99
N GLY K 85 -53.13 -10.68 46.78
CA GLY K 85 -54.47 -11.13 47.10
C GLY K 85 -55.20 -11.59 45.84
N VAL K 86 -55.79 -12.78 45.93
CA VAL K 86 -56.48 -13.40 44.80
C VAL K 86 -57.70 -14.15 45.33
N LYS K 87 -58.75 -14.17 44.53
CA LYS K 87 -59.97 -14.87 44.90
C LYS K 87 -59.84 -16.37 44.65
N ARG K 88 -60.70 -17.15 45.32
CA ARG K 88 -60.71 -18.60 45.16
C ARG K 88 -61.56 -19.03 43.98
N THR K 89 -62.75 -18.46 43.83
CA THR K 89 -63.55 -18.76 42.66
C THR K 89 -62.80 -18.42 41.38
N ASP K 90 -62.00 -17.35 41.40
CA ASP K 90 -61.27 -16.95 40.21
C ASP K 90 -60.23 -17.99 39.81
N ILE K 91 -59.50 -18.56 40.78
CA ILE K 91 -58.59 -19.64 40.45
C ILE K 91 -59.37 -20.87 39.98
N GLU K 92 -60.54 -21.11 40.57
CA GLU K 92 -61.31 -22.29 40.21
C GLU K 92 -61.92 -22.16 38.82
N ASP K 93 -62.50 -21.00 38.51
CA ASP K 93 -63.25 -20.82 37.26
C ASP K 93 -62.38 -20.17 36.18
N ASP K 94 -61.28 -20.83 35.85
CA ASP K 94 -60.38 -20.37 34.80
C ASP K 94 -60.01 -21.53 33.89
N ASN K 95 -60.02 -21.27 32.58
CA ASN K 95 -59.73 -22.29 31.57
C ASN K 95 -58.36 -22.14 30.93
N LEU K 96 -57.83 -20.93 30.84
CA LEU K 96 -56.54 -20.70 30.20
C LEU K 96 -55.36 -20.96 31.12
N GLY K 97 -55.60 -21.22 32.40
CA GLY K 97 -54.52 -21.48 33.33
C GLY K 97 -53.55 -20.32 33.47
N VAL K 98 -54.05 -19.10 33.38
CA VAL K 98 -53.22 -17.91 33.51
C VAL K 98 -53.23 -17.35 34.92
N TYR K 99 -54.25 -17.66 35.71
CA TYR K 99 -54.46 -17.06 37.02
C TYR K 99 -54.02 -17.97 38.15
N GLY K 100 -53.52 -19.17 37.83
CA GLY K 100 -53.01 -20.10 38.81
C GLY K 100 -51.50 -20.27 38.87
N PRO K 101 -50.71 -19.71 37.91
CA PRO K 101 -49.26 -19.85 38.01
C PRO K 101 -48.63 -18.85 38.97
N LEU K 102 -49.48 -18.25 39.80
CA LEU K 102 -49.00 -17.35 40.85
C LEU K 102 -47.93 -18.02 41.71
N MET K 103 -48.06 -19.32 41.95
CA MET K 103 -47.06 -20.03 42.74
C MET K 103 -45.69 -19.97 42.07
N GLN K 104 -45.64 -20.27 40.77
CA GLN K 104 -44.36 -20.20 40.06
C GLN K 104 -43.83 -18.78 40.02
N GLU K 105 -44.73 -17.80 39.86
CA GLU K 105 -44.30 -16.40 39.82
C GLU K 105 -43.65 -16.00 41.13
N MET K 106 -44.27 -16.32 42.26
CA MET K 106 -43.67 -15.95 43.53
C MET K 106 -42.41 -16.75 43.80
N GLY K 107 -42.36 -18.00 43.32
CA GLY K 107 -41.14 -18.78 43.46
C GLY K 107 -39.97 -18.13 42.75
N ARG K 108 -40.19 -17.69 41.50
CA ARG K 108 -39.11 -17.04 40.76
C ARG K 108 -38.73 -15.71 41.40
N ALA K 109 -39.71 -14.95 41.90
CA ALA K 109 -39.39 -13.70 42.59
C ALA K 109 -38.50 -13.96 43.80
N ALA K 110 -38.87 -14.95 44.62
CA ALA K 110 -38.08 -15.27 45.80
C ALA K 110 -36.68 -15.74 45.40
N GLY K 111 -36.59 -16.57 44.36
CA GLY K 111 -35.28 -17.00 43.89
C GLY K 111 -34.41 -15.84 43.45
N ALA K 112 -35.03 -14.83 42.82
CA ALA K 112 -34.27 -13.66 42.42
C ALA K 112 -33.82 -12.84 43.63
N HIS K 113 -34.64 -12.80 44.68
CA HIS K 113 -34.46 -11.93 45.84
C HIS K 113 -33.00 -11.66 46.24
N PRO K 114 -32.16 -12.70 46.42
CA PRO K 114 -30.80 -12.44 46.91
C PRO K 114 -30.02 -11.44 46.07
N ASP K 115 -30.20 -11.47 44.74
CA ASP K 115 -29.51 -10.49 43.90
C ASP K 115 -29.98 -9.08 44.22
N GLU K 116 -31.29 -8.90 44.41
CA GLU K 116 -31.79 -7.57 44.79
C GLU K 116 -31.21 -7.12 46.13
N LEU K 117 -31.12 -8.04 47.09
CA LEU K 117 -30.50 -7.67 48.38
C LEU K 117 -29.06 -7.22 48.19
N VAL K 118 -28.27 -8.02 47.46
CA VAL K 118 -26.86 -7.73 47.30
C VAL K 118 -26.68 -6.38 46.61
N PHE K 119 -27.44 -6.14 45.53
CA PHE K 119 -27.25 -4.92 44.77
C PHE K 119 -27.85 -3.70 45.47
N ALA K 120 -28.89 -3.89 46.29
CA ALA K 120 -29.36 -2.79 47.13
C ALA K 120 -28.29 -2.38 48.14
N LEU K 121 -27.62 -3.35 48.74
CA LEU K 121 -26.51 -3.01 49.63
C LEU K 121 -25.36 -2.39 48.87
N LEU K 122 -25.14 -2.81 47.62
CA LEU K 122 -24.13 -2.16 46.79
C LEU K 122 -24.48 -0.69 46.56
N LYS K 123 -25.75 -0.40 46.27
CA LYS K 123 -26.18 0.99 46.14
C LYS K 123 -25.96 1.75 47.43
N ALA K 124 -26.31 1.14 48.57
CA ALA K 124 -26.19 1.81 49.86
C ALA K 124 -24.77 1.76 50.41
N GLY K 125 -23.82 1.22 49.65
CA GLY K 125 -22.45 1.17 50.13
C GLY K 125 -21.91 2.55 50.48
N ASN K 126 -22.19 3.54 49.64
CA ASN K 126 -21.80 4.91 49.95
C ASN K 126 -22.50 5.39 51.21
N ALA K 127 -23.80 5.10 51.34
CA ALA K 127 -24.53 5.53 52.53
C ALA K 127 -24.14 4.71 53.75
N ASN K 128 -24.05 3.39 53.61
CA ASN K 128 -23.72 2.53 54.74
C ASN K 128 -22.25 2.68 55.11
N LEU K 129 -21.89 2.07 56.24
CA LEU K 129 -20.54 2.14 56.77
C LEU K 129 -19.97 0.74 56.92
N CYS K 130 -18.65 0.64 56.84
CA CYS K 130 -17.92 -0.61 56.97
C CYS K 130 -17.47 -0.79 58.42
N TYR K 131 -16.67 -1.84 58.66
CA TYR K 131 -16.27 -2.16 60.03
C TYR K 131 -15.47 -1.03 60.67
N ASP K 132 -14.79 -0.21 59.85
CA ASP K 132 -14.04 0.91 60.40
C ASP K 132 -14.97 1.92 61.08
N GLY K 133 -16.12 2.18 60.47
CA GLY K 133 -17.08 3.18 60.95
C GLY K 133 -17.41 4.23 59.92
N GLN K 134 -16.50 4.46 58.97
CA GLN K 134 -16.75 5.39 57.88
C GLN K 134 -17.56 4.69 56.78
N ASN K 135 -17.93 5.44 55.75
CA ASN K 135 -18.69 4.88 54.66
C ASN K 135 -17.87 3.83 53.92
N PHE K 136 -18.56 2.86 53.32
CA PHE K 136 -17.87 1.78 52.62
C PHE K 136 -16.93 2.33 51.56
N PHE K 137 -17.38 3.30 50.79
CA PHE K 137 -16.55 4.02 49.82
C PHE K 137 -16.37 5.45 50.35
N ASP K 138 -15.33 5.62 51.17
CA ASP K 138 -15.04 6.90 51.79
C ASP K 138 -13.58 7.27 51.56
N THR K 139 -13.29 8.56 51.65
CA THR K 139 -11.94 9.08 51.46
C THR K 139 -11.16 9.21 52.77
N ASP K 140 -11.71 8.72 53.88
CA ASP K 140 -11.11 8.87 55.20
C ASP K 140 -11.13 7.55 55.96
N HIS K 141 -10.70 6.49 55.30
CA HIS K 141 -10.67 5.18 55.95
C HIS K 141 -9.52 5.13 56.96
N PRO K 142 -9.79 4.89 58.25
CA PRO K 142 -8.71 4.84 59.24
C PRO K 142 -8.08 3.46 59.32
N VAL K 143 -6.82 3.36 58.90
CA VAL K 143 -6.01 2.16 59.09
C VAL K 143 -4.70 2.49 59.82
N TYR K 144 -4.05 3.57 59.43
CA TYR K 144 -2.80 4.05 60.00
C TYR K 144 -3.03 5.52 60.30
N PRO K 145 -2.24 6.12 61.21
CA PRO K 145 -2.40 7.56 61.47
C PRO K 145 -2.46 8.41 60.20
N ASN K 146 -2.08 7.85 59.05
CA ASN K 146 -2.37 8.48 57.78
C ASN K 146 -3.86 8.39 57.48
N VAL K 147 -4.24 8.83 56.28
CA VAL K 147 -5.63 8.79 55.83
C VAL K 147 -5.68 8.07 54.49
N ASP K 148 -6.55 7.07 54.39
CA ASP K 148 -6.74 6.29 53.19
C ASP K 148 -8.12 6.56 52.60
N GLY K 149 -8.23 6.41 51.28
CA GLY K 149 -9.48 6.68 50.59
C GLY K 149 -9.82 5.69 49.50
N THR K 150 -11.10 5.40 49.35
CA THR K 150 -11.60 4.50 48.32
C THR K 150 -12.61 5.16 47.37
N GLY K 151 -13.00 6.40 47.63
CA GLY K 151 -13.97 7.08 46.79
C GLY K 151 -13.32 8.10 45.88
N PHE K 160 -21.52 6.57 37.38
CA PHE K 160 -22.72 5.76 37.50
C PHE K 160 -22.49 4.58 38.44
N ALA K 161 -21.87 4.87 39.58
CA ALA K 161 -21.62 3.88 40.63
C ALA K 161 -20.83 2.67 40.10
N PRO K 162 -19.72 2.88 39.39
CA PRO K 162 -18.84 1.76 39.07
C PRO K 162 -18.03 1.34 40.29
N ALA K 163 -17.54 0.10 40.25
CA ALA K 163 -16.76 -0.44 41.35
C ALA K 163 -15.79 -1.50 40.82
N ALA K 164 -14.62 -1.55 41.44
CA ALA K 164 -13.61 -2.57 41.13
C ALA K 164 -13.47 -3.49 42.33
N ASP K 165 -13.59 -4.79 42.09
CA ASP K 165 -13.58 -5.79 43.13
C ASP K 165 -12.66 -6.94 42.75
N PRO K 166 -12.12 -7.66 43.72
CA PRO K 166 -11.43 -8.92 43.41
C PRO K 166 -12.41 -10.08 43.22
N GLY K 167 -11.88 -11.16 42.66
CA GLY K 167 -12.64 -12.37 42.49
C GLY K 167 -11.87 -13.61 42.89
N ALA K 168 -10.59 -13.44 43.25
CA ALA K 168 -9.73 -14.54 43.64
C ALA K 168 -9.42 -14.57 45.13
N ALA K 169 -9.80 -13.54 45.89
CA ALA K 169 -9.55 -13.53 47.32
C ALA K 169 -10.36 -14.63 48.00
N TRP K 170 -9.91 -15.01 49.19
CA TRP K 170 -10.58 -16.07 49.93
C TRP K 170 -12.07 -15.76 50.11
N TYR K 171 -12.41 -14.50 50.33
CA TYR K 171 -13.80 -14.09 50.52
C TYR K 171 -14.06 -12.82 49.73
N LEU K 172 -15.17 -12.80 48.99
CA LEU K 172 -15.47 -11.73 48.06
C LEU K 172 -16.05 -10.52 48.80
N LEU K 173 -16.36 -9.48 48.03
CA LEU K 173 -16.99 -8.29 48.58
C LEU K 173 -18.50 -8.47 48.68
N ASP K 174 -19.13 -7.56 49.42
CA ASP K 174 -20.59 -7.46 49.47
C ASP K 174 -21.22 -8.83 49.72
N THR K 175 -20.67 -9.56 50.67
CA THR K 175 -21.16 -10.92 50.93
C THR K 175 -22.60 -10.88 51.43
N SER K 176 -23.32 -11.96 51.15
CA SER K 176 -24.72 -12.10 51.52
C SER K 176 -24.88 -13.18 52.58
N ARG K 177 -26.01 -13.16 53.27
CA ARG K 177 -26.31 -14.09 54.35
C ARG K 177 -27.73 -14.63 54.17
N SER K 178 -27.84 -15.83 53.60
CA SER K 178 -29.13 -16.47 53.36
C SER K 178 -29.55 -17.20 54.63
N LEU K 179 -30.12 -16.44 55.57
CA LEU K 179 -30.51 -17.02 56.85
C LEU K 179 -31.58 -18.09 56.66
N LYS K 180 -32.58 -17.81 55.83
CA LYS K 180 -33.68 -18.74 55.60
C LYS K 180 -33.87 -18.95 54.11
N PRO K 181 -34.16 -20.18 53.66
CA PRO K 181 -34.41 -20.39 52.23
C PRO K 181 -35.68 -19.68 51.78
N LEU K 182 -35.99 -19.77 50.49
CA LEU K 182 -37.22 -19.18 49.97
C LEU K 182 -38.40 -19.99 50.48
N ILE K 183 -39.13 -19.43 51.44
CA ILE K 183 -40.28 -20.10 52.03
C ILE K 183 -41.55 -19.56 51.38
N TYR K 184 -42.43 -20.46 50.97
CA TYR K 184 -43.67 -20.10 50.30
C TYR K 184 -44.82 -20.22 51.28
N GLN K 185 -45.60 -19.15 51.42
CA GLN K 185 -46.74 -19.10 52.31
C GLN K 185 -48.01 -18.98 51.51
N GLU K 186 -49.06 -19.67 51.95
CA GLU K 186 -50.34 -19.71 51.26
C GLU K 186 -51.47 -19.42 52.24
N ARG K 187 -52.63 -19.08 51.68
CA ARG K 187 -53.83 -18.78 52.43
C ARG K 187 -54.99 -19.63 51.93
N MET K 188 -54.71 -20.88 51.59
CA MET K 188 -55.71 -21.79 51.02
C MET K 188 -56.31 -22.68 52.11
N LYS K 189 -56.96 -22.04 53.09
CA LYS K 189 -57.65 -22.76 54.15
C LYS K 189 -58.71 -21.84 54.72
N PRO K 190 -59.92 -22.34 55.05
CA PRO K 190 -60.92 -21.46 55.67
C PRO K 190 -60.48 -20.90 57.01
N SER K 191 -59.49 -21.53 57.66
CA SER K 191 -59.02 -21.02 58.94
C SER K 191 -58.53 -19.59 58.83
N PHE K 192 -57.87 -19.25 57.72
CA PHE K 192 -57.45 -17.88 57.50
C PHE K 192 -58.67 -16.96 57.55
N THR K 193 -58.52 -15.82 58.23
CA THR K 193 -59.65 -14.93 58.43
C THR K 193 -60.17 -14.38 57.10
N SER K 194 -59.26 -13.99 56.20
CA SER K 194 -59.70 -13.38 54.94
C SER K 194 -60.44 -14.36 54.06
N MET K 195 -59.99 -15.62 54.03
CA MET K 195 -60.56 -16.59 53.09
C MET K 195 -62.03 -16.88 53.37
N THR K 196 -62.52 -16.58 54.58
CA THR K 196 -63.91 -16.90 54.92
C THR K 196 -64.63 -15.76 55.62
N LYS K 197 -64.01 -14.58 55.74
CA LYS K 197 -64.64 -13.43 56.38
C LYS K 197 -64.81 -12.26 55.43
N GLU K 198 -63.74 -11.82 54.77
CA GLU K 198 -63.86 -10.73 53.82
C GLU K 198 -64.50 -11.19 52.52
N ASP K 199 -64.00 -12.28 51.96
CA ASP K 199 -64.55 -12.87 50.74
C ASP K 199 -63.93 -14.25 50.60
N ASP K 200 -64.12 -14.88 49.43
CA ASP K 200 -63.45 -16.14 49.11
C ASP K 200 -61.99 -15.85 48.71
N GLU K 201 -61.29 -15.20 49.63
CA GLU K 201 -59.97 -14.67 49.35
C GLU K 201 -58.91 -15.77 49.36
N GLN K 202 -57.92 -15.61 48.50
CA GLN K 202 -56.71 -16.42 48.51
C GLN K 202 -55.52 -15.49 48.54
N VAL K 203 -54.45 -15.94 49.18
CA VAL K 203 -53.26 -15.12 49.37
C VAL K 203 -52.04 -16.03 49.36
N PHE K 204 -51.02 -15.64 48.60
CA PHE K 204 -49.76 -16.36 48.55
C PHE K 204 -48.63 -15.37 48.73
N MET K 205 -47.57 -15.82 49.41
CA MET K 205 -46.49 -14.94 49.82
C MET K 205 -45.19 -15.72 49.84
N ALA K 206 -44.09 -14.99 49.70
CA ALA K 206 -42.74 -15.52 49.86
C ALA K 206 -42.08 -14.83 51.04
N ASP K 207 -41.52 -15.62 51.95
CA ASP K 207 -40.89 -15.10 53.16
C ASP K 207 -39.38 -15.24 53.03
N GLU K 208 -38.66 -14.17 53.35
CA GLU K 208 -37.21 -14.16 53.29
C GLU K 208 -36.66 -13.55 54.58
N TYR K 209 -35.48 -14.02 54.99
CA TYR K 209 -34.83 -13.56 56.21
C TYR K 209 -33.36 -13.25 55.99
N ARG K 210 -32.97 -12.98 54.74
CA ARG K 210 -31.58 -12.79 54.39
C ARG K 210 -31.18 -11.32 54.46
N TYR K 211 -29.91 -11.04 54.20
CA TYR K 211 -29.41 -9.68 54.15
C TYR K 211 -27.97 -9.70 53.65
N GLY K 212 -27.56 -8.60 53.03
CA GLY K 212 -26.20 -8.45 52.54
C GLY K 212 -25.23 -8.09 53.65
N VAL K 213 -23.99 -7.85 53.25
CA VAL K 213 -22.92 -7.50 54.17
C VAL K 213 -21.97 -6.51 53.50
N ARG K 214 -21.46 -5.57 54.29
CA ARG K 214 -20.37 -4.69 53.88
C ARG K 214 -19.09 -5.30 54.41
N SER K 215 -18.53 -6.24 53.65
CA SER K 215 -17.49 -7.10 54.18
C SER K 215 -16.19 -6.34 54.41
N ARG K 216 -15.58 -5.83 53.33
CA ARG K 216 -14.25 -5.23 53.38
C ARG K 216 -14.25 -3.93 52.60
N CYS K 217 -14.04 -2.82 53.30
CA CYS K 217 -13.99 -1.51 52.66
C CYS K 217 -12.59 -1.10 52.24
N ASN K 218 -11.58 -1.91 52.53
CA ASN K 218 -10.22 -1.64 52.08
C ASN K 218 -9.87 -2.34 50.77
N VAL K 219 -10.82 -3.08 50.18
CA VAL K 219 -10.58 -3.79 48.93
C VAL K 219 -11.67 -3.44 47.94
N GLY K 220 -12.29 -2.27 48.11
CA GLY K 220 -13.31 -1.81 47.19
C GLY K 220 -13.17 -0.34 46.88
N PHE K 221 -13.38 0.05 45.62
CA PHE K 221 -13.22 1.42 45.19
C PHE K 221 -14.44 1.84 44.37
N GLY K 222 -14.79 3.11 44.47
CA GLY K 222 -15.91 3.65 43.73
C GLY K 222 -15.78 5.14 43.46
N PHE K 223 -16.88 5.79 43.10
CA PHE K 223 -16.90 7.23 42.84
C PHE K 223 -15.95 7.60 41.70
N TRP K 224 -16.25 7.07 40.52
CA TRP K 224 -15.49 7.37 39.31
C TRP K 224 -16.26 8.36 38.44
N GLN K 225 -15.52 9.20 37.75
CA GLN K 225 -16.05 9.91 36.58
C GLN K 225 -15.72 9.12 35.31
N LEU K 226 -16.14 7.86 35.31
CA LEU K 226 -15.63 6.87 34.37
C LEU K 226 -15.73 7.36 32.93
N ALA K 227 -14.62 7.27 32.22
CA ALA K 227 -14.56 7.63 30.81
C ALA K 227 -13.33 6.98 30.19
N ALA K 228 -13.34 6.88 28.87
CA ALA K 228 -12.25 6.28 28.12
C ALA K 228 -11.92 7.11 26.89
N MET K 229 -12.00 8.44 27.03
CA MET K 229 -11.77 9.33 25.89
C MET K 229 -10.29 9.60 25.63
N SER K 230 -9.40 9.17 26.51
CA SER K 230 -7.98 9.36 26.29
C SER K 230 -7.21 8.60 27.36
N THR K 231 -6.03 8.10 26.98
CA THR K 231 -5.22 7.31 27.90
C THR K 231 -4.76 8.14 29.09
N GLU K 232 -4.38 9.40 28.83
CA GLU K 232 -3.67 10.18 29.84
C GLU K 232 -4.62 10.87 30.81
N GLU K 233 -5.82 11.23 30.37
CA GLU K 233 -6.71 12.07 31.18
C GLU K 233 -7.69 11.23 31.99
N LEU K 234 -8.50 10.40 31.31
CA LEU K 234 -9.56 9.66 31.95
C LEU K 234 -9.26 8.17 32.10
N ASN K 235 -8.04 7.74 31.78
CA ASN K 235 -7.63 6.36 32.00
C ASN K 235 -6.30 6.25 32.73
N GLN K 236 -5.60 7.37 32.94
CA GLN K 236 -4.40 7.38 33.75
C GLN K 236 -4.59 8.03 35.11
N VAL K 237 -5.56 8.94 35.24
CA VAL K 237 -5.83 9.60 36.51
C VAL K 237 -7.18 9.20 37.11
N ASN K 238 -8.03 8.48 36.38
CA ASN K 238 -9.28 7.98 36.93
C ASN K 238 -9.32 6.45 37.01
N PHE K 239 -9.20 5.76 35.88
CA PHE K 239 -9.36 4.31 35.90
C PHE K 239 -8.08 3.63 36.39
N GLU K 240 -6.94 4.02 35.82
CA GLU K 240 -5.67 3.55 36.38
C GLU K 240 -5.48 4.08 37.79
N LYS K 241 -6.06 5.25 38.11
CA LYS K 241 -6.05 5.73 39.48
C LYS K 241 -6.72 4.71 40.41
N VAL K 242 -7.93 4.27 40.04
CA VAL K 242 -8.62 3.27 40.85
C VAL K 242 -7.79 1.99 40.93
N TYR K 243 -7.25 1.56 39.78
CA TYR K 243 -6.48 0.32 39.74
C TYR K 243 -5.32 0.39 40.72
N ASP K 244 -4.42 1.35 40.52
CA ASP K 244 -3.23 1.45 41.36
C ASP K 244 -3.54 1.83 42.80
N ALA K 245 -4.69 2.48 43.06
CA ALA K 245 -5.10 2.70 44.44
C ALA K 245 -5.47 1.38 45.11
N MET K 246 -6.19 0.52 44.40
CA MET K 246 -6.51 -0.80 44.93
C MET K 246 -5.24 -1.63 45.14
N ARG K 247 -4.28 -1.53 44.23
CA ARG K 247 -3.01 -2.24 44.42
C ARG K 247 -2.22 -1.65 45.59
N ASN K 248 -2.33 -0.34 45.80
CA ASN K 248 -1.50 0.36 46.78
C ASN K 248 -2.01 0.22 48.20
N GLN K 249 -3.16 -0.40 48.43
CA GLN K 249 -3.69 -0.54 49.77
C GLN K 249 -2.68 -1.23 50.66
N LYS K 250 -2.44 -0.66 51.84
CA LYS K 250 -1.49 -1.19 52.80
C LYS K 250 -2.21 -1.58 54.08
N ALA K 251 -1.88 -2.76 54.60
CA ALA K 251 -2.47 -3.25 55.83
C ALA K 251 -1.70 -2.70 57.02
N ASP K 252 -2.12 -3.11 58.22
CA ASP K 252 -1.39 -2.72 59.42
C ASP K 252 0.04 -3.27 59.35
N GLY K 253 1.00 -2.42 59.71
CA GLY K 253 2.40 -2.77 59.61
C GLY K 253 3.05 -2.40 58.29
N GLY K 254 2.29 -1.88 57.33
CA GLY K 254 2.84 -1.44 56.06
C GLY K 254 2.89 -2.48 54.96
N ARG K 255 2.44 -3.71 55.23
CA ARG K 255 2.49 -4.76 54.22
C ARG K 255 1.40 -4.53 53.17
N PRO K 256 1.67 -4.75 51.89
CA PRO K 256 0.61 -4.75 50.88
C PRO K 256 -0.42 -5.84 51.12
N LEU K 257 -1.67 -5.51 50.78
CA LEU K 257 -2.77 -6.46 50.91
C LEU K 257 -2.75 -7.54 49.84
N ASP K 258 -1.88 -7.43 48.83
CA ASP K 258 -1.88 -8.34 47.69
C ASP K 258 -3.21 -8.27 46.95
N ILE K 259 -3.58 -7.06 46.55
CA ILE K 259 -4.87 -6.82 45.90
C ILE K 259 -4.72 -7.08 44.41
N ARG K 260 -5.65 -7.85 43.86
CA ARG K 260 -5.67 -8.21 42.44
C ARG K 260 -7.03 -7.86 41.86
N PRO K 261 -7.27 -6.59 41.54
CA PRO K 261 -8.57 -6.20 40.97
C PRO K 261 -8.85 -6.96 39.69
N ASN K 262 -9.89 -7.80 39.73
CA ASN K 262 -10.24 -8.61 38.57
C ASN K 262 -11.74 -8.66 38.35
N LEU K 263 -12.49 -7.66 38.82
CA LEU K 263 -13.94 -7.68 38.69
C LEU K 263 -14.44 -6.24 38.67
N LEU K 264 -15.06 -5.85 37.56
CA LEU K 264 -15.64 -4.52 37.40
C LEU K 264 -17.15 -4.66 37.23
N VAL K 265 -17.91 -3.97 38.07
CA VAL K 265 -19.37 -4.02 38.03
C VAL K 265 -19.88 -2.63 37.68
N VAL K 266 -20.71 -2.56 36.64
CA VAL K 266 -21.23 -1.29 36.14
C VAL K 266 -22.69 -1.47 35.74
N PRO K 267 -23.44 -0.37 35.67
CA PRO K 267 -24.82 -0.46 35.21
C PRO K 267 -24.88 -0.73 33.71
N THR K 268 -26.10 -0.96 33.23
CA THR K 268 -26.29 -1.20 31.80
C THR K 268 -25.85 0.00 30.97
N THR K 269 -25.91 1.20 31.54
CA THR K 269 -25.52 2.40 30.81
C THR K 269 -24.02 2.51 30.62
N LEU K 270 -23.22 1.66 31.26
CA LEU K 270 -21.77 1.72 31.16
C LEU K 270 -21.17 0.42 30.63
N ARG K 271 -22.00 -0.52 30.15
CA ARG K 271 -21.46 -1.79 29.66
C ARG K 271 -20.56 -1.56 28.45
N SER K 272 -21.01 -0.73 27.50
CA SER K 272 -20.20 -0.47 26.31
C SER K 272 -18.89 0.23 26.68
N LYS K 273 -18.96 1.19 27.61
CA LYS K 273 -17.75 1.87 28.03
C LYS K 273 -16.78 0.92 28.71
N ALA K 274 -17.30 0.01 29.55
CA ALA K 274 -16.44 -0.97 30.20
C ALA K 274 -15.80 -1.90 29.18
N LYS K 275 -16.56 -2.34 28.19
CA LYS K 275 -15.99 -3.19 27.14
C LYS K 275 -14.90 -2.44 26.38
N GLU K 276 -15.11 -1.16 26.11
CA GLU K 276 -14.08 -0.37 25.45
C GLU K 276 -12.84 -0.25 26.33
N VAL K 277 -13.03 -0.05 27.63
CA VAL K 277 -11.88 0.06 28.54
C VAL K 277 -11.09 -1.23 28.57
N VAL K 278 -11.77 -2.37 28.64
CA VAL K 278 -11.14 -3.68 28.65
C VAL K 278 -11.74 -4.51 27.52
N GLY K 279 -10.91 -4.89 26.56
CA GLY K 279 -11.35 -5.72 25.46
C GLY K 279 -10.89 -5.25 24.10
N VAL K 280 -10.54 -3.98 23.97
CA VAL K 280 -10.11 -3.38 22.71
C VAL K 280 -8.79 -2.67 22.93
N GLN K 281 -7.87 -2.84 21.97
CA GLN K 281 -6.54 -2.24 22.10
C GLN K 281 -6.60 -0.72 22.05
N ARG K 282 -7.49 -0.17 21.24
CA ARG K 282 -7.65 1.28 21.12
C ARG K 282 -8.69 1.78 22.11
N LEU K 283 -8.41 2.94 22.71
CA LEU K 283 -9.29 3.46 23.76
C LEU K 283 -10.33 4.43 23.21
N ALA K 284 -9.90 5.58 22.68
CA ALA K 284 -10.81 6.48 22.00
C ALA K 284 -10.20 7.17 20.79
N ASN K 285 -8.91 6.99 20.51
CA ASN K 285 -8.27 7.68 19.40
C ASN K 285 -7.28 6.79 18.66
N GLY K 286 -7.27 5.48 18.91
CA GLY K 286 -6.27 4.62 18.34
C GLY K 286 -4.91 4.71 19.01
N ALA K 287 -4.82 5.39 20.16
CA ALA K 287 -3.53 5.56 20.81
C ALA K 287 -3.07 4.27 21.48
N ASP K 288 -3.82 3.82 22.49
CA ASP K 288 -3.44 2.66 23.31
C ASP K 288 -4.55 2.37 24.29
N ASN K 289 -4.45 1.21 24.94
CA ASN K 289 -5.37 0.82 26.01
C ASN K 289 -4.60 -0.01 27.02
N PRO K 290 -4.06 0.63 28.06
CA PRO K 290 -3.27 -0.14 29.05
C PRO K 290 -4.07 -1.21 29.77
N ASN K 291 -5.40 -1.13 29.75
CA ASN K 291 -6.24 -1.99 30.58
C ASN K 291 -6.88 -3.13 29.80
N PHE K 292 -6.41 -3.40 28.58
CA PHE K 292 -7.00 -4.46 27.78
C PHE K 292 -6.87 -5.81 28.47
N GLU K 293 -7.97 -6.56 28.50
CA GLU K 293 -7.99 -7.91 29.08
C GLU K 293 -7.41 -7.89 30.49
N LEU K 294 -7.81 -6.88 31.27
CA LEU K 294 -7.27 -6.66 32.59
C LEU K 294 -8.29 -6.94 33.70
N VAL K 295 -9.47 -6.33 33.62
CA VAL K 295 -10.58 -6.62 34.52
C VAL K 295 -11.75 -7.13 33.69
N GLN K 296 -12.28 -8.28 34.07
CA GLN K 296 -13.50 -8.77 33.43
C GLN K 296 -14.71 -8.02 34.00
N VAL K 297 -15.56 -7.53 33.10
CA VAL K 297 -16.69 -6.69 33.47
C VAL K 297 -17.98 -7.49 33.29
N LEU K 298 -18.81 -7.51 34.32
CA LEU K 298 -20.15 -8.05 34.26
C LEU K 298 -21.15 -6.91 34.36
N ASP K 299 -22.12 -6.91 33.45
CA ASP K 299 -23.14 -5.87 33.38
C ASP K 299 -24.32 -6.26 34.26
N THR K 300 -24.81 -5.31 35.05
CA THR K 300 -25.94 -5.54 35.94
C THR K 300 -26.90 -4.36 35.86
N ALA K 301 -28.19 -4.67 35.91
CA ALA K 301 -29.23 -3.64 35.88
C ALA K 301 -29.85 -3.40 37.25
N TRP K 302 -29.55 -4.23 38.24
CA TRP K 302 -30.10 -4.02 39.58
C TRP K 302 -29.68 -2.68 40.17
N LEU K 303 -28.51 -2.18 39.78
CA LEU K 303 -28.01 -0.90 40.27
C LEU K 303 -28.26 0.18 39.23
N ASN K 304 -28.69 1.34 39.69
CA ASN K 304 -29.00 2.47 38.81
C ASN K 304 -30.11 2.11 37.82
N ALA L 2 29.68 -7.29 76.83
CA ALA L 2 30.25 -6.87 75.55
C ALA L 2 31.73 -7.23 75.48
N ILE L 3 32.35 -6.96 74.34
CA ILE L 3 33.78 -7.19 74.13
C ILE L 3 34.45 -5.85 73.98
N ILE L 4 35.54 -5.65 74.73
CA ILE L 4 36.14 -4.32 74.84
C ILE L 4 36.70 -3.85 73.50
N THR L 5 37.37 -4.75 72.77
CA THR L 5 38.04 -4.41 71.51
C THR L 5 37.57 -5.35 70.42
N PRO L 6 36.38 -5.11 69.86
CA PRO L 6 35.92 -5.93 68.73
C PRO L 6 36.59 -5.60 67.41
N ALA L 7 37.32 -4.49 67.32
CA ALA L 7 37.91 -4.08 66.05
C ALA L 7 38.88 -5.14 65.53
N LEU L 8 39.97 -5.38 66.28
CA LEU L 8 40.94 -6.37 65.84
C LEU L 8 40.36 -7.77 65.81
N ILE L 9 39.29 -8.03 66.57
CA ILE L 9 38.62 -9.33 66.51
C ILE L 9 37.64 -9.43 65.36
N SER L 10 37.38 -8.33 64.65
CA SER L 10 36.37 -8.34 63.60
C SER L 10 36.67 -9.42 62.56
N ALA L 11 37.95 -9.74 62.34
CA ALA L 11 38.29 -10.78 61.38
C ALA L 11 37.73 -12.13 61.80
N LEU L 12 37.56 -12.34 63.11
CA LEU L 12 36.85 -13.53 63.58
C LEU L 12 35.40 -13.55 63.14
N LYS L 13 34.72 -12.40 63.14
CA LYS L 13 33.30 -12.32 62.82
C LYS L 13 33.08 -11.95 61.36
N THR L 14 33.96 -12.43 60.47
CA THR L 14 33.88 -12.16 59.05
C THR L 14 34.09 -13.45 58.26
N SER L 15 33.37 -13.58 57.16
CA SER L 15 33.52 -14.70 56.24
C SER L 15 33.87 -14.19 54.86
N PHE L 16 34.65 -14.98 54.12
CA PHE L 16 35.15 -14.60 52.81
C PHE L 16 34.42 -15.41 51.75
N GLN L 17 33.67 -14.72 50.90
CA GLN L 17 32.91 -15.35 49.82
C GLN L 17 33.36 -14.76 48.50
N LYS L 18 33.52 -15.63 47.50
CA LYS L 18 34.01 -15.23 46.18
C LYS L 18 32.98 -15.56 45.10
N HIS L 19 31.70 -15.35 45.41
CA HIS L 19 30.68 -15.44 44.38
C HIS L 19 30.76 -14.26 43.40
N PHE L 20 31.54 -13.24 43.73
CA PHE L 20 31.72 -12.08 42.86
C PHE L 20 32.91 -12.23 41.93
N GLN L 21 33.69 -13.30 42.05
CA GLN L 21 34.91 -13.46 41.27
C GLN L 21 34.57 -13.72 39.81
N ASP L 22 35.08 -12.87 38.92
CA ASP L 22 34.92 -13.05 37.49
C ASP L 22 33.45 -13.17 37.10
N ALA L 23 32.60 -12.39 37.77
CA ALA L 23 31.18 -12.35 37.44
C ALA L 23 30.92 -11.36 36.31
N LEU L 24 31.69 -11.49 35.23
CA LEU L 24 31.62 -10.59 34.10
C LEU L 24 32.21 -11.30 32.89
N ALA L 25 31.92 -10.76 31.71
CA ALA L 25 32.45 -11.30 30.46
C ALA L 25 32.59 -10.18 29.45
N THR L 26 33.54 -10.34 28.55
CA THR L 26 33.74 -9.36 27.49
C THR L 26 32.55 -9.37 26.53
N ALA L 27 32.35 -8.24 25.87
CA ALA L 27 31.25 -8.13 24.92
C ALA L 27 31.47 -9.10 23.76
N PRO L 28 30.38 -9.59 23.15
CA PRO L 28 30.54 -10.58 22.08
C PRO L 28 31.35 -10.01 20.91
N SER L 29 32.10 -10.91 20.27
CA SER L 29 32.90 -10.50 19.12
C SER L 29 32.04 -9.87 18.05
N THR L 30 32.53 -8.76 17.48
CA THR L 30 31.77 -8.00 16.51
C THR L 30 32.55 -7.68 15.23
N TYR L 31 33.88 -7.73 15.26
CA TYR L 31 34.66 -7.34 14.08
C TYR L 31 34.31 -8.18 12.86
N LEU L 32 33.90 -9.43 13.07
CA LEU L 32 33.61 -10.31 11.94
C LEU L 32 32.49 -9.75 11.07
N GLN L 33 31.45 -9.22 11.70
CA GLN L 33 30.31 -8.70 10.94
C GLN L 33 30.71 -7.51 10.07
N VAL L 34 31.51 -6.60 10.61
CA VAL L 34 31.90 -5.39 9.89
C VAL L 34 33.29 -5.49 9.29
N ALA L 35 33.97 -6.62 9.43
CA ALA L 35 35.33 -6.76 8.93
C ALA L 35 35.65 -8.23 8.73
N THR L 36 36.66 -8.49 7.91
CA THR L 36 37.17 -9.83 7.66
C THR L 36 38.67 -9.84 7.91
N VAL L 37 39.14 -10.92 8.54
CA VAL L 37 40.54 -11.07 8.91
C VAL L 37 41.23 -11.90 7.84
N ILE L 38 42.38 -11.41 7.37
CA ILE L 38 43.18 -12.13 6.37
C ILE L 38 44.33 -12.82 7.09
N PRO L 39 44.75 -14.02 6.68
CA PRO L 39 45.88 -14.68 7.34
C PRO L 39 47.19 -14.08 6.88
N SER L 40 47.98 -13.59 7.83
CA SER L 40 49.27 -12.96 7.55
C SER L 40 50.39 -13.78 8.16
N THR L 41 51.42 -14.06 7.36
CA THR L 41 52.61 -14.77 7.81
C THR L 41 53.87 -13.96 7.54
N THR L 42 53.74 -12.65 7.35
CA THR L 42 54.87 -11.80 7.02
C THR L 42 54.74 -10.49 7.80
N ALA L 43 55.88 -9.81 7.96
CA ALA L 43 55.92 -8.59 8.75
C ALA L 43 54.91 -7.55 8.24
N SER L 44 54.65 -7.53 6.94
CA SER L 44 53.71 -6.58 6.36
C SER L 44 52.97 -7.25 5.21
N ASN L 45 51.82 -6.70 4.88
CA ASN L 45 50.93 -7.24 3.84
C ASN L 45 50.43 -6.13 2.94
N THR L 46 51.36 -5.30 2.45
CA THR L 46 51.01 -4.21 1.55
C THR L 46 50.22 -4.73 0.36
N TYR L 47 49.38 -3.87 -0.23
CA TYR L 47 48.53 -4.24 -1.35
C TYR L 47 48.89 -3.41 -2.57
N GLY L 48 48.61 -3.95 -3.75
CA GLY L 48 48.97 -3.31 -4.99
C GLY L 48 47.90 -3.41 -6.07
N TRP L 49 46.64 -3.42 -5.67
CA TRP L 49 45.55 -3.58 -6.64
C TRP L 49 45.63 -2.51 -7.72
N LEU L 50 44.94 -2.76 -8.83
CA LEU L 50 44.98 -1.93 -10.02
C LEU L 50 43.64 -1.24 -10.24
N GLY L 51 43.61 -0.36 -11.23
CA GLY L 51 42.43 0.40 -11.56
C GLY L 51 41.46 -0.37 -12.43
N GLN L 52 40.50 0.37 -12.99
CA GLN L 52 39.44 -0.21 -13.82
C GLN L 52 39.58 0.29 -15.26
N PHE L 53 39.04 -0.49 -16.18
CA PHE L 53 39.15 -0.16 -17.59
C PHE L 53 38.38 1.13 -17.88
N PRO L 54 38.94 2.04 -18.68
CA PRO L 54 38.27 3.34 -18.88
C PRO L 54 36.90 3.20 -19.55
N LYS L 55 36.05 4.17 -19.25
CA LYS L 55 34.71 4.20 -19.82
C LYS L 55 34.76 4.45 -21.32
N LEU L 56 33.83 3.84 -22.05
CA LEU L 56 33.73 4.05 -23.50
C LEU L 56 33.20 5.45 -23.76
N ARG L 57 34.04 6.32 -24.31
CA ARG L 57 33.68 7.73 -24.45
C ARG L 57 33.03 8.02 -25.80
N GLU L 58 33.77 7.80 -26.90
CA GLU L 58 33.25 8.11 -28.24
C GLU L 58 34.31 7.71 -29.26
N TRP L 59 33.89 7.74 -30.53
CA TRP L 59 34.80 7.46 -31.64
C TRP L 59 35.70 8.65 -31.93
N ILE L 60 35.10 9.78 -32.30
CA ILE L 60 35.79 10.99 -32.71
C ILE L 60 37.04 10.66 -33.51
N GLY L 61 36.96 9.62 -34.34
CA GLY L 61 38.06 9.26 -35.20
C GLY L 61 39.17 8.49 -34.52
N GLN L 62 39.75 9.07 -33.47
CA GLN L 62 40.98 8.55 -32.87
C GLN L 62 40.65 7.79 -31.59
N ARG L 63 41.68 7.19 -31.02
CA ARG L 63 41.57 6.45 -29.77
C ARG L 63 42.27 7.23 -28.68
N VAL L 64 41.55 7.54 -27.61
CA VAL L 64 42.16 8.17 -26.45
C VAL L 64 42.83 7.07 -25.64
N ILE L 65 44.10 6.81 -25.93
CA ILE L 65 44.82 5.76 -25.23
C ILE L 65 44.86 6.10 -23.75
N LYS L 66 44.67 5.10 -22.91
CA LYS L 66 44.64 5.29 -21.47
C LYS L 66 45.70 4.40 -20.82
N ASP L 67 45.95 4.66 -19.54
CA ASP L 67 46.95 3.93 -18.77
C ASP L 67 46.30 3.37 -17.52
N MET L 68 46.63 2.12 -17.19
CA MET L 68 46.07 1.49 -16.00
C MET L 68 46.69 2.10 -14.75
N ALA L 69 45.89 2.12 -13.68
CA ALA L 69 46.25 2.81 -12.44
C ALA L 69 46.68 1.79 -11.39
N ALA L 70 47.87 2.01 -10.82
CA ALA L 70 48.35 1.24 -9.69
C ALA L 70 48.01 1.98 -8.40
N GLN L 71 47.37 1.27 -7.46
CA GLN L 71 46.84 1.91 -6.27
C GLN L 71 47.38 1.25 -5.01
N GLY L 72 48.70 1.06 -4.93
CA GLY L 72 49.28 0.42 -3.77
C GLY L 72 49.01 1.20 -2.50
N TYR L 73 48.86 0.47 -1.40
CA TYR L 73 48.55 1.05 -0.10
C TYR L 73 49.32 0.27 0.96
N GLN L 74 50.48 0.80 1.36
CA GLN L 74 51.34 0.13 2.32
C GLN L 74 50.78 0.27 3.73
N ILE L 75 50.94 -0.78 4.53
CA ILE L 75 50.52 -0.77 5.92
C ILE L 75 51.30 -1.85 6.65
N THR L 76 51.76 -1.53 7.86
CA THR L 76 52.64 -2.40 8.63
C THR L 76 51.87 -2.99 9.82
N ASN L 77 52.60 -3.71 10.66
CA ASN L 77 52.03 -4.38 11.82
C ASN L 77 52.72 -3.88 13.09
N LYS L 78 52.03 -4.04 14.22
CA LYS L 78 52.51 -3.57 15.51
C LYS L 78 52.40 -4.70 16.53
N LEU L 79 52.82 -4.41 17.76
CA LEU L 79 52.82 -5.35 18.86
C LEU L 79 51.95 -4.82 19.99
N PHE L 80 51.18 -5.71 20.63
CA PHE L 80 50.11 -5.31 21.53
C PHE L 80 50.16 -6.12 22.83
N GLU L 81 51.31 -6.16 23.47
CA GLU L 81 51.47 -6.91 24.72
C GLU L 81 50.73 -6.22 25.87
N SER L 82 50.62 -6.95 26.98
CA SER L 82 50.14 -6.43 28.26
C SER L 82 50.27 -7.55 29.28
N THR L 83 50.39 -7.17 30.55
CA THR L 83 50.61 -8.16 31.60
C THR L 83 50.50 -7.48 32.96
N VAL L 84 50.65 -8.29 34.01
CA VAL L 84 50.60 -7.83 35.39
C VAL L 84 51.59 -8.65 36.21
N GLY L 85 52.25 -8.02 37.17
CA GLY L 85 53.20 -8.69 38.02
C GLY L 85 52.56 -9.29 39.27
N VAL L 86 53.05 -10.46 39.67
CA VAL L 86 52.59 -11.16 40.86
C VAL L 86 53.79 -11.78 41.55
N LYS L 87 53.53 -12.47 42.67
CA LYS L 87 54.58 -13.09 43.47
C LYS L 87 54.27 -14.55 43.69
N ARG L 88 55.33 -15.37 43.71
CA ARG L 88 55.16 -16.81 43.88
C ARG L 88 54.54 -17.14 45.24
N THR L 89 55.04 -16.51 46.29
CA THR L 89 54.51 -16.77 47.63
C THR L 89 53.05 -16.39 47.72
N ASP L 90 52.67 -15.24 47.15
CA ASP L 90 51.29 -14.80 47.21
C ASP L 90 50.36 -15.79 46.53
N ILE L 91 50.75 -16.30 45.36
CA ILE L 91 49.90 -17.24 44.64
C ILE L 91 49.82 -18.57 45.40
N GLU L 92 50.94 -19.01 46.00
CA GLU L 92 50.97 -20.32 46.65
C GLU L 92 50.58 -20.28 48.11
N ASP L 93 50.33 -19.11 48.70
CA ASP L 93 49.96 -19.01 50.10
C ASP L 93 48.54 -18.50 50.32
N ASP L 94 47.88 -17.96 49.31
CA ASP L 94 46.50 -17.52 49.47
C ASP L 94 45.57 -18.71 49.63
N ASN L 95 44.55 -18.53 50.47
CA ASN L 95 43.61 -19.61 50.77
C ASN L 95 42.39 -19.60 49.86
N LEU L 96 41.88 -18.41 49.53
CA LEU L 96 40.70 -18.33 48.68
C LEU L 96 41.00 -18.83 47.27
N GLY L 97 42.21 -18.57 46.77
CA GLY L 97 42.63 -19.10 45.50
C GLY L 97 42.26 -18.27 44.29
N VAL L 98 41.58 -17.14 44.48
CA VAL L 98 41.24 -16.26 43.36
C VAL L 98 42.45 -15.50 42.84
N TYR L 99 43.62 -15.70 43.42
CA TYR L 99 44.86 -15.04 43.00
C TYR L 99 45.71 -16.13 42.34
N GLY L 100 45.67 -16.18 41.01
CA GLY L 100 46.20 -17.30 40.27
C GLY L 100 45.44 -17.66 39.00
N PRO L 101 44.19 -17.18 38.85
CA PRO L 101 43.50 -17.35 37.56
C PRO L 101 43.99 -16.40 36.47
N LEU L 102 45.19 -15.84 36.69
CA LEU L 102 45.82 -14.94 35.73
C LEU L 102 45.84 -15.54 34.34
N MET L 103 46.10 -16.84 34.24
CA MET L 103 46.18 -17.47 32.93
C MET L 103 44.87 -17.30 32.17
N GLN L 104 43.75 -17.68 32.78
CA GLN L 104 42.47 -17.56 32.10
C GLN L 104 42.11 -16.10 31.84
N GLU L 105 42.41 -15.22 32.80
CA GLU L 105 42.05 -13.82 32.63
C GLU L 105 42.80 -13.18 31.46
N MET L 106 44.12 -13.39 31.41
CA MET L 106 44.88 -12.85 30.28
C MET L 106 44.52 -13.55 28.98
N GLY L 107 44.13 -14.82 29.03
CA GLY L 107 43.67 -15.48 27.82
C GLY L 107 42.43 -14.83 27.25
N ARG L 108 41.45 -14.54 28.12
CA ARG L 108 40.24 -13.89 27.63
C ARG L 108 40.53 -12.46 27.17
N ALA L 109 41.44 -11.76 27.85
CA ALA L 109 41.81 -10.42 27.39
C ALA L 109 42.43 -10.48 26.00
N ALA L 110 43.33 -11.42 25.78
CA ALA L 110 43.94 -11.57 24.46
C ALA L 110 42.89 -11.94 23.41
N GLY L 111 41.96 -12.83 23.78
CA GLY L 111 40.90 -13.19 22.84
C GLY L 111 40.03 -12.01 22.46
N ALA L 112 39.80 -11.09 23.40
CA ALA L 112 39.01 -9.91 23.11
C ALA L 112 39.81 -8.81 22.42
N HIS L 113 41.13 -8.88 22.45
CA HIS L 113 41.97 -7.83 21.86
C HIS L 113 41.64 -7.51 20.41
N PRO L 114 41.49 -8.48 19.49
CA PRO L 114 41.32 -8.10 18.08
C PRO L 114 40.15 -7.17 17.83
N ASP L 115 39.02 -7.38 18.53
CA ASP L 115 37.91 -6.45 18.43
C ASP L 115 38.31 -5.07 18.91
N GLU L 116 39.10 -5.01 19.99
CA GLU L 116 39.59 -3.73 20.49
C GLU L 116 40.38 -3.00 19.43
N LEU L 117 41.29 -3.71 18.76
CA LEU L 117 42.12 -3.09 17.73
C LEU L 117 41.27 -2.61 16.56
N VAL L 118 40.35 -3.46 16.10
CA VAL L 118 39.52 -3.10 14.96
C VAL L 118 38.68 -1.87 15.27
N PHE L 119 38.07 -1.83 16.46
CA PHE L 119 37.20 -0.71 16.79
C PHE L 119 37.98 0.54 17.15
N ALA L 120 39.20 0.41 17.66
CA ALA L 120 40.06 1.59 17.81
C ALA L 120 40.38 2.18 16.45
N LEU L 121 40.68 1.33 15.47
CA LEU L 121 40.91 1.82 14.12
C LEU L 121 39.64 2.48 13.57
N LEU L 122 38.48 1.89 13.86
CA LEU L 122 37.22 2.49 13.42
C LEU L 122 37.03 3.87 14.04
N LYS L 123 37.32 4.01 15.34
CA LYS L 123 37.25 5.31 15.99
C LYS L 123 38.17 6.31 15.29
N ALA L 124 39.40 5.91 15.05
CA ALA L 124 40.38 6.80 14.43
C ALA L 124 40.15 6.98 12.93
N GLY L 125 39.16 6.29 12.36
CA GLY L 125 38.89 6.44 10.94
C GLY L 125 38.68 7.89 10.53
N ASN L 126 38.04 8.67 11.40
CA ASN L 126 37.88 10.09 11.14
C ASN L 126 39.21 10.82 11.13
N ALA L 127 40.27 10.21 11.66
CA ALA L 127 41.60 10.80 11.71
C ALA L 127 42.60 10.10 10.83
N ASN L 128 42.64 8.77 10.86
CA ASN L 128 43.58 8.03 10.03
C ASN L 128 43.22 8.16 8.55
N LEU L 129 44.22 7.94 7.71
CA LEU L 129 44.12 8.18 6.28
C LEU L 129 43.96 6.87 5.52
N CYS L 130 43.13 6.89 4.48
CA CYS L 130 42.97 5.76 3.59
C CYS L 130 43.99 5.86 2.46
N TYR L 131 43.88 4.98 1.46
CA TYR L 131 44.88 4.92 0.41
C TYR L 131 44.92 6.19 -0.43
N ASP L 132 43.79 6.87 -0.57
CA ASP L 132 43.73 8.04 -1.45
C ASP L 132 44.67 9.14 -0.98
N GLY L 133 44.72 9.39 0.33
CA GLY L 133 45.56 10.44 0.86
C GLY L 133 44.86 11.31 1.88
N GLN L 134 43.55 11.12 2.05
CA GLN L 134 42.76 11.85 3.02
C GLN L 134 42.27 10.89 4.10
N ASN L 135 41.56 11.45 5.09
CA ASN L 135 41.03 10.63 6.17
C ASN L 135 40.01 9.64 5.63
N PHE L 136 39.84 8.53 6.36
CA PHE L 136 38.92 7.50 5.91
C PHE L 136 37.52 8.05 5.70
N PHE L 137 37.03 8.86 6.64
CA PHE L 137 35.77 9.57 6.49
C PHE L 137 36.10 11.05 6.29
N ASP L 138 35.95 11.52 5.05
CA ASP L 138 36.27 12.90 4.72
C ASP L 138 35.31 13.37 3.64
N THR L 139 35.15 14.70 3.57
CA THR L 139 34.24 15.32 2.62
C THR L 139 34.91 15.70 1.30
N ASP L 140 36.20 15.40 1.14
CA ASP L 140 36.96 15.78 -0.05
C ASP L 140 37.75 14.59 -0.57
N HIS L 141 37.10 13.43 -0.66
CA HIS L 141 37.74 12.27 -1.23
C HIS L 141 38.01 12.51 -2.72
N PRO L 142 39.21 12.19 -3.21
CA PRO L 142 39.53 12.51 -4.61
C PRO L 142 38.88 11.55 -5.58
N VAL L 143 38.38 12.11 -6.68
CA VAL L 143 37.82 11.33 -7.78
C VAL L 143 38.46 11.87 -9.06
N TYR L 144 38.43 11.04 -10.11
CA TYR L 144 39.26 11.33 -11.27
C TYR L 144 38.98 12.71 -11.88
N PRO L 145 37.74 13.08 -12.25
CA PRO L 145 37.52 14.44 -12.74
C PRO L 145 37.01 15.42 -11.70
N ASN L 146 36.63 14.92 -10.52
CA ASN L 146 36.00 15.76 -9.51
C ASN L 146 36.38 15.24 -8.13
N VAL L 147 35.65 15.70 -7.11
CA VAL L 147 35.90 15.34 -5.72
C VAL L 147 34.62 14.80 -5.12
N ASP L 148 34.75 13.85 -4.18
CA ASP L 148 33.62 13.23 -3.52
C ASP L 148 33.82 13.29 -2.01
N GLY L 149 32.71 13.24 -1.29
CA GLY L 149 32.74 13.30 0.16
C GLY L 149 31.91 12.22 0.79
N THR L 150 32.40 11.68 1.92
CA THR L 150 31.70 10.65 2.67
C THR L 150 31.52 11.03 4.13
N GLY L 151 31.63 12.32 4.45
CA GLY L 151 31.48 12.78 5.82
C GLY L 151 30.39 13.84 5.95
N PHE L 160 27.81 11.33 17.39
CA PHE L 160 28.34 10.04 17.80
C PHE L 160 28.80 9.24 16.58
N ALA L 161 29.94 8.58 16.72
CA ALA L 161 30.62 7.92 15.61
C ALA L 161 29.69 6.94 14.90
N PRO L 162 29.23 7.26 13.70
CA PRO L 162 28.40 6.31 12.95
C PRO L 162 29.22 5.43 12.01
N ALA L 163 28.54 4.60 11.24
CA ALA L 163 29.18 3.90 10.13
C ALA L 163 28.11 3.13 9.36
N ALA L 164 28.31 3.03 8.05
CA ALA L 164 27.43 2.26 7.17
C ALA L 164 28.32 1.51 6.18
N ASP L 165 28.30 0.18 6.26
CA ASP L 165 29.23 -0.64 5.48
C ASP L 165 28.48 -1.76 4.78
N PRO L 166 28.91 -2.16 3.59
CA PRO L 166 28.38 -3.38 2.99
C PRO L 166 29.02 -4.63 3.58
N GLY L 167 28.37 -5.76 3.33
CA GLY L 167 28.86 -7.05 3.81
C GLY L 167 28.84 -8.11 2.73
N ALA L 168 28.58 -7.71 1.49
CA ALA L 168 28.52 -8.64 0.37
C ALA L 168 29.69 -8.53 -0.59
N ALA L 169 30.41 -7.41 -0.58
CA ALA L 169 31.56 -7.25 -1.45
C ALA L 169 32.66 -8.23 -1.05
N TRP L 170 33.50 -8.58 -2.03
CA TRP L 170 34.55 -9.55 -1.77
C TRP L 170 35.53 -9.07 -0.70
N TYR L 171 35.58 -7.78 -0.41
CA TYR L 171 36.41 -7.23 0.64
C TYR L 171 35.56 -6.31 1.51
N LEU L 172 35.62 -6.51 2.82
CA LEU L 172 34.81 -5.76 3.77
C LEU L 172 35.56 -4.52 4.24
N LEU L 173 35.05 -3.89 5.30
CA LEU L 173 35.66 -2.69 5.86
C LEU L 173 36.44 -3.04 7.12
N ASP L 174 37.44 -2.21 7.42
CA ASP L 174 38.18 -2.29 8.67
C ASP L 174 38.71 -3.70 8.92
N THR L 175 39.30 -4.28 7.88
CA THR L 175 39.78 -5.66 7.97
C THR L 175 40.92 -5.78 8.96
N SER L 176 40.94 -6.89 9.69
CA SER L 176 41.99 -7.18 10.65
C SER L 176 43.08 -8.04 10.00
N ARG L 177 44.16 -8.26 10.74
CA ARG L 177 45.31 -9.01 10.24
C ARG L 177 45.88 -9.83 11.40
N SER L 178 45.47 -11.10 11.49
CA SER L 178 45.89 -11.98 12.58
C SER L 178 47.25 -12.60 12.25
N LEU L 179 48.28 -11.77 12.29
CA LEU L 179 49.63 -12.24 12.02
C LEU L 179 50.08 -13.26 13.05
N LYS L 180 49.82 -13.00 14.33
CA LYS L 180 50.30 -13.82 15.42
C LYS L 180 49.15 -14.19 16.35
N PRO L 181 49.14 -15.40 16.89
CA PRO L 181 48.07 -15.81 17.81
C PRO L 181 48.31 -15.24 19.21
N LEU L 182 47.44 -15.64 20.13
CA LEU L 182 47.49 -15.18 21.51
C LEU L 182 48.36 -16.10 22.37
N ILE L 183 49.63 -16.21 21.97
CA ILE L 183 50.56 -17.07 22.68
C ILE L 183 50.60 -16.67 24.15
N TYR L 184 50.65 -17.67 25.03
CA TYR L 184 50.69 -17.44 26.46
C TYR L 184 52.13 -17.46 26.95
N GLN L 185 52.52 -16.42 27.69
CA GLN L 185 53.84 -16.33 28.29
C GLN L 185 53.68 -16.43 29.80
N GLU L 186 54.26 -17.48 30.39
CA GLU L 186 54.22 -17.72 31.83
C GLU L 186 55.66 -17.88 32.32
N ARG L 187 56.22 -16.79 32.84
CA ARG L 187 57.62 -16.75 33.25
C ARG L 187 57.71 -16.94 34.75
N MET L 188 57.61 -18.21 35.17
CA MET L 188 57.91 -18.62 36.55
C MET L 188 58.86 -19.81 36.47
N LYS L 189 60.14 -19.50 36.29
CA LYS L 189 61.17 -20.52 36.10
C LYS L 189 62.39 -20.14 36.93
N PRO L 190 63.15 -21.13 37.42
CA PRO L 190 64.40 -20.81 38.11
C PRO L 190 65.41 -20.07 37.23
N SER L 191 65.33 -20.24 35.91
CA SER L 191 66.29 -19.64 34.99
C SER L 191 65.82 -18.29 34.43
N PHE L 192 65.03 -17.55 35.20
CA PHE L 192 64.61 -16.21 34.82
C PHE L 192 64.97 -15.23 35.93
N THR L 193 65.36 -14.01 35.54
CA THR L 193 65.84 -13.05 36.52
C THR L 193 64.73 -12.59 37.47
N SER L 194 63.49 -12.51 37.00
CA SER L 194 62.42 -12.00 37.85
C SER L 194 62.23 -12.89 39.07
N MET L 195 62.09 -14.20 38.86
CA MET L 195 61.81 -15.10 39.98
C MET L 195 62.95 -15.10 40.98
N THR L 196 64.19 -15.12 40.50
CA THR L 196 65.35 -15.32 41.35
C THR L 196 65.92 -14.01 41.90
N LYS L 197 65.48 -12.87 41.40
CA LYS L 197 65.95 -11.58 41.87
C LYS L 197 64.75 -10.82 42.45
N GLU L 198 65.05 -9.85 43.31
CA GLU L 198 63.98 -9.16 44.04
C GLU L 198 63.24 -10.18 44.89
N ASP L 199 61.98 -9.92 45.19
CA ASP L 199 61.12 -10.96 45.73
C ASP L 199 60.65 -11.86 44.59
N ASP L 200 60.12 -13.02 44.95
CA ASP L 200 59.53 -13.91 43.96
C ASP L 200 58.63 -13.11 43.03
N GLU L 201 59.01 -13.04 41.76
CA GLU L 201 58.37 -12.15 40.80
C GLU L 201 57.94 -12.94 39.57
N GLN L 202 56.75 -12.63 39.07
CA GLN L 202 56.20 -13.25 37.88
C GLN L 202 55.58 -12.17 37.02
N VAL L 203 55.33 -12.49 35.75
CA VAL L 203 54.85 -11.48 34.82
C VAL L 203 53.58 -11.97 34.12
N PHE L 204 53.61 -13.17 33.55
CA PHE L 204 52.45 -13.78 32.90
C PHE L 204 51.93 -12.90 31.74
N MET L 205 52.75 -12.81 30.70
CA MET L 205 52.46 -11.96 29.57
C MET L 205 51.56 -12.66 28.54
N ALA L 206 51.23 -11.93 27.47
CA ALA L 206 50.51 -12.49 26.34
C ALA L 206 50.78 -11.57 25.14
N ASP L 207 51.50 -12.08 24.14
CA ASP L 207 51.95 -11.27 23.03
C ASP L 207 50.93 -11.24 21.90
N GLU L 208 51.00 -10.18 21.09
CA GLU L 208 50.16 -10.03 19.91
C GLU L 208 50.94 -9.25 18.86
N TYR L 209 50.72 -9.60 17.59
CA TYR L 209 51.41 -8.95 16.47
C TYR L 209 50.42 -8.67 15.34
N ARG L 210 49.26 -8.10 15.69
CA ARG L 210 48.19 -7.85 14.74
C ARG L 210 47.97 -6.35 14.56
N TYR L 211 47.30 -6.00 13.46
CA TYR L 211 46.93 -4.61 13.23
C TYR L 211 45.75 -4.56 12.26
N GLY L 212 45.01 -3.44 12.32
CA GLY L 212 43.89 -3.22 11.44
C GLY L 212 44.30 -2.55 10.14
N VAL L 213 43.30 -2.30 9.29
CA VAL L 213 43.52 -1.75 7.95
C VAL L 213 42.48 -0.68 7.67
N ARG L 214 42.95 0.48 7.22
CA ARG L 214 42.09 1.51 6.62
C ARG L 214 41.94 1.15 5.15
N SER L 215 41.01 0.23 4.88
CA SER L 215 41.02 -0.50 3.62
C SER L 215 40.45 0.33 2.46
N ARG L 216 39.16 0.68 2.54
CA ARG L 216 38.47 1.30 1.41
C ARG L 216 37.58 2.42 1.95
N CYS L 217 38.02 3.66 1.75
CA CYS L 217 37.28 4.83 2.19
C CYS L 217 36.26 5.31 1.16
N ASN L 218 36.12 4.62 0.04
CA ASN L 218 35.06 4.88 -0.92
C ASN L 218 33.82 4.03 -0.68
N VAL L 219 33.84 3.16 0.32
CA VAL L 219 32.73 2.25 0.59
C VAL L 219 32.32 2.40 2.05
N GLY L 220 32.52 3.58 2.62
CA GLY L 220 32.12 3.86 3.98
C GLY L 220 31.70 5.31 4.13
N PHE L 221 30.81 5.54 5.08
CA PHE L 221 30.26 6.88 5.31
C PHE L 221 30.10 7.12 6.80
N GLY L 222 30.40 8.34 7.24
CA GLY L 222 30.26 8.70 8.64
C GLY L 222 29.68 10.09 8.83
N PHE L 223 29.95 10.70 9.99
CA PHE L 223 29.53 12.06 10.30
C PHE L 223 28.00 12.20 10.22
N TRP L 224 27.35 11.53 11.17
CA TRP L 224 25.90 11.51 11.26
C TRP L 224 25.42 12.40 12.41
N GLN L 225 24.41 13.19 12.14
CA GLN L 225 23.62 13.84 13.19
C GLN L 225 22.36 13.01 13.46
N LEU L 226 22.59 11.78 13.92
CA LEU L 226 21.54 10.77 13.91
C LEU L 226 20.33 11.24 14.69
N ALA L 227 19.17 11.23 14.03
CA ALA L 227 17.91 11.61 14.65
C ALA L 227 16.79 10.90 13.89
N ALA L 228 16.28 9.81 14.47
CA ALA L 228 15.27 8.98 13.82
C ALA L 228 13.87 9.46 14.22
N MET L 229 13.57 10.71 13.83
CA MET L 229 12.36 11.39 14.29
C MET L 229 11.38 11.65 13.15
N SER L 230 11.80 12.38 12.11
CA SER L 230 10.90 12.80 11.04
C SER L 230 11.08 11.87 9.84
N THR L 231 9.98 11.24 9.42
CA THR L 231 10.05 10.28 8.32
C THR L 231 10.49 10.95 7.02
N GLU L 232 9.87 12.10 6.70
CA GLU L 232 10.08 12.71 5.40
C GLU L 232 11.42 13.43 5.29
N GLU L 233 11.93 14.01 6.38
CA GLU L 233 13.15 14.80 6.31
C GLU L 233 14.30 14.18 7.09
N LEU L 234 14.14 13.95 8.39
CA LEU L 234 15.28 13.49 9.19
C LEU L 234 15.76 12.13 8.73
N ASN L 235 14.84 11.18 8.57
CA ASN L 235 15.23 9.87 8.05
C ASN L 235 15.74 9.98 6.63
N GLN L 236 15.05 10.76 5.79
CA GLN L 236 15.41 10.84 4.37
C GLN L 236 16.74 11.53 4.14
N VAL L 237 17.30 12.22 5.15
CA VAL L 237 18.49 13.02 4.95
C VAL L 237 19.71 12.47 5.68
N ASN L 238 19.54 11.73 6.77
CA ASN L 238 20.74 11.21 7.43
C ASN L 238 21.04 9.77 7.05
N PHE L 239 20.18 8.82 7.42
CA PHE L 239 20.51 7.42 7.14
C PHE L 239 20.11 7.04 5.71
N GLU L 240 18.89 7.43 5.32
CA GLU L 240 18.45 7.25 3.95
C GLU L 240 19.44 7.87 2.97
N LYS L 241 19.82 9.13 3.23
CA LYS L 241 20.74 9.80 2.33
C LYS L 241 22.15 9.24 2.42
N VAL L 242 22.59 8.77 3.60
CA VAL L 242 23.91 8.17 3.68
C VAL L 242 24.00 6.93 2.79
N TYR L 243 23.04 6.00 2.92
CA TYR L 243 23.21 4.82 2.09
C TYR L 243 22.85 5.11 0.63
N ASP L 244 22.01 6.11 0.36
CA ASP L 244 21.82 6.52 -1.03
C ASP L 244 23.12 7.05 -1.63
N ALA L 245 23.85 7.87 -0.88
CA ALA L 245 25.15 8.35 -1.36
C ALA L 245 26.11 7.19 -1.56
N MET L 246 26.02 6.17 -0.70
CA MET L 246 26.82 4.97 -0.93
C MET L 246 26.46 4.32 -2.26
N ARG L 247 25.17 4.22 -2.58
CA ARG L 247 24.79 3.74 -3.91
C ARG L 247 25.28 4.69 -5.00
N ASN L 248 25.44 5.97 -4.67
CA ASN L 248 25.75 7.01 -5.64
C ASN L 248 27.25 7.12 -5.91
N GLN L 249 28.08 6.36 -5.18
CA GLN L 249 29.51 6.44 -5.39
C GLN L 249 29.86 6.09 -6.82
N LYS L 250 30.71 6.91 -7.44
CA LYS L 250 31.14 6.71 -8.82
C LYS L 250 32.65 6.50 -8.85
N ALA L 251 33.08 5.58 -9.70
CA ALA L 251 34.49 5.22 -9.80
C ALA L 251 35.22 6.23 -10.67
N ASP L 252 36.50 5.96 -10.95
CA ASP L 252 37.31 6.83 -11.80
C ASP L 252 36.89 6.59 -13.25
N GLY L 253 35.93 7.37 -13.70
CA GLY L 253 35.38 7.21 -15.04
C GLY L 253 33.89 7.44 -15.09
N GLY L 254 33.25 7.49 -13.92
CA GLY L 254 31.83 7.72 -13.82
C GLY L 254 31.00 6.48 -13.57
N ARG L 255 31.58 5.30 -13.71
CA ARG L 255 30.83 4.07 -13.47
C ARG L 255 30.44 3.97 -11.99
N PRO L 256 29.23 3.52 -11.69
CA PRO L 256 28.85 3.35 -10.28
C PRO L 256 29.63 2.23 -9.63
N LEU L 257 29.89 2.40 -8.33
CA LEU L 257 30.57 1.37 -7.55
C LEU L 257 29.66 0.19 -7.23
N ASP L 258 28.34 0.36 -7.33
CA ASP L 258 27.38 -0.68 -6.99
C ASP L 258 27.54 -1.10 -5.52
N ILE L 259 27.38 -0.12 -4.64
CA ILE L 259 27.50 -0.36 -3.21
C ILE L 259 26.18 -0.89 -2.69
N ARG L 260 26.25 -1.85 -1.75
CA ARG L 260 25.08 -2.47 -1.14
C ARG L 260 25.20 -2.37 0.37
N PRO L 261 24.98 -1.19 0.93
CA PRO L 261 25.11 -1.03 2.39
C PRO L 261 24.12 -1.91 3.13
N ASN L 262 24.65 -2.86 3.89
CA ASN L 262 23.84 -3.80 4.65
C ASN L 262 24.21 -3.90 6.12
N LEU L 263 25.27 -3.23 6.56
CA LEU L 263 25.70 -3.24 7.94
C LEU L 263 25.61 -1.82 8.50
N LEU L 264 24.99 -1.69 9.67
CA LEU L 264 24.90 -0.42 10.38
C LEU L 264 25.44 -0.65 11.79
N VAL L 265 26.63 -0.12 12.07
CA VAL L 265 27.27 -0.26 13.37
C VAL L 265 27.27 1.11 14.04
N VAL L 266 26.69 1.18 15.23
CA VAL L 266 26.55 2.43 15.97
C VAL L 266 26.84 2.17 17.44
N PRO L 267 27.19 3.21 18.19
CA PRO L 267 27.39 3.05 19.64
C PRO L 267 26.12 2.61 20.33
N THR L 268 26.27 2.29 21.62
CA THR L 268 25.13 1.81 22.40
C THR L 268 24.04 2.88 22.51
N THR L 269 24.42 4.13 22.69
CA THR L 269 23.44 5.20 22.85
C THR L 269 22.55 5.36 21.62
N LEU L 270 22.99 4.86 20.46
CA LEU L 270 22.20 4.93 19.23
C LEU L 270 21.54 3.61 18.88
N ARG L 271 21.62 2.61 19.76
CA ARG L 271 21.03 1.31 19.45
C ARG L 271 19.53 1.42 19.26
N SER L 272 18.84 2.11 20.18
CA SER L 272 17.39 2.22 20.09
C SER L 272 16.98 2.97 18.83
N LYS L 273 17.66 4.06 18.52
CA LYS L 273 17.32 4.84 17.33
C LYS L 273 17.60 4.05 16.06
N ALA L 274 18.70 3.29 16.03
CA ALA L 274 18.98 2.46 14.86
C ALA L 274 17.93 1.37 14.69
N LYS L 275 17.50 0.76 15.79
CA LYS L 275 16.43 -0.23 15.72
C LYS L 275 15.13 0.40 15.22
N GLU L 276 14.84 1.63 15.65
CA GLU L 276 13.67 2.33 15.14
C GLU L 276 13.79 2.56 13.64
N VAL L 277 14.98 2.97 13.18
CA VAL L 277 15.17 3.22 11.75
C VAL L 277 14.95 1.92 10.97
N VAL L 278 15.51 0.82 11.46
CA VAL L 278 15.33 -0.50 10.85
C VAL L 278 14.80 -1.43 11.93
N GLY L 279 13.52 -1.79 11.83
CA GLY L 279 12.92 -2.70 12.79
C GLY L 279 11.48 -2.38 13.13
N VAL L 280 10.99 -1.21 12.70
CA VAL L 280 9.61 -0.82 12.95
C VAL L 280 9.09 -0.07 11.73
N GLN L 281 7.77 -0.17 11.51
CA GLN L 281 7.17 0.43 10.33
C GLN L 281 7.04 1.95 10.46
N ARG L 282 6.92 2.46 11.68
CA ARG L 282 6.79 3.89 11.93
C ARG L 282 8.07 4.40 12.59
N LEU L 283 8.48 5.61 12.21
CA LEU L 283 9.78 6.11 12.65
C LEU L 283 9.69 6.68 14.06
N ALA L 284 9.00 7.82 14.22
CA ALA L 284 8.77 8.36 15.55
C ALA L 284 7.43 9.07 15.70
N ASN L 285 6.59 9.10 14.67
CA ASN L 285 5.33 9.83 14.77
C ASN L 285 4.18 9.10 14.07
N GLY L 286 4.33 7.80 13.81
CA GLY L 286 3.29 7.06 13.13
C GLY L 286 3.16 7.37 11.66
N ALA L 287 4.18 8.00 11.05
CA ALA L 287 4.09 8.37 9.65
C ALA L 287 4.43 7.18 8.74
N ASP L 288 5.67 6.70 8.82
CA ASP L 288 6.13 5.57 8.01
C ASP L 288 7.60 5.34 8.35
N ASN L 289 8.14 4.24 7.82
CA ASN L 289 9.57 3.93 7.93
C ASN L 289 10.03 3.34 6.61
N PRO L 290 10.53 4.19 5.70
CA PRO L 290 10.97 3.67 4.40
C PRO L 290 12.12 2.68 4.49
N ASN L 291 12.85 2.67 5.60
CA ASN L 291 14.05 1.86 5.76
C ASN L 291 13.80 0.58 6.53
N PHE L 292 12.55 0.24 6.79
CA PHE L 292 12.24 -0.99 7.52
C PHE L 292 12.80 -2.20 6.79
N GLU L 293 13.44 -3.09 7.54
CA GLU L 293 14.00 -4.33 6.98
C GLU L 293 14.92 -4.03 5.80
N LEU L 294 15.76 -3.01 5.96
CA LEU L 294 16.66 -2.56 4.91
C LEU L 294 18.12 -2.88 5.24
N VAL L 295 18.61 -2.44 6.39
CA VAL L 295 19.96 -2.73 6.85
C VAL L 295 19.86 -3.34 8.24
N GLN L 296 20.44 -4.53 8.41
CA GLN L 296 20.46 -5.18 9.71
C GLN L 296 21.48 -4.49 10.60
N VAL L 297 21.02 -3.93 11.71
CA VAL L 297 21.85 -3.11 12.58
C VAL L 297 22.49 -3.99 13.63
N LEU L 298 23.80 -3.85 13.81
CA LEU L 298 24.53 -4.48 14.89
C LEU L 298 25.05 -3.39 15.81
N ASP L 299 24.87 -3.57 17.11
CA ASP L 299 25.31 -2.59 18.09
C ASP L 299 26.73 -2.90 18.54
N THR L 300 27.42 -1.86 19.01
CA THR L 300 28.80 -1.98 19.43
C THR L 300 29.06 -1.00 20.58
N ALA L 301 29.87 -1.45 21.53
CA ALA L 301 30.21 -0.65 22.70
C ALA L 301 31.71 -0.45 22.86
N TRP L 302 32.50 -0.76 21.83
CA TRP L 302 33.95 -0.59 21.89
C TRP L 302 34.40 0.81 21.48
N LEU L 303 33.47 1.68 21.09
CA LEU L 303 33.82 3.03 20.65
C LEU L 303 32.98 4.05 21.42
N ASN L 304 33.52 5.27 21.50
CA ASN L 304 32.85 6.37 22.18
C ASN L 304 32.52 6.03 23.63
N ALA M 2 38.60 8.78 -47.77
CA ALA M 2 37.29 9.34 -47.49
C ALA M 2 36.37 9.18 -48.70
N ILE M 3 35.17 9.75 -48.60
CA ILE M 3 34.18 9.71 -49.67
C ILE M 3 33.66 11.13 -49.90
N ILE M 4 33.49 11.49 -51.17
CA ILE M 4 33.17 12.87 -51.51
C ILE M 4 31.82 13.28 -50.93
N THR M 5 30.79 12.49 -51.17
CA THR M 5 29.41 12.85 -50.79
C THR M 5 28.70 11.65 -50.19
N PRO M 6 28.91 11.39 -48.90
CA PRO M 6 28.05 10.42 -48.20
C PRO M 6 26.64 10.96 -48.01
N ALA M 7 26.41 12.21 -48.38
CA ALA M 7 25.10 12.83 -48.19
C ALA M 7 24.03 12.09 -49.00
N LEU M 8 24.32 11.79 -50.26
CA LEU M 8 23.33 11.20 -51.15
C LEU M 8 23.22 9.68 -51.00
N ILE M 9 24.17 9.05 -50.29
CA ILE M 9 24.20 7.59 -50.21
C ILE M 9 23.43 7.13 -48.99
N SER M 10 22.67 8.04 -48.36
CA SER M 10 21.90 7.67 -47.19
C SER M 10 20.82 6.65 -47.52
N ALA M 11 20.19 6.78 -48.69
CA ALA M 11 19.08 5.90 -49.04
C ALA M 11 19.52 4.45 -49.08
N LEU M 12 20.66 4.18 -49.70
CA LEU M 12 21.12 2.80 -49.85
C LEU M 12 21.52 2.20 -48.51
N LYS M 13 22.22 2.97 -47.68
CA LYS M 13 22.75 2.44 -46.43
C LYS M 13 21.63 2.03 -45.48
N THR M 14 20.68 2.92 -45.25
CA THR M 14 19.69 2.75 -44.18
C THR M 14 18.91 1.45 -44.34
N SER M 15 18.67 0.79 -43.21
CA SER M 15 17.92 -0.46 -43.17
C SER M 15 16.56 -0.22 -42.54
N PHE M 16 15.74 -1.28 -42.53
CA PHE M 16 14.38 -1.24 -42.01
C PHE M 16 14.28 -2.13 -40.79
N GLN M 17 13.66 -1.61 -39.73
CA GLN M 17 13.34 -2.37 -38.53
C GLN M 17 11.84 -2.21 -38.28
N LYS M 18 11.06 -3.18 -38.75
CA LYS M 18 9.60 -3.13 -38.64
C LYS M 18 9.16 -3.60 -37.25
N HIS M 19 9.69 -2.93 -36.22
CA HIS M 19 9.35 -3.22 -34.85
C HIS M 19 8.29 -2.27 -34.30
N PHE M 20 8.20 -1.05 -34.82
CA PHE M 20 7.15 -0.11 -34.45
C PHE M 20 5.86 -0.34 -35.22
N GLN M 21 5.86 -1.28 -36.17
CA GLN M 21 4.66 -1.57 -36.94
C GLN M 21 3.68 -2.34 -36.08
N ASP M 22 2.47 -1.81 -35.94
CA ASP M 22 1.40 -2.50 -35.21
C ASP M 22 1.80 -2.78 -33.77
N ALA M 23 2.64 -1.93 -33.19
CA ALA M 23 3.06 -2.12 -31.80
C ALA M 23 2.05 -1.49 -30.86
N LEU M 24 0.78 -1.80 -31.05
CA LEU M 24 -0.30 -1.26 -30.24
C LEU M 24 -1.51 -2.18 -30.36
N ALA M 25 -2.45 -2.00 -29.43
CA ALA M 25 -3.66 -2.80 -29.43
C ALA M 25 -4.77 -2.02 -28.74
N THR M 26 -6.00 -2.48 -28.96
CA THR M 26 -7.15 -1.85 -28.33
C THR M 26 -7.19 -2.18 -26.84
N ALA M 27 -8.01 -1.43 -26.11
CA ALA M 27 -8.20 -1.70 -24.70
C ALA M 27 -8.90 -3.05 -24.53
N PRO M 28 -8.68 -3.72 -23.41
CA PRO M 28 -9.31 -5.04 -23.21
C PRO M 28 -10.82 -4.94 -23.28
N SER M 29 -11.43 -5.98 -23.82
CA SER M 29 -12.89 -6.00 -23.97
C SER M 29 -13.56 -5.79 -22.62
N THR M 30 -14.60 -4.96 -22.60
CA THR M 30 -15.28 -4.59 -21.37
C THR M 30 -16.79 -4.76 -21.42
N TYR M 31 -17.41 -4.75 -22.59
CA TYR M 31 -18.88 -4.84 -22.66
C TYR M 31 -19.40 -6.14 -22.07
N LEU M 32 -18.55 -7.18 -21.97
CA LEU M 32 -19.02 -8.44 -21.40
C LEU M 32 -19.46 -8.27 -19.96
N GLN M 33 -18.67 -7.54 -19.17
CA GLN M 33 -18.98 -7.39 -17.75
C GLN M 33 -20.25 -6.57 -17.55
N VAL M 34 -20.45 -5.53 -18.37
CA VAL M 34 -21.56 -4.60 -18.15
C VAL M 34 -22.74 -4.86 -19.09
N ALA M 35 -22.54 -5.55 -20.21
CA ALA M 35 -23.58 -5.77 -21.20
C ALA M 35 -23.68 -7.25 -21.53
N THR M 36 -24.88 -7.66 -21.93
CA THR M 36 -25.16 -9.04 -22.30
C THR M 36 -25.48 -9.12 -23.79
N VAL M 37 -24.97 -10.16 -24.44
CA VAL M 37 -25.18 -10.34 -25.87
C VAL M 37 -26.58 -10.86 -26.12
N ILE M 38 -27.25 -10.28 -27.12
CA ILE M 38 -28.59 -10.69 -27.52
C ILE M 38 -28.57 -10.96 -29.02
N PRO M 39 -28.14 -12.15 -29.45
CA PRO M 39 -28.07 -12.39 -30.90
C PRO M 39 -29.42 -12.21 -31.56
N SER M 40 -29.40 -11.64 -32.77
CA SER M 40 -30.63 -11.39 -33.51
C SER M 40 -30.32 -11.48 -35.00
N THR M 41 -31.37 -11.62 -35.80
CA THR M 41 -31.25 -11.72 -37.25
C THR M 41 -32.23 -10.83 -37.99
N THR M 42 -32.87 -9.89 -37.32
CA THR M 42 -33.85 -9.02 -37.92
C THR M 42 -33.23 -7.63 -38.17
N ALA M 43 -34.07 -6.68 -38.59
CA ALA M 43 -33.65 -5.31 -38.81
C ALA M 43 -33.92 -4.39 -37.63
N SER M 44 -34.92 -4.70 -36.82
CA SER M 44 -35.21 -3.89 -35.63
C SER M 44 -35.82 -4.83 -34.58
N ASN M 45 -34.97 -5.33 -33.68
CA ASN M 45 -35.44 -6.20 -32.62
C ASN M 45 -36.21 -5.40 -31.58
N THR M 46 -37.31 -5.99 -31.08
CA THR M 46 -38.14 -5.37 -30.07
C THR M 46 -38.33 -6.32 -28.90
N TYR M 47 -38.31 -5.77 -27.69
CA TYR M 47 -38.49 -6.54 -26.47
C TYR M 47 -39.83 -6.16 -25.83
N GLY M 48 -40.52 -7.16 -25.28
CA GLY M 48 -41.80 -6.91 -24.65
C GLY M 48 -41.91 -7.52 -23.27
N TRP M 49 -42.32 -6.72 -22.29
CA TRP M 49 -42.56 -7.19 -20.93
C TRP M 49 -43.87 -6.59 -20.44
N LEU M 50 -44.61 -7.38 -19.66
CA LEU M 50 -45.94 -7.00 -19.21
C LEU M 50 -45.95 -6.35 -17.83
N GLY M 51 -44.78 -6.12 -17.24
CA GLY M 51 -44.74 -5.55 -15.90
C GLY M 51 -44.90 -6.64 -14.86
N GLN M 52 -45.83 -6.44 -13.93
CA GLN M 52 -46.10 -7.42 -12.89
C GLN M 52 -47.38 -7.03 -12.16
N PHE M 53 -47.74 -7.82 -11.16
CA PHE M 53 -48.95 -7.69 -10.38
C PHE M 53 -48.76 -6.68 -9.26
N PRO M 54 -49.76 -5.84 -8.94
CA PRO M 54 -49.56 -4.82 -7.90
C PRO M 54 -49.79 -5.33 -6.49
N LYS M 55 -49.73 -4.43 -5.51
CA LYS M 55 -49.82 -4.82 -4.11
C LYS M 55 -51.17 -5.47 -3.81
N LEU M 56 -51.20 -6.22 -2.71
CA LEU M 56 -52.45 -6.75 -2.19
C LEU M 56 -53.29 -5.60 -1.64
N ARG M 57 -54.52 -5.48 -2.13
CA ARG M 57 -55.40 -4.42 -1.70
C ARG M 57 -56.02 -4.79 -0.34
N GLU M 58 -57.04 -4.04 0.08
CA GLU M 58 -57.60 -4.14 1.42
C GLU M 58 -59.09 -4.38 1.39
N TRP M 59 -59.62 -4.95 0.30
CA TRP M 59 -61.06 -5.14 0.17
C TRP M 59 -61.33 -6.34 -0.73
N ILE M 60 -61.86 -7.42 -0.15
CA ILE M 60 -62.41 -8.50 -0.96
C ILE M 60 -63.88 -8.23 -1.27
N GLY M 61 -64.58 -7.52 -0.40
CA GLY M 61 -65.85 -6.95 -0.77
C GLY M 61 -65.65 -5.91 -1.85
N GLN M 62 -66.53 -5.94 -2.85
CA GLN M 62 -66.43 -5.09 -4.04
C GLN M 62 -64.98 -5.05 -4.55
N ARG M 63 -64.49 -6.24 -4.92
CA ARG M 63 -63.14 -6.33 -5.47
C ARG M 63 -62.99 -5.41 -6.68
N VAL M 64 -61.79 -4.89 -6.85
CA VAL M 64 -61.47 -4.02 -7.98
C VAL M 64 -60.56 -4.78 -8.93
N ILE M 65 -60.98 -4.87 -10.19
CA ILE M 65 -60.19 -5.53 -11.21
C ILE M 65 -59.04 -4.61 -11.60
N LYS M 66 -58.03 -5.15 -12.28
CA LYS M 66 -56.93 -4.35 -12.80
C LYS M 66 -56.46 -4.98 -14.11
N ASP M 67 -55.48 -4.35 -14.74
CA ASP M 67 -54.96 -4.81 -16.01
C ASP M 67 -53.44 -4.77 -15.99
N MET M 68 -52.83 -5.65 -16.79
CA MET M 68 -51.39 -5.65 -16.97
C MET M 68 -51.00 -4.65 -18.04
N ALA M 69 -49.84 -4.04 -17.88
CA ALA M 69 -49.33 -3.04 -18.81
C ALA M 69 -48.32 -3.71 -19.75
N ALA M 70 -48.58 -3.65 -21.05
CA ALA M 70 -47.69 -4.22 -22.05
C ALA M 70 -46.68 -3.16 -22.46
N GLN M 71 -45.41 -3.41 -22.16
CA GLN M 71 -44.33 -2.49 -22.45
C GLN M 71 -43.52 -2.99 -23.64
N GLY M 72 -42.95 -2.05 -24.40
CA GLY M 72 -42.18 -2.40 -25.57
C GLY M 72 -41.02 -1.44 -25.75
N TYR M 73 -39.96 -1.93 -26.38
CA TYR M 73 -38.78 -1.12 -26.67
C TYR M 73 -38.31 -1.43 -28.08
N GLN M 74 -38.23 -0.39 -28.92
CA GLN M 74 -37.86 -0.54 -30.32
C GLN M 74 -36.52 0.14 -30.56
N ILE M 75 -35.65 -0.55 -31.32
CA ILE M 75 -34.32 -0.06 -31.64
C ILE M 75 -33.95 -0.56 -33.03
N THR M 76 -33.23 0.28 -33.78
CA THR M 76 -32.79 -0.03 -35.13
C THR M 76 -31.31 -0.39 -35.12
N ASN M 77 -30.97 -1.47 -35.81
CA ASN M 77 -29.58 -1.97 -35.83
C ASN M 77 -28.88 -1.49 -37.09
N LYS M 78 -28.61 -0.18 -37.14
CA LYS M 78 -27.91 0.40 -38.27
C LYS M 78 -26.46 -0.10 -38.32
N LEU M 79 -25.91 -0.14 -39.52
CA LEU M 79 -24.59 -0.71 -39.74
C LEU M 79 -23.50 0.26 -39.30
N PHE M 80 -22.28 -0.26 -39.22
CA PHE M 80 -21.08 0.53 -38.96
C PHE M 80 -19.97 0.03 -39.87
N GLU M 81 -19.15 0.97 -40.36
CA GLU M 81 -18.14 0.63 -41.35
C GLU M 81 -16.98 1.60 -41.26
N SER M 82 -15.85 1.18 -41.81
CA SER M 82 -14.67 2.03 -41.97
C SER M 82 -13.70 1.31 -42.88
N THR M 83 -13.10 2.04 -43.81
CA THR M 83 -12.24 1.43 -44.81
C THR M 83 -11.25 2.46 -45.31
N VAL M 84 -10.19 1.97 -45.96
CA VAL M 84 -9.15 2.82 -46.52
C VAL M 84 -8.81 2.35 -47.92
N GLY M 85 -8.21 3.25 -48.68
CA GLY M 85 -7.78 2.96 -50.05
C GLY M 85 -6.28 2.77 -50.13
N VAL M 86 -5.86 1.85 -51.01
CA VAL M 86 -4.44 1.56 -51.22
C VAL M 86 -4.24 1.23 -52.69
N LYS M 87 -2.97 1.31 -53.12
CA LYS M 87 -2.61 1.00 -54.49
C LYS M 87 -2.30 -0.48 -54.66
N ARG M 88 -2.58 -1.00 -55.85
CA ARG M 88 -2.34 -2.42 -56.11
C ARG M 88 -0.84 -2.71 -56.25
N THR M 89 -0.10 -1.83 -56.90
CA THR M 89 1.33 -2.07 -57.09
C THR M 89 2.09 -1.93 -55.78
N ASP M 90 1.69 -0.98 -54.94
CA ASP M 90 2.46 -0.70 -53.73
C ASP M 90 2.47 -1.89 -52.78
N ILE M 91 1.34 -2.59 -52.64
CA ILE M 91 1.32 -3.75 -51.76
C ILE M 91 2.28 -4.82 -52.27
N GLU M 92 2.34 -5.01 -53.59
CA GLU M 92 3.32 -5.91 -54.16
C GLU M 92 4.71 -5.31 -54.15
N ASP M 93 4.81 -3.99 -54.29
CA ASP M 93 6.10 -3.29 -54.22
C ASP M 93 6.43 -2.89 -52.79
N ASP M 94 6.40 -3.87 -51.89
CA ASP M 94 6.71 -3.64 -50.47
C ASP M 94 7.25 -4.96 -49.91
N ASN M 95 8.56 -5.05 -49.81
CA ASN M 95 9.23 -6.27 -49.37
C ASN M 95 9.44 -6.35 -47.86
N LEU M 96 9.06 -5.31 -47.13
CA LEU M 96 9.34 -5.24 -45.69
C LEU M 96 8.18 -5.74 -44.83
N GLY M 97 7.08 -6.17 -45.44
CA GLY M 97 5.97 -6.74 -44.71
C GLY M 97 4.92 -5.76 -44.25
N VAL M 98 5.23 -4.46 -44.22
CA VAL M 98 4.25 -3.43 -43.92
C VAL M 98 3.38 -3.23 -45.15
N TYR M 99 2.28 -2.50 -45.01
CA TYR M 99 1.42 -2.19 -46.15
C TYR M 99 0.90 -3.48 -46.77
N GLY M 100 0.04 -4.16 -46.00
CA GLY M 100 -0.29 -5.54 -46.23
C GLY M 100 -0.63 -6.29 -44.96
N PRO M 101 -0.23 -5.78 -43.80
CA PRO M 101 -0.91 -6.14 -42.55
C PRO M 101 -2.26 -5.44 -42.38
N LEU M 102 -2.73 -4.79 -43.44
CA LEU M 102 -3.99 -4.06 -43.40
C LEU M 102 -5.15 -4.98 -43.05
N MET M 103 -5.16 -6.20 -43.60
CA MET M 103 -6.25 -7.13 -43.33
C MET M 103 -6.36 -7.42 -41.82
N GLN M 104 -5.24 -7.77 -41.19
CA GLN M 104 -5.29 -8.11 -39.76
C GLN M 104 -5.57 -6.87 -38.92
N GLU M 105 -5.03 -5.71 -39.31
CA GLU M 105 -5.34 -4.49 -38.58
C GLU M 105 -6.83 -4.19 -38.63
N MET M 106 -7.45 -4.33 -39.80
CA MET M 106 -8.87 -4.07 -39.93
C MET M 106 -9.67 -5.10 -39.13
N GLY M 107 -9.19 -6.35 -39.12
CA GLY M 107 -9.88 -7.37 -38.34
C GLY M 107 -9.87 -7.05 -36.86
N ARG M 108 -8.72 -6.63 -36.33
CA ARG M 108 -8.67 -6.28 -34.91
C ARG M 108 -9.53 -5.05 -34.61
N ALA M 109 -9.55 -4.07 -35.52
CA ALA M 109 -10.41 -2.91 -35.33
C ALA M 109 -11.88 -3.34 -35.26
N ALA M 110 -12.30 -4.23 -36.17
CA ALA M 110 -13.68 -4.71 -36.15
C ALA M 110 -13.96 -5.48 -34.87
N GLY M 111 -13.01 -6.29 -34.43
CA GLY M 111 -13.20 -7.03 -33.18
C GLY M 111 -13.35 -6.11 -31.99
N ALA M 112 -12.64 -4.98 -32.00
CA ALA M 112 -12.77 -4.00 -30.93
C ALA M 112 -14.07 -3.23 -31.03
N HIS M 113 -14.63 -3.12 -32.24
CA HIS M 113 -15.80 -2.26 -32.47
C HIS M 113 -16.93 -2.43 -31.46
N PRO M 114 -17.38 -3.65 -31.10
CA PRO M 114 -18.55 -3.75 -30.20
C PRO M 114 -18.39 -2.99 -28.91
N ASP M 115 -17.18 -2.98 -28.32
CA ASP M 115 -16.97 -2.19 -27.12
C ASP M 115 -17.16 -0.71 -27.40
N GLU M 116 -16.65 -0.24 -28.53
CA GLU M 116 -16.85 1.17 -28.89
C GLU M 116 -18.33 1.49 -29.02
N LEU M 117 -19.10 0.59 -29.66
CA LEU M 117 -20.53 0.81 -29.80
C LEU M 117 -21.22 0.89 -28.44
N VAL M 118 -20.95 -0.09 -27.58
CA VAL M 118 -21.61 -0.14 -26.28
C VAL M 118 -21.28 1.10 -25.46
N PHE M 119 -20.01 1.50 -25.44
CA PHE M 119 -19.62 2.63 -24.62
C PHE M 119 -19.97 3.98 -25.24
N ALA M 120 -20.13 4.04 -26.56
CA ALA M 120 -20.71 5.24 -27.16
C ALA M 120 -22.15 5.40 -26.74
N LEU M 121 -22.91 4.30 -26.70
CA LEU M 121 -24.27 4.38 -26.19
C LEU M 121 -24.26 4.75 -24.70
N LEU M 122 -23.30 4.22 -23.95
CA LEU M 122 -23.18 4.60 -22.54
C LEU M 122 -22.93 6.10 -22.39
N LYS M 123 -22.03 6.65 -23.22
CA LYS M 123 -21.80 8.08 -23.20
C LYS M 123 -23.08 8.85 -23.51
N ALA M 124 -23.82 8.41 -24.53
CA ALA M 124 -25.06 9.06 -24.93
C ALA M 124 -26.21 8.74 -23.98
N GLY M 125 -25.98 7.94 -22.94
CA GLY M 125 -27.06 7.59 -22.03
C GLY M 125 -27.72 8.81 -21.41
N ASN M 126 -26.93 9.81 -21.05
CA ASN M 126 -27.50 11.06 -20.55
C ASN M 126 -28.34 11.75 -21.61
N ALA M 127 -28.15 11.42 -22.89
CA ALA M 127 -28.89 12.02 -23.98
C ALA M 127 -29.94 11.09 -24.57
N ASN M 128 -29.62 9.80 -24.73
CA ASN M 128 -30.57 8.86 -25.30
C ASN M 128 -31.68 8.55 -24.30
N LEU M 129 -32.82 8.11 -24.84
CA LEU M 129 -34.04 7.91 -24.07
C LEU M 129 -34.31 6.42 -23.89
N CYS M 130 -34.75 6.04 -22.70
CA CYS M 130 -35.15 4.67 -22.43
C CYS M 130 -36.63 4.49 -22.79
N TYR M 131 -37.18 3.32 -22.44
CA TYR M 131 -38.52 2.98 -22.90
C TYR M 131 -39.59 3.88 -22.27
N ASP M 132 -39.30 4.45 -21.10
CA ASP M 132 -40.27 5.34 -20.46
C ASP M 132 -40.59 6.55 -21.33
N GLY M 133 -39.55 7.15 -21.93
CA GLY M 133 -39.74 8.34 -22.73
C GLY M 133 -38.85 9.48 -22.30
N GLN M 134 -38.03 9.24 -21.28
CA GLN M 134 -37.06 10.20 -20.78
C GLN M 134 -35.65 9.67 -20.99
N ASN M 135 -34.67 10.52 -20.72
CA ASN M 135 -33.28 10.14 -20.90
C ASN M 135 -32.93 8.96 -20.00
N PHE M 136 -32.05 8.09 -20.48
CA PHE M 136 -31.67 6.91 -19.72
C PHE M 136 -31.19 7.28 -18.33
N PHE M 137 -30.38 8.33 -18.22
CA PHE M 137 -29.96 8.89 -16.95
C PHE M 137 -30.64 10.25 -16.80
N ASP M 138 -31.83 10.24 -16.20
CA ASP M 138 -32.62 11.45 -16.01
C ASP M 138 -33.16 11.48 -14.60
N THR M 139 -33.47 12.68 -14.13
CA THR M 139 -33.99 12.89 -12.79
C THR M 139 -35.51 12.86 -12.72
N ASP M 140 -36.19 12.61 -13.84
CA ASP M 140 -37.65 12.66 -13.92
C ASP M 140 -38.20 11.39 -14.57
N HIS M 141 -37.72 10.25 -14.12
CA HIS M 141 -38.24 8.98 -14.63
C HIS M 141 -39.71 8.83 -14.21
N PRO M 142 -40.63 8.61 -15.15
CA PRO M 142 -42.06 8.53 -14.80
C PRO M 142 -42.50 7.14 -14.38
N VAL M 143 -41.94 6.65 -13.27
CA VAL M 143 -42.37 5.36 -12.73
C VAL M 143 -43.82 5.44 -12.24
N TYR M 144 -44.26 6.63 -11.84
CA TYR M 144 -45.58 6.83 -11.27
C TYR M 144 -46.05 8.25 -11.57
N PRO M 145 -47.28 8.62 -11.19
CA PRO M 145 -47.63 10.05 -11.20
C PRO M 145 -46.67 10.90 -10.38
N ASN M 146 -45.90 10.28 -9.49
CA ASN M 146 -44.84 10.97 -8.78
C ASN M 146 -43.61 11.07 -9.69
N VAL M 147 -42.46 11.46 -9.12
CA VAL M 147 -41.24 11.69 -9.88
C VAL M 147 -40.14 10.82 -9.30
N ASP M 148 -39.42 10.12 -10.17
CA ASP M 148 -38.27 9.33 -9.79
C ASP M 148 -37.08 9.75 -10.65
N GLY M 149 -35.89 9.72 -10.06
CA GLY M 149 -34.71 10.23 -10.72
C GLY M 149 -33.54 9.29 -10.61
N THR M 150 -32.68 9.31 -11.64
CA THR M 150 -31.45 8.53 -11.62
C THR M 150 -30.28 9.32 -12.20
N GLY M 151 -30.22 10.63 -11.95
CA GLY M 151 -29.10 11.45 -12.37
C GLY M 151 -28.69 12.46 -11.31
N PHE M 160 -18.78 12.43 -14.92
CA PHE M 160 -17.85 11.73 -15.80
C PHE M 160 -18.52 10.52 -16.44
N ALA M 161 -19.85 10.56 -16.50
CA ALA M 161 -20.66 9.51 -17.12
C ALA M 161 -20.33 8.10 -16.62
N PRO M 162 -20.30 7.91 -15.30
CA PRO M 162 -20.20 6.55 -14.76
C PRO M 162 -21.56 5.86 -14.79
N ALA M 163 -21.54 4.55 -14.53
CA ALA M 163 -22.76 3.76 -14.55
C ALA M 163 -22.63 2.65 -13.50
N ALA M 164 -23.16 2.90 -12.30
CA ALA M 164 -23.29 1.85 -11.32
C ALA M 164 -24.31 0.83 -11.82
N ASP M 165 -23.94 -0.44 -11.84
CA ASP M 165 -24.79 -1.46 -12.43
C ASP M 165 -24.79 -2.71 -11.56
N PRO M 166 -25.95 -3.37 -11.39
CA PRO M 166 -25.98 -4.63 -10.63
C PRO M 166 -25.52 -5.80 -11.48
N GLY M 167 -25.86 -5.78 -12.77
CA GLY M 167 -25.49 -6.85 -13.68
C GLY M 167 -25.78 -8.23 -13.15
N ALA M 168 -26.73 -8.33 -12.20
CA ALA M 168 -27.09 -9.59 -11.59
C ALA M 168 -28.48 -10.07 -11.96
N ALA M 169 -29.36 -9.18 -12.40
CA ALA M 169 -30.70 -9.56 -12.81
C ALA M 169 -30.62 -10.37 -14.11
N TRP M 170 -31.79 -10.78 -14.60
CA TRP M 170 -31.84 -11.58 -15.82
C TRP M 170 -31.21 -10.87 -17.01
N TYR M 171 -31.14 -9.54 -16.98
CA TYR M 171 -30.53 -8.77 -18.05
C TYR M 171 -29.51 -7.81 -17.47
N LEU M 172 -28.56 -7.42 -18.32
CA LEU M 172 -27.52 -6.46 -17.96
C LEU M 172 -27.76 -5.15 -18.69
N LEU M 173 -27.25 -4.07 -18.12
CA LEU M 173 -27.42 -2.75 -18.73
C LEU M 173 -26.65 -2.65 -20.04
N ASP M 174 -27.14 -1.80 -20.93
CA ASP M 174 -26.45 -1.51 -22.18
C ASP M 174 -26.16 -2.79 -22.96
N THR M 175 -27.14 -3.70 -22.97
CA THR M 175 -26.96 -4.98 -23.63
C THR M 175 -26.62 -4.78 -25.10
N SER M 176 -25.66 -5.57 -25.58
CA SER M 176 -25.24 -5.52 -26.98
C SER M 176 -26.10 -6.44 -27.82
N ARG M 177 -26.14 -6.17 -29.12
CA ARG M 177 -26.93 -6.94 -30.08
C ARG M 177 -26.05 -7.27 -31.28
N SER M 178 -25.54 -8.50 -31.30
CA SER M 178 -24.66 -8.95 -32.38
C SER M 178 -25.52 -9.45 -33.53
N LEU M 179 -25.67 -8.62 -34.56
CA LEU M 179 -26.42 -8.98 -35.76
C LEU M 179 -25.55 -9.72 -36.77
N LYS M 180 -24.46 -9.08 -37.21
CA LYS M 180 -23.59 -9.64 -38.23
C LYS M 180 -22.15 -9.61 -37.74
N PRO M 181 -21.37 -10.67 -37.98
CA PRO M 181 -19.95 -10.65 -37.59
C PRO M 181 -19.14 -9.69 -38.45
N LEU M 182 -17.83 -9.66 -38.23
CA LEU M 182 -16.92 -8.73 -38.91
C LEU M 182 -16.47 -9.25 -40.28
N ILE M 183 -17.44 -9.62 -41.13
CA ILE M 183 -17.09 -10.09 -42.47
C ILE M 183 -16.20 -9.06 -43.15
N TYR M 184 -15.06 -9.53 -43.68
CA TYR M 184 -14.11 -8.64 -44.31
C TYR M 184 -14.57 -8.28 -45.72
N GLN M 185 -14.49 -7.00 -46.06
CA GLN M 185 -14.86 -6.48 -47.37
C GLN M 185 -13.61 -5.98 -48.06
N GLU M 186 -13.40 -6.39 -49.30
CA GLU M 186 -12.14 -6.10 -49.99
C GLU M 186 -12.42 -5.70 -51.43
N ARG M 187 -11.46 -4.96 -52.00
CA ARG M 187 -11.60 -4.37 -53.33
C ARG M 187 -10.27 -4.47 -54.10
N MET M 188 -9.60 -5.62 -54.03
CA MET M 188 -8.24 -5.73 -54.54
C MET M 188 -8.17 -6.27 -55.97
N LYS M 189 -9.29 -6.31 -56.68
CA LYS M 189 -9.29 -6.87 -58.03
C LYS M 189 -9.74 -5.82 -59.06
N PRO M 190 -9.17 -5.85 -60.27
CA PRO M 190 -9.61 -4.89 -61.30
C PRO M 190 -11.10 -4.95 -61.60
N SER M 191 -11.82 -5.92 -61.05
CA SER M 191 -13.25 -6.09 -61.25
C SER M 191 -14.04 -4.80 -61.10
N PHE M 192 -13.59 -3.89 -60.24
CA PHE M 192 -14.39 -2.74 -59.84
C PHE M 192 -13.96 -1.49 -60.58
N THR M 193 -14.77 -0.43 -60.46
CA THR M 193 -14.48 0.83 -61.12
C THR M 193 -13.54 1.72 -60.32
N SER M 194 -13.15 1.32 -59.11
CA SER M 194 -12.14 2.08 -58.38
C SER M 194 -10.80 2.01 -59.11
N MET M 195 -10.42 0.82 -59.57
CA MET M 195 -9.21 0.66 -60.36
C MET M 195 -9.38 1.19 -61.78
N THR M 196 -10.62 1.34 -62.25
CA THR M 196 -10.87 1.92 -63.56
C THR M 196 -10.70 3.43 -63.54
N LYS M 197 -11.42 4.10 -62.64
CA LYS M 197 -11.42 5.55 -62.55
C LYS M 197 -10.18 6.10 -61.86
N GLU M 198 -9.42 5.26 -61.16
CA GLU M 198 -8.31 5.71 -60.33
C GLU M 198 -7.09 4.83 -60.60
N ASP M 199 -5.96 5.24 -60.03
CA ASP M 199 -4.70 4.54 -60.21
C ASP M 199 -4.65 3.32 -59.29
N ASP M 200 -5.36 2.27 -59.72
CA ASP M 200 -5.26 0.96 -59.08
C ASP M 200 -5.54 1.04 -57.59
N GLU M 201 -6.56 1.80 -57.20
CA GLU M 201 -6.87 1.97 -55.78
C GLU M 201 -7.68 0.78 -55.30
N GLN M 202 -7.06 -0.05 -54.48
CA GLN M 202 -7.76 -1.12 -53.77
C GLN M 202 -8.31 -0.58 -52.45
N VAL M 203 -9.39 -1.20 -51.98
CA VAL M 203 -10.06 -0.77 -50.76
C VAL M 203 -10.32 -2.00 -49.89
N PHE M 204 -9.99 -1.88 -48.61
CA PHE M 204 -10.18 -2.94 -47.64
C PHE M 204 -11.14 -2.44 -46.57
N MET M 205 -12.11 -3.26 -46.22
CA MET M 205 -13.23 -2.81 -45.41
C MET M 205 -13.71 -3.94 -44.50
N ALA M 206 -14.36 -3.54 -43.42
CA ALA M 206 -15.07 -4.45 -42.52
C ALA M 206 -16.47 -3.91 -42.31
N ASP M 207 -17.45 -4.81 -42.19
CA ASP M 207 -18.86 -4.44 -42.10
C ASP M 207 -19.46 -4.95 -40.79
N GLU M 208 -20.33 -4.14 -40.20
CA GLU M 208 -21.06 -4.52 -39.00
C GLU M 208 -22.52 -4.13 -39.17
N TYR M 209 -23.40 -4.84 -38.46
CA TYR M 209 -24.84 -4.63 -38.56
C TYR M 209 -25.48 -4.56 -37.18
N ARG M 210 -24.70 -4.16 -36.18
CA ARG M 210 -25.13 -4.19 -34.79
C ARG M 210 -25.65 -2.83 -34.35
N TYR M 211 -25.95 -2.71 -33.06
CA TYR M 211 -26.29 -1.44 -32.43
C TYR M 211 -26.47 -1.68 -30.94
N GLY M 212 -26.25 -0.62 -30.16
CA GLY M 212 -26.41 -0.72 -28.72
C GLY M 212 -27.87 -0.68 -28.32
N VAL M 213 -28.10 -0.98 -27.03
CA VAL M 213 -29.44 -1.05 -26.46
C VAL M 213 -29.44 -0.34 -25.12
N ARG M 214 -30.62 0.13 -24.72
CA ARG M 214 -30.85 0.75 -23.42
C ARG M 214 -31.78 -0.19 -22.65
N SER M 215 -31.19 -1.15 -21.93
CA SER M 215 -31.98 -2.20 -21.30
C SER M 215 -33.01 -1.62 -20.34
N ARG M 216 -32.56 -0.95 -19.29
CA ARG M 216 -33.46 -0.42 -18.28
C ARG M 216 -32.82 0.80 -17.64
N CYS M 217 -33.56 1.91 -17.62
CA CYS M 217 -33.06 3.15 -17.03
C CYS M 217 -33.36 3.25 -15.55
N ASN M 218 -34.06 2.28 -14.97
CA ASN M 218 -34.33 2.23 -13.54
C ASN M 218 -33.33 1.37 -12.78
N VAL M 219 -32.28 0.90 -13.46
CA VAL M 219 -31.29 0.01 -12.85
C VAL M 219 -29.90 0.56 -13.10
N GLY M 220 -29.82 1.86 -13.40
CA GLY M 220 -28.54 2.52 -13.61
C GLY M 220 -28.62 3.94 -13.11
N PHE M 221 -27.46 4.55 -12.92
CA PHE M 221 -27.41 5.90 -12.37
C PHE M 221 -26.16 6.59 -12.93
N GLY M 222 -26.20 7.91 -13.05
CA GLY M 222 -25.02 8.63 -13.46
C GLY M 222 -24.87 10.00 -12.83
N PHE M 223 -24.07 10.88 -13.45
CA PHE M 223 -23.90 12.26 -12.98
C PHE M 223 -23.26 12.30 -11.59
N TRP M 224 -21.98 11.89 -11.56
CA TRP M 224 -21.28 11.69 -10.30
C TRP M 224 -20.35 12.87 -10.02
N GLN M 225 -20.37 13.36 -8.78
CA GLN M 225 -19.35 14.26 -8.28
C GLN M 225 -18.34 13.45 -7.46
N LEU M 226 -17.69 12.53 -8.15
CA LEU M 226 -16.91 11.49 -7.49
C LEU M 226 -15.71 12.06 -6.75
N ALA M 227 -15.45 11.51 -5.57
CA ALA M 227 -14.31 11.87 -4.74
C ALA M 227 -14.31 10.95 -3.53
N ALA M 228 -13.16 10.87 -2.87
CA ALA M 228 -12.99 9.96 -1.73
C ALA M 228 -12.21 10.64 -0.62
N MET M 229 -12.57 11.88 -0.30
CA MET M 229 -11.88 12.63 0.75
C MET M 229 -12.22 12.10 2.14
N SER M 230 -13.49 12.17 2.52
CA SER M 230 -13.95 11.82 3.86
C SER M 230 -14.66 10.48 3.85
N THR M 231 -14.66 9.83 5.02
CA THR M 231 -15.25 8.50 5.17
C THR M 231 -16.57 8.39 4.42
N GLU M 232 -17.52 9.25 4.76
CA GLU M 232 -18.82 9.27 4.09
C GLU M 232 -19.11 10.61 3.44
N GLU M 233 -18.94 11.72 4.17
CA GLU M 233 -19.44 13.01 3.70
C GLU M 233 -19.02 13.34 2.27
N LEU M 234 -17.98 12.66 1.75
CA LEU M 234 -17.63 12.76 0.35
C LEU M 234 -17.69 11.44 -0.40
N ASN M 235 -17.71 10.30 0.31
CA ASN M 235 -17.81 9.01 -0.36
C ASN M 235 -19.26 8.65 -0.65
N GLN M 236 -20.13 8.80 0.34
CA GLN M 236 -21.55 8.56 0.10
C GLN M 236 -22.18 9.65 -0.76
N VAL M 237 -21.43 10.72 -1.06
CA VAL M 237 -21.96 11.77 -1.93
C VAL M 237 -22.50 11.15 -3.21
N ASN M 238 -21.76 10.23 -3.81
CA ASN M 238 -22.20 9.54 -5.01
C ASN M 238 -22.28 8.04 -4.86
N PHE M 239 -21.24 7.40 -4.33
CA PHE M 239 -21.24 5.94 -4.29
C PHE M 239 -22.42 5.42 -3.49
N GLU M 240 -22.63 5.94 -2.28
CA GLU M 240 -23.75 5.47 -1.48
C GLU M 240 -25.10 6.00 -1.95
N LYS M 241 -25.15 7.18 -2.59
CA LYS M 241 -26.42 7.63 -3.12
C LYS M 241 -26.87 6.67 -4.23
N VAL M 242 -25.96 6.27 -5.12
CA VAL M 242 -26.33 5.28 -6.12
C VAL M 242 -26.72 3.98 -5.42
N TYR M 243 -25.91 3.56 -4.43
CA TYR M 243 -26.14 2.25 -3.82
C TYR M 243 -27.53 2.18 -3.20
N ASP M 244 -27.87 3.16 -2.35
CA ASP M 244 -29.14 3.11 -1.65
C ASP M 244 -30.30 3.40 -2.59
N ALA M 245 -30.13 4.30 -3.56
CA ALA M 245 -31.19 4.53 -4.53
C ALA M 245 -31.57 3.23 -5.22
N MET M 246 -30.58 2.52 -5.78
CA MET M 246 -30.88 1.26 -6.43
C MET M 246 -31.47 0.26 -5.44
N ARG M 247 -30.94 0.21 -4.22
CA ARG M 247 -31.48 -0.69 -3.22
C ARG M 247 -32.96 -0.43 -2.96
N ASN M 248 -33.41 0.81 -3.17
CA ASN M 248 -34.80 1.17 -2.90
C ASN M 248 -35.55 1.69 -4.12
N GLN M 249 -35.08 1.41 -5.34
CA GLN M 249 -35.86 1.74 -6.51
C GLN M 249 -37.17 0.96 -6.51
N LYS M 250 -38.27 1.68 -6.75
CA LYS M 250 -39.60 1.09 -6.75
C LYS M 250 -40.09 0.86 -8.17
N ALA M 251 -40.93 -0.15 -8.33
CA ALA M 251 -41.51 -0.52 -9.60
C ALA M 251 -43.03 -0.33 -9.54
N ASP M 252 -43.71 -0.76 -10.60
CA ASP M 252 -45.16 -0.75 -10.58
C ASP M 252 -45.65 -1.61 -9.41
N GLY M 253 -46.54 -1.05 -8.60
CA GLY M 253 -46.97 -1.70 -7.38
C GLY M 253 -46.21 -1.31 -6.13
N GLY M 254 -45.41 -0.24 -6.17
CA GLY M 254 -44.80 0.27 -4.96
C GLY M 254 -43.97 -0.76 -4.21
N ARG M 255 -43.17 -1.53 -4.93
CA ARG M 255 -42.32 -2.54 -4.32
C ARG M 255 -40.88 -2.35 -4.76
N PRO M 256 -39.92 -2.71 -3.93
CA PRO M 256 -38.51 -2.52 -4.32
C PRO M 256 -38.13 -3.45 -5.46
N LEU M 257 -37.20 -2.97 -6.28
CA LEU M 257 -36.69 -3.76 -7.40
C LEU M 257 -35.65 -4.78 -6.96
N ASP M 258 -35.21 -4.74 -5.70
CA ASP M 258 -34.20 -5.67 -5.18
C ASP M 258 -32.93 -5.63 -6.02
N ILE M 259 -32.50 -4.41 -6.35
CA ILE M 259 -31.28 -4.22 -7.13
C ILE M 259 -30.07 -4.48 -6.25
N ARG M 260 -29.02 -5.02 -6.85
CA ARG M 260 -27.78 -5.38 -6.16
C ARG M 260 -26.61 -4.76 -6.90
N PRO M 261 -26.39 -3.46 -6.74
CA PRO M 261 -25.29 -2.80 -7.46
C PRO M 261 -23.95 -3.39 -7.08
N ASN M 262 -23.26 -3.97 -8.06
CA ASN M 262 -21.94 -4.54 -7.83
C ASN M 262 -20.96 -4.23 -8.95
N LEU M 263 -21.36 -3.43 -9.94
CA LEU M 263 -20.48 -3.01 -11.02
C LEU M 263 -20.32 -1.50 -10.99
N LEU M 264 -19.09 -1.03 -11.19
CA LEU M 264 -18.78 0.40 -11.27
C LEU M 264 -17.88 0.61 -12.47
N VAL M 265 -18.37 1.36 -13.46
CA VAL M 265 -17.61 1.68 -14.66
C VAL M 265 -17.30 3.17 -14.63
N VAL M 266 -16.02 3.51 -14.71
CA VAL M 266 -15.57 4.89 -14.67
C VAL M 266 -14.47 5.08 -15.71
N PRO M 267 -14.24 6.32 -16.13
CA PRO M 267 -13.12 6.59 -17.04
C PRO M 267 -11.80 6.29 -16.37
N THR M 268 -10.73 6.40 -17.16
CA THR M 268 -9.40 6.11 -16.64
C THR M 268 -9.00 7.07 -15.53
N THR M 269 -9.36 8.34 -15.68
CA THR M 269 -8.97 9.33 -14.67
C THR M 269 -9.51 9.00 -13.29
N LEU M 270 -10.66 8.34 -13.21
CA LEU M 270 -11.31 8.05 -11.95
C LEU M 270 -10.99 6.66 -11.41
N ARG M 271 -10.10 5.91 -12.07
CA ARG M 271 -9.79 4.56 -11.61
C ARG M 271 -9.11 4.57 -10.24
N SER M 272 -8.21 5.52 -10.00
CA SER M 272 -7.56 5.59 -8.69
C SER M 272 -8.58 5.84 -7.59
N LYS M 273 -9.49 6.78 -7.81
CA LYS M 273 -10.51 7.08 -6.81
C LYS M 273 -11.44 5.89 -6.62
N ALA M 274 -11.80 5.21 -7.70
CA ALA M 274 -12.67 4.04 -7.58
C ALA M 274 -11.99 2.94 -6.78
N LYS M 275 -10.70 2.70 -7.03
CA LYS M 275 -9.97 1.71 -6.26
C LYS M 275 -9.88 2.10 -4.79
N GLU M 276 -9.66 3.38 -4.51
CA GLU M 276 -9.65 3.84 -3.13
C GLU M 276 -10.99 3.59 -2.46
N VAL M 277 -12.08 3.89 -3.17
CA VAL M 277 -13.41 3.68 -2.60
C VAL M 277 -13.65 2.21 -2.33
N VAL M 278 -13.26 1.34 -3.26
CA VAL M 278 -13.43 -0.10 -3.12
C VAL M 278 -12.04 -0.73 -3.23
N GLY M 279 -11.47 -1.12 -2.09
CA GLY M 279 -10.18 -1.79 -2.09
C GLY M 279 -9.29 -1.40 -0.93
N VAL M 280 -9.64 -0.34 -0.21
CA VAL M 280 -8.84 0.15 0.91
C VAL M 280 -9.75 0.35 2.12
N GLN M 281 -9.28 -0.08 3.28
CA GLN M 281 -10.07 0.05 4.50
C GLN M 281 -10.33 1.52 4.84
N ARG M 282 -9.31 2.36 4.70
CA ARG M 282 -9.44 3.79 4.90
C ARG M 282 -9.55 4.47 3.54
N LEU M 283 -10.17 5.66 3.53
CA LEU M 283 -10.53 6.30 2.25
C LEU M 283 -9.46 7.28 1.79
N ALA M 284 -9.27 8.38 2.52
CA ALA M 284 -8.19 9.31 2.20
C ALA M 284 -7.54 9.94 3.42
N ASN M 285 -8.01 9.66 4.63
CA ASN M 285 -7.48 10.29 5.84
C ASN M 285 -7.19 9.26 6.93
N GLY M 286 -7.10 7.99 6.57
CA GLY M 286 -6.94 6.96 7.58
C GLY M 286 -8.11 6.89 8.54
N ALA M 287 -9.31 7.21 8.08
CA ALA M 287 -10.49 7.26 8.94
C ALA M 287 -11.35 6.00 8.82
N ASP M 288 -11.86 5.71 7.62
CA ASP M 288 -12.74 4.57 7.38
C ASP M 288 -13.12 4.57 5.90
N ASN M 289 -13.76 3.47 5.49
CA ASN M 289 -14.26 3.32 4.12
C ASN M 289 -15.39 2.30 4.16
N PRO M 290 -16.65 2.76 4.20
CA PRO M 290 -17.78 1.82 4.29
C PRO M 290 -17.99 0.97 3.05
N ASN M 291 -17.34 1.30 1.93
CA ASN M 291 -17.60 0.64 0.65
C ASN M 291 -16.53 -0.38 0.29
N PHE M 292 -15.69 -0.79 1.24
CA PHE M 292 -14.66 -1.77 0.94
C PHE M 292 -15.27 -3.07 0.45
N GLU M 293 -14.72 -3.61 -0.64
CA GLU M 293 -15.17 -4.88 -1.21
C GLU M 293 -16.67 -4.86 -1.44
N LEU M 294 -17.18 -3.74 -1.95
CA LEU M 294 -18.60 -3.56 -2.18
C LEU M 294 -18.97 -3.65 -3.65
N VAL M 295 -18.32 -2.87 -4.51
CA VAL M 295 -18.51 -2.93 -5.95
C VAL M 295 -17.15 -3.04 -6.61
N GLN M 296 -17.00 -3.99 -7.53
CA GLN M 296 -15.74 -4.19 -8.23
C GLN M 296 -15.70 -3.26 -9.44
N VAL M 297 -14.66 -2.44 -9.53
CA VAL M 297 -14.51 -1.45 -10.60
C VAL M 297 -13.69 -2.07 -11.73
N LEU M 298 -13.95 -1.59 -12.94
CA LEU M 298 -13.24 -2.04 -14.13
C LEU M 298 -12.75 -0.83 -14.92
N ASP M 299 -11.58 -0.97 -15.54
CA ASP M 299 -11.01 0.12 -16.32
C ASP M 299 -11.79 0.33 -17.61
N THR M 300 -11.77 1.55 -18.10
CA THR M 300 -12.34 1.87 -19.40
C THR M 300 -11.85 3.23 -19.84
N ALA M 301 -11.54 3.36 -21.13
CA ALA M 301 -11.13 4.62 -21.71
C ALA M 301 -12.00 5.04 -22.89
N TRP M 302 -12.95 4.21 -23.32
CA TRP M 302 -13.82 4.56 -24.43
C TRP M 302 -14.72 5.75 -24.10
N LEU M 303 -14.94 6.04 -22.82
CA LEU M 303 -15.77 7.15 -22.40
C LEU M 303 -14.89 8.22 -21.76
N ASN M 304 -15.06 9.47 -22.21
CA ASN M 304 -14.30 10.60 -21.70
C ASN M 304 -12.79 10.36 -21.82
N GLU N 53 3.34 19.32 -62.35
CA GLU N 53 2.04 18.70 -62.59
C GLU N 53 1.30 18.48 -61.28
N VAL N 54 0.04 18.04 -61.39
CA VAL N 54 -0.78 17.70 -60.24
C VAL N 54 -0.94 16.19 -60.21
N GLU N 55 -0.55 15.57 -59.08
CA GLU N 55 -0.59 14.12 -59.00
C GLU N 55 -2.02 13.59 -59.13
N GLY N 56 -2.97 14.26 -58.47
CA GLY N 56 -4.36 13.85 -58.56
C GLY N 56 -5.30 14.87 -57.93
N VAL N 57 -6.55 14.90 -58.41
CA VAL N 57 -7.53 15.84 -57.91
C VAL N 57 -8.69 15.13 -57.21
N PHE N 58 -9.08 13.96 -57.68
CA PHE N 58 -10.08 13.13 -56.98
C PHE N 58 -11.34 13.94 -56.69
N VAL N 59 -11.78 14.71 -57.68
CA VAL N 59 -12.85 15.69 -57.45
C VAL N 59 -14.21 15.03 -57.61
N ARG N 60 -14.52 14.55 -58.81
CA ARG N 60 -15.84 13.99 -59.10
C ARG N 60 -16.93 14.93 -58.58
N ALA N 61 -16.65 16.22 -58.56
CA ALA N 61 -17.55 17.22 -57.99
C ALA N 61 -17.89 16.88 -56.53
N THR N 62 -16.89 16.41 -55.79
CA THR N 62 -17.08 16.12 -54.37
C THR N 62 -15.73 16.16 -53.66
N VAL N 63 -15.66 16.94 -52.58
CA VAL N 63 -14.49 16.94 -51.70
C VAL N 63 -14.64 15.80 -50.70
N GLU N 64 -13.56 15.50 -49.98
CA GLU N 64 -13.65 14.49 -48.94
C GLU N 64 -14.38 15.04 -47.71
N ARG N 65 -13.79 16.05 -47.06
CA ARG N 65 -14.41 16.70 -45.90
C ARG N 65 -13.83 18.10 -45.80
N ARG N 66 -14.58 19.09 -46.28
CA ARG N 66 -14.20 20.49 -46.17
C ARG N 66 -14.93 21.08 -44.97
N CYS N 67 -14.25 21.13 -43.83
CA CYS N 67 -14.85 21.54 -42.57
C CYS N 67 -14.43 22.97 -42.26
N ARG N 68 -15.41 23.86 -42.13
CA ARG N 68 -15.17 25.27 -41.86
C ARG N 68 -16.21 25.78 -40.89
N ALA N 69 -15.81 26.77 -40.08
CA ALA N 69 -16.71 27.44 -39.14
C ALA N 69 -17.36 26.44 -38.17
N GLY N 70 -16.65 25.37 -37.84
CA GLY N 70 -17.14 24.38 -36.91
C GLY N 70 -18.08 23.35 -37.49
N PHE N 71 -18.41 23.44 -38.77
CA PHE N 71 -19.29 22.49 -39.43
C PHE N 71 -18.55 21.84 -40.59
N CYS N 72 -18.70 20.52 -40.74
CA CYS N 72 -18.05 19.76 -41.78
C CYS N 72 -19.04 19.50 -42.91
N PHE N 73 -18.68 19.89 -44.13
CA PHE N 73 -19.53 19.76 -45.30
C PHE N 73 -18.84 18.87 -46.33
N ASP N 74 -19.49 18.72 -47.50
CA ASP N 74 -18.99 17.89 -48.59
C ASP N 74 -19.33 18.58 -49.91
N LYS N 75 -18.39 19.36 -50.43
CA LYS N 75 -18.58 20.03 -51.72
C LYS N 75 -17.29 20.78 -52.06
N GLU N 76 -17.26 21.35 -53.27
CA GLU N 76 -16.18 22.15 -53.83
C GLU N 76 -15.03 21.31 -54.38
N GLY N 77 -15.05 19.99 -54.23
CA GLY N 77 -14.04 19.14 -54.81
C GLY N 77 -12.62 19.63 -54.62
N GLN N 78 -12.16 19.67 -53.38
CA GLN N 78 -10.82 20.14 -53.03
C GLN N 78 -9.87 19.00 -52.70
N GLY N 79 -9.96 17.88 -53.41
CA GLY N 79 -9.14 16.73 -53.14
C GLY N 79 -7.78 16.82 -53.83
N PHE N 80 -6.72 16.67 -53.05
CA PHE N 80 -5.35 16.66 -53.54
C PHE N 80 -4.63 15.43 -53.03
N ALA N 81 -3.56 15.04 -53.73
CA ALA N 81 -2.68 13.96 -53.28
C ALA N 81 -1.23 14.41 -53.52
N ASP N 82 -0.65 15.06 -52.52
CA ASP N 82 0.72 15.51 -52.58
C ASP N 82 1.12 16.03 -51.21
N GLY N 83 2.42 16.03 -50.95
CA GLY N 83 2.95 16.52 -49.69
C GLY N 83 3.58 17.89 -49.82
N VAL N 84 3.01 18.73 -50.69
CA VAL N 84 3.57 20.06 -50.89
C VAL N 84 3.50 20.88 -49.61
N LEU N 85 2.36 20.83 -48.93
CA LEU N 85 2.18 21.61 -47.70
C LEU N 85 0.91 21.16 -47.02
N SER N 86 0.82 21.48 -45.71
CA SER N 86 -0.38 21.21 -44.91
C SER N 86 -0.76 19.74 -44.94
N ASP N 87 0.24 18.86 -44.90
CA ASP N 87 -0.04 17.43 -44.89
C ASP N 87 -0.87 17.04 -43.67
N GLU N 88 -0.53 17.60 -42.51
CA GLU N 88 -1.31 17.32 -41.30
C GLU N 88 -2.76 17.77 -41.48
N GLN N 89 -2.97 18.96 -42.01
CA GLN N 89 -4.32 19.42 -42.35
C GLN N 89 -4.85 18.75 -43.61
N LEU N 90 -3.97 18.25 -44.48
CA LEU N 90 -4.43 17.51 -45.64
C LEU N 90 -5.07 16.19 -45.22
N GLU N 91 -4.61 15.60 -44.10
CA GLU N 91 -5.28 14.43 -43.57
C GLU N 91 -6.72 14.72 -43.20
N ALA N 92 -6.96 15.87 -42.55
CA ALA N 92 -8.31 16.22 -42.14
C ALA N 92 -9.17 16.58 -43.35
N LEU N 93 -8.65 17.41 -44.25
CA LEU N 93 -9.41 17.78 -45.44
C LEU N 93 -9.74 16.56 -46.29
N GLU N 94 -8.76 15.70 -46.51
CA GLU N 94 -8.93 14.47 -47.27
C GLU N 94 -9.36 13.36 -46.32
N SER N 95 -9.29 12.12 -46.78
CA SER N 95 -9.55 10.92 -45.99
C SER N 95 -11.04 10.67 -45.79
N ASP N 96 -11.89 11.16 -46.67
CA ASP N 96 -13.32 10.92 -46.55
C ASP N 96 -14.04 11.13 -47.88
N PRO N 97 -13.69 10.39 -48.93
CA PRO N 97 -14.45 10.49 -50.19
C PRO N 97 -15.73 9.65 -50.14
N LEU N 98 -16.78 10.24 -49.56
CA LEU N 98 -18.03 9.51 -49.38
C LEU N 98 -18.56 9.00 -50.71
N LEU N 99 -18.58 9.86 -51.72
CA LEU N 99 -19.07 9.48 -53.04
C LEU N 99 -17.95 8.87 -53.86
N LYS N 100 -18.25 8.54 -55.11
CA LYS N 100 -17.23 8.03 -56.03
C LYS N 100 -16.09 9.03 -56.15
N VAL N 101 -14.95 8.54 -56.62
CA VAL N 101 -13.76 9.35 -56.84
C VAL N 101 -13.40 9.27 -58.31
N GLU N 102 -13.18 10.44 -58.93
CA GLU N 102 -12.67 10.53 -60.29
C GLU N 102 -11.42 11.41 -60.26
N ARG N 103 -10.31 10.86 -60.73
CA ARG N 103 -9.03 11.56 -60.73
C ARG N 103 -8.74 12.06 -62.14
N CYS N 104 -8.65 13.38 -62.28
CA CYS N 104 -8.34 14.05 -63.54
C CYS N 104 -7.29 15.12 -63.24
N THR N 105 -6.02 14.78 -63.44
CA THR N 105 -4.94 15.70 -63.11
C THR N 105 -5.05 16.97 -63.95
N PHE N 106 -4.83 18.11 -63.30
CA PHE N 106 -4.85 19.41 -63.96
C PHE N 106 -3.49 19.81 -64.52
N SER N 107 -2.45 19.01 -64.28
CA SER N 107 -1.11 19.32 -64.78
C SER N 107 -0.65 20.70 -64.32
N GLY N 108 -0.95 21.04 -63.08
CA GLY N 108 -0.58 22.33 -62.52
C GLY N 108 0.84 22.35 -62.00
#